data_8K6S
#
_entry.id   8K6S
#
_cell.length_a   77.834
_cell.length_b   81.050
_cell.length_c   81.098
_cell.angle_alpha   70.46
_cell.angle_beta   76.23
_cell.angle_gamma   65.48
#
_symmetry.space_group_name_H-M   'P 1'
#
loop_
_entity.id
_entity.type
_entity.pdbx_description
1 polymer 'Cyanate hydratase'
2 non-polymer 'SULFATE ION'
3 non-polymer 'CARBONATE ION'
4 water water
#
_entity_poly.entity_id   1
_entity_poly.type   'polypeptide(L)'
_entity_poly.pdbx_seq_one_letter_code
;GSHMMIQSQINRNIRLDLADAILLSKAKKDLSFAEIADGTGLAEAFVTAALLGQQALPADAARLVGAKLDLDEDSILLLQ
MIPLRGCIDDRIPTDPTMYRFYEMLQVYGTTLKALVHEKFGDGIISAINFKLDVKKVADPEGGERAVITLDGKYLPTKPF
;
_entity_poly.pdbx_strand_id   A,B,C,D,E,F,G,H,I,J
#
loop_
_chem_comp.id
_chem_comp.type
_chem_comp.name
_chem_comp.formula
CO3 non-polymer 'CARBONATE ION' 'C O3 -2'
SO4 non-polymer 'SULFATE ION' 'O4 S -2'
#
# COMPACT_ATOMS: atom_id res chain seq x y z
N MET A 5 -6.95 -28.97 19.13
CA MET A 5 -8.28 -29.45 19.48
C MET A 5 -9.29 -28.30 19.43
N ILE A 6 -9.53 -27.62 20.57
CA ILE A 6 -10.45 -26.49 20.57
C ILE A 6 -9.76 -25.17 20.88
N GLN A 7 -8.46 -25.18 21.17
CA GLN A 7 -7.75 -23.94 21.51
C GLN A 7 -7.09 -23.36 20.26
N SER A 8 -7.13 -22.03 20.12
CA SER A 8 -6.56 -21.42 18.92
C SER A 8 -5.86 -20.10 19.27
N GLN A 9 -4.99 -19.68 18.35
CA GLN A 9 -4.17 -18.47 18.47
C GLN A 9 -4.76 -17.33 17.64
N ILE A 10 -4.42 -16.08 18.03
CA ILE A 10 -4.84 -14.91 17.25
C ILE A 10 -3.67 -14.00 16.89
N ASN A 11 -2.49 -14.25 17.44
CA ASN A 11 -1.31 -13.43 17.17
C ASN A 11 -0.20 -14.35 16.66
N ARG A 12 0.10 -14.28 15.36
CA ARG A 12 1.06 -15.21 14.77
C ARG A 12 2.47 -15.06 15.36
N ASN A 13 2.77 -13.93 16.02
CA ASN A 13 4.13 -13.71 16.49
C ASN A 13 4.54 -14.72 17.56
N ILE A 14 3.58 -15.24 18.33
CA ILE A 14 3.92 -16.20 19.37
C ILE A 14 4.46 -17.48 18.77
N ARG A 15 3.72 -18.07 17.82
CA ARG A 15 4.21 -19.29 17.19
C ARG A 15 5.39 -19.01 16.27
N LEU A 16 5.47 -17.81 15.68
CA LEU A 16 6.62 -17.55 14.83
C LEU A 16 7.88 -17.32 15.65
N ASP A 17 7.75 -16.75 16.86
CA ASP A 17 8.91 -16.66 17.74
C ASP A 17 9.35 -18.05 18.18
N LEU A 18 8.40 -18.93 18.49
CA LEU A 18 8.74 -20.31 18.80
C LEU A 18 9.44 -20.97 17.63
N ALA A 19 9.01 -20.67 16.40
CA ALA A 19 9.68 -21.25 15.23
C ALA A 19 11.15 -20.88 15.21
N ASP A 20 11.46 -19.62 15.52
CA ASP A 20 12.87 -19.19 15.52
C ASP A 20 13.66 -19.98 16.55
N ALA A 21 13.08 -20.21 17.73
CA ALA A 21 13.78 -20.98 18.75
C ALA A 21 13.99 -22.42 18.31
N ILE A 22 12.98 -23.00 17.65
CA ILE A 22 13.08 -24.36 17.14
C ILE A 22 14.21 -24.46 16.12
N LEU A 23 14.28 -23.50 15.20
CA LEU A 23 15.32 -23.53 14.18
C LEU A 23 16.71 -23.45 14.79
N LEU A 24 16.88 -22.64 15.84
CA LEU A 24 18.18 -22.53 16.49
C LEU A 24 18.56 -23.85 17.16
N SER A 25 17.64 -24.43 17.93
CA SER A 25 17.88 -25.74 18.52
C SER A 25 18.16 -26.78 17.44
N LYS A 26 17.39 -26.77 16.35
CA LYS A 26 17.57 -27.73 15.26
C LYS A 26 18.97 -27.63 14.66
N ALA A 27 19.46 -26.41 14.44
CA ALA A 27 20.79 -26.25 13.87
C ALA A 27 21.88 -26.67 14.84
N LYS A 28 21.71 -26.34 16.13
CA LYS A 28 22.69 -26.75 17.14
C LYS A 28 22.81 -28.28 17.21
N LYS A 29 21.70 -28.99 16.96
CA LYS A 29 21.67 -30.44 17.04
C LYS A 29 21.91 -31.11 15.70
N ASP A 30 22.13 -30.33 14.65
CA ASP A 30 22.45 -30.87 13.33
C ASP A 30 21.34 -31.80 12.82
N LEU A 31 20.09 -31.40 13.06
CA LEU A 31 18.94 -32.22 12.69
C LEU A 31 18.31 -31.72 11.40
N SER A 32 17.74 -32.65 10.65
CA SER A 32 16.96 -32.32 9.47
C SER A 32 15.48 -32.38 9.80
N PHE A 33 14.67 -31.72 8.96
CA PHE A 33 13.23 -31.84 9.11
C PHE A 33 12.75 -33.27 8.88
N ALA A 34 13.36 -33.97 7.93
CA ALA A 34 13.04 -35.38 7.71
C ALA A 34 13.23 -36.20 8.98
N GLU A 35 14.37 -36.00 9.66
CA GLU A 35 14.60 -36.75 10.91
C GLU A 35 13.64 -36.35 12.01
N ILE A 36 13.32 -35.04 12.11
CA ILE A 36 12.40 -34.62 13.15
C ILE A 36 11.02 -35.26 12.95
N ALA A 37 10.58 -35.35 11.69
CA ALA A 37 9.28 -35.94 11.41
C ALA A 37 9.28 -37.46 11.51
N ASP A 38 10.46 -38.09 11.49
CA ASP A 38 10.53 -39.56 11.54
C ASP A 38 9.93 -40.08 12.85
N GLY A 39 9.04 -41.06 12.73
CA GLY A 39 8.37 -41.63 13.88
C GLY A 39 7.09 -40.94 14.29
N THR A 40 6.73 -39.81 13.66
CA THR A 40 5.47 -39.16 13.97
C THR A 40 4.30 -39.79 13.23
N GLY A 41 4.55 -40.56 12.18
CA GLY A 41 3.47 -41.01 11.34
C GLY A 41 2.90 -39.95 10.42
N LEU A 42 3.52 -38.76 10.39
CA LEU A 42 3.01 -37.63 9.64
C LEU A 42 4.02 -37.20 8.56
N ALA A 43 3.50 -36.67 7.47
CA ALA A 43 4.35 -36.29 6.35
C ALA A 43 5.27 -35.14 6.75
N GLU A 44 6.46 -35.12 6.14
CA GLU A 44 7.46 -34.11 6.51
C GLU A 44 6.98 -32.69 6.22
N ALA A 45 6.18 -32.50 5.16
CA ALA A 45 5.67 -31.15 4.91
C ALA A 45 4.69 -30.72 5.98
N PHE A 46 3.89 -31.65 6.52
CA PHE A 46 2.93 -31.26 7.54
C PHE A 46 3.64 -30.92 8.85
N VAL A 47 4.56 -31.79 9.29
CA VAL A 47 5.29 -31.54 10.55
C VAL A 47 6.13 -30.27 10.43
N THR A 48 6.85 -30.12 9.31
CA THR A 48 7.66 -28.91 9.13
C THR A 48 6.78 -27.66 9.23
N ALA A 49 5.63 -27.68 8.54
CA ALA A 49 4.70 -26.55 8.61
C ALA A 49 4.27 -26.25 10.03
N ALA A 50 4.02 -27.29 10.84
CA ALA A 50 3.68 -27.07 12.24
C ALA A 50 4.82 -26.41 12.99
N LEU A 51 6.05 -26.91 12.82
CA LEU A 51 7.18 -26.30 13.52
C LEU A 51 7.29 -24.82 13.16
N LEU A 52 7.01 -24.49 11.91
CA LEU A 52 7.10 -23.12 11.42
C LEU A 52 5.83 -22.30 11.65
N GLY A 53 4.92 -22.79 12.49
CA GLY A 53 3.77 -22.02 12.94
C GLY A 53 2.50 -22.13 12.11
N GLN A 54 2.39 -23.09 11.19
CA GLN A 54 1.34 -23.05 10.20
C GLN A 54 0.41 -24.25 10.24
N GLN A 55 0.63 -25.18 11.17
CA GLN A 55 -0.26 -26.31 11.43
C GLN A 55 -0.22 -26.60 12.92
N ALA A 56 -1.18 -27.40 13.37
CA ALA A 56 -1.23 -27.87 14.75
C ALA A 56 -0.79 -29.32 14.79
N LEU A 57 0.16 -29.63 15.68
CA LEU A 57 0.51 -31.05 15.83
C LEU A 57 -0.41 -31.75 16.83
N PRO A 58 -0.80 -32.98 16.52
CA PRO A 58 -1.44 -33.83 17.55
C PRO A 58 -0.48 -34.01 18.71
N ALA A 59 -1.05 -34.37 19.88
CA ALA A 59 -0.28 -34.35 21.12
C ALA A 59 0.95 -35.26 21.07
N ASP A 60 0.77 -36.51 20.61
CA ASP A 60 1.89 -37.45 20.58
C ASP A 60 3.02 -36.95 19.67
N ALA A 61 2.67 -36.36 18.53
CA ALA A 61 3.71 -35.86 17.64
C ALA A 61 4.41 -34.65 18.26
N ALA A 62 3.64 -33.75 18.89
CA ALA A 62 4.23 -32.61 19.58
C ALA A 62 5.22 -33.05 20.66
N ARG A 63 4.88 -34.10 21.40
CA ARG A 63 5.81 -34.54 22.44
C ARG A 63 7.05 -35.17 21.85
N LEU A 64 6.89 -35.94 20.77
CA LEU A 64 8.04 -36.55 20.08
C LEU A 64 9.00 -35.50 19.54
N VAL A 65 8.49 -34.52 18.79
CA VAL A 65 9.42 -33.54 18.24
C VAL A 65 9.96 -32.67 19.35
N GLY A 66 9.17 -32.48 20.41
CA GLY A 66 9.64 -31.70 21.54
C GLY A 66 10.83 -32.36 22.22
N ALA A 67 10.77 -33.69 22.37
CA ALA A 67 11.91 -34.40 22.95
C ALA A 67 13.14 -34.26 22.06
N LYS A 68 12.96 -34.44 20.74
CA LYS A 68 14.08 -34.33 19.81
C LYS A 68 14.75 -32.96 19.89
N LEU A 69 13.94 -31.92 20.07
CA LEU A 69 14.42 -30.55 20.01
C LEU A 69 14.65 -29.94 21.39
N ASP A 70 14.39 -30.69 22.46
CA ASP A 70 14.59 -30.23 23.84
C ASP A 70 13.76 -28.97 24.12
N LEU A 71 12.46 -29.04 23.78
CA LEU A 71 11.57 -27.92 23.99
C LEU A 71 10.95 -28.00 25.38
N ASP A 72 10.66 -26.82 25.96
CA ASP A 72 9.98 -26.79 27.25
C ASP A 72 8.49 -27.09 27.10
N GLU A 73 7.81 -27.19 28.24
CA GLU A 73 6.44 -27.67 28.22
C GLU A 73 5.49 -26.66 27.57
N ASP A 74 5.72 -25.36 27.81
CA ASP A 74 4.90 -24.34 27.16
C ASP A 74 5.02 -24.44 25.65
N SER A 75 6.23 -24.75 25.16
CA SER A 75 6.44 -24.85 23.71
C SER A 75 5.73 -26.08 23.13
N ILE A 76 5.76 -27.20 23.84
CA ILE A 76 5.07 -28.39 23.35
C ILE A 76 3.57 -28.15 23.31
N LEU A 77 3.03 -27.41 24.29
CA LEU A 77 1.63 -27.00 24.26
C LEU A 77 1.34 -26.10 23.08
N LEU A 78 2.20 -25.09 22.86
CA LEU A 78 1.97 -24.13 21.79
C LEU A 78 1.88 -24.83 20.43
N LEU A 79 2.73 -25.84 20.21
CA LEU A 79 2.72 -26.54 18.93
C LEU A 79 1.40 -27.25 18.66
N GLN A 80 0.62 -27.55 19.72
CA GLN A 80 -0.66 -28.22 19.57
C GLN A 80 -1.84 -27.27 19.34
N MET A 81 -1.65 -25.98 19.61
CA MET A 81 -2.71 -25.00 19.37
C MET A 81 -2.94 -24.76 17.88
N ILE A 82 -4.18 -24.47 17.54
CA ILE A 82 -4.50 -24.10 16.16
C ILE A 82 -3.91 -22.72 15.89
N PRO A 83 -3.12 -22.55 14.83
CA PRO A 83 -2.39 -21.30 14.61
C PRO A 83 -3.22 -20.22 13.95
N LEU A 84 -2.73 -18.99 14.08
CA LEU A 84 -3.11 -17.88 13.22
C LEU A 84 -2.15 -17.95 12.04
N ARG A 85 -2.63 -18.49 10.92
CA ARG A 85 -1.77 -18.85 9.80
C ARG A 85 -1.43 -17.65 8.92
N GLY A 86 -0.29 -17.76 8.24
CA GLY A 86 0.22 -16.69 7.38
C GLY A 86 1.71 -16.51 7.62
N CYS A 87 2.54 -17.12 6.75
CA CYS A 87 3.97 -17.18 7.02
C CYS A 87 4.73 -16.04 6.35
N ILE A 88 4.09 -15.32 5.43
CA ILE A 88 4.76 -14.28 4.68
C ILE A 88 4.71 -12.99 5.49
N ASP A 89 5.87 -12.37 5.67
CA ASP A 89 5.96 -11.19 6.51
C ASP A 89 5.01 -10.09 6.04
N ASP A 90 5.10 -9.70 4.74
CA ASP A 90 4.27 -8.60 4.23
C ASP A 90 3.79 -8.91 2.81
N ARG A 91 2.91 -9.91 2.70
CA ARG A 91 2.13 -10.23 1.51
C ARG A 91 2.92 -10.83 0.35
N ILE A 92 4.04 -10.23 -0.02
CA ILE A 92 4.87 -10.70 -1.13
C ILE A 92 6.23 -11.07 -0.57
N PRO A 93 6.73 -12.27 -0.82
CA PRO A 93 8.05 -12.64 -0.26
C PRO A 93 9.18 -11.81 -0.85
N THR A 94 10.16 -11.48 0.01
CA THR A 94 11.42 -10.94 -0.49
C THR A 94 12.44 -12.03 -0.80
N ASP A 95 12.36 -13.16 -0.12
CA ASP A 95 13.36 -14.19 -0.27
C ASP A 95 13.27 -14.84 -1.65
N PRO A 96 14.38 -14.96 -2.39
CA PRO A 96 14.30 -15.55 -3.73
C PRO A 96 13.68 -16.93 -3.77
N THR A 97 14.02 -17.81 -2.82
CA THR A 97 13.49 -19.17 -2.84
C THR A 97 11.97 -19.16 -2.71
N MET A 98 11.45 -18.37 -1.77
CA MET A 98 10.00 -18.28 -1.64
C MET A 98 9.39 -17.50 -2.81
N TYR A 99 10.10 -16.46 -3.30
CA TYR A 99 9.53 -15.62 -4.36
C TYR A 99 9.24 -16.43 -5.64
N ARG A 100 10.06 -17.43 -5.96
CA ARG A 100 9.80 -18.18 -7.20
C ARG A 100 8.41 -18.81 -7.18
N PHE A 101 7.92 -19.25 -6.01
CA PHE A 101 6.57 -19.79 -5.96
C PHE A 101 5.50 -18.71 -6.17
N TYR A 102 5.75 -17.48 -5.69
CA TYR A 102 4.86 -16.39 -6.03
C TYR A 102 4.93 -16.07 -7.52
N GLU A 103 6.11 -16.14 -8.10
CA GLU A 103 6.22 -15.85 -9.54
C GLU A 103 5.47 -16.87 -10.37
N MET A 104 5.45 -18.15 -9.96
CA MET A 104 4.63 -19.09 -10.73
C MET A 104 3.16 -18.71 -10.68
N LEU A 105 2.72 -18.04 -9.61
CA LEU A 105 1.34 -17.58 -9.62
C LEU A 105 1.17 -16.33 -10.50
N GLN A 106 2.17 -15.44 -10.58
CA GLN A 106 2.07 -14.30 -11.50
C GLN A 106 2.06 -14.76 -12.95
N VAL A 107 2.74 -15.85 -13.27
CA VAL A 107 2.80 -16.29 -14.67
C VAL A 107 1.64 -17.22 -15.00
N TYR A 108 1.32 -18.14 -14.08
CA TYR A 108 0.36 -19.20 -14.40
C TYR A 108 -0.96 -19.09 -13.64
N GLY A 109 -1.17 -18.04 -12.85
CA GLY A 109 -2.37 -18.01 -12.02
C GLY A 109 -3.65 -18.04 -12.82
N THR A 110 -3.73 -17.26 -13.92
CA THR A 110 -4.96 -17.28 -14.71
C THR A 110 -5.08 -18.57 -15.52
N THR A 111 -3.95 -19.20 -15.88
CA THR A 111 -3.99 -20.50 -16.55
C THR A 111 -4.52 -21.58 -15.61
N LEU A 112 -4.09 -21.55 -14.36
CA LEU A 112 -4.61 -22.49 -13.36
C LEU A 112 -6.11 -22.31 -13.21
N LYS A 113 -6.57 -21.05 -13.08
CA LYS A 113 -8.00 -20.82 -13.05
C LYS A 113 -8.69 -21.41 -14.29
N ALA A 114 -8.18 -21.06 -15.47
CA ALA A 114 -8.83 -21.50 -16.70
C ALA A 114 -8.89 -23.02 -16.81
N LEU A 115 -7.79 -23.70 -16.51
CA LEU A 115 -7.78 -25.16 -16.64
C LEU A 115 -8.57 -25.84 -15.53
N VAL A 116 -8.58 -25.28 -14.32
CA VAL A 116 -9.47 -25.83 -13.29
C VAL A 116 -10.92 -25.74 -13.74
N HIS A 117 -11.34 -24.60 -14.31
CA HIS A 117 -12.73 -24.50 -14.72
C HIS A 117 -13.03 -25.41 -15.91
N GLU A 118 -12.04 -25.65 -16.77
CA GLU A 118 -12.27 -26.52 -17.92
C GLU A 118 -12.38 -27.99 -17.50
N LYS A 119 -11.51 -28.44 -16.59
CA LYS A 119 -11.47 -29.84 -16.24
C LYS A 119 -12.48 -30.22 -15.16
N PHE A 120 -12.81 -29.27 -14.27
CA PHE A 120 -13.65 -29.55 -13.11
C PHE A 120 -14.97 -28.79 -13.13
N GLY A 121 -14.95 -27.50 -13.47
CA GLY A 121 -16.12 -26.65 -13.47
C GLY A 121 -15.89 -25.44 -12.59
N ASP A 122 -16.95 -24.67 -12.40
CA ASP A 122 -16.88 -23.52 -11.49
C ASP A 122 -16.58 -24.01 -10.07
N GLY A 123 -15.81 -23.22 -9.32
CA GLY A 123 -15.41 -23.63 -7.98
C GLY A 123 -13.92 -23.48 -7.77
N ILE A 124 -13.37 -24.26 -6.84
CA ILE A 124 -11.98 -24.07 -6.41
C ILE A 124 -11.31 -25.43 -6.26
N ILE A 125 -9.99 -25.40 -6.33
CA ILE A 125 -9.15 -26.45 -5.77
C ILE A 125 -8.80 -26.03 -4.35
N SER A 126 -9.10 -26.89 -3.40
CA SER A 126 -8.98 -26.58 -1.98
C SER A 126 -7.53 -26.45 -1.53
N ALA A 127 -7.28 -25.46 -0.68
CA ALA A 127 -6.05 -25.34 0.08
C ALA A 127 -6.18 -25.93 1.47
N ILE A 128 -7.33 -26.52 1.79
CA ILE A 128 -7.62 -27.05 3.11
C ILE A 128 -7.68 -28.57 3.08
N ASN A 129 -8.52 -29.13 2.24
CA ASN A 129 -8.48 -30.57 1.95
C ASN A 129 -7.40 -30.72 0.91
N PHE A 130 -6.16 -30.85 1.38
CA PHE A 130 -5.01 -30.49 0.57
C PHE A 130 -3.76 -31.14 1.16
N LYS A 131 -2.93 -31.70 0.28
CA LYS A 131 -1.65 -32.27 0.67
C LYS A 131 -0.59 -31.74 -0.28
N LEU A 132 0.62 -31.55 0.23
CA LEU A 132 1.71 -31.23 -0.69
C LEU A 132 2.95 -32.02 -0.29
N ASP A 133 3.79 -32.26 -1.28
CA ASP A 133 5.07 -32.87 -1.01
C ASP A 133 6.09 -32.39 -2.01
N VAL A 134 7.35 -32.47 -1.59
CA VAL A 134 8.48 -32.03 -2.39
C VAL A 134 9.37 -33.25 -2.61
N LYS A 135 9.67 -33.54 -3.86
CA LYS A 135 10.53 -34.66 -4.23
C LYS A 135 11.72 -34.16 -5.04
N LYS A 136 12.92 -34.61 -4.68
CA LYS A 136 14.12 -34.38 -5.47
C LYS A 136 14.28 -35.48 -6.52
N VAL A 137 14.46 -35.09 -7.79
CA VAL A 137 14.66 -36.03 -8.88
C VAL A 137 15.83 -35.58 -9.74
N ALA A 138 16.40 -36.51 -10.49
CA ALA A 138 17.39 -36.15 -11.50
C ALA A 138 16.78 -35.32 -12.63
N ASP A 139 17.52 -34.33 -13.08
CA ASP A 139 17.18 -33.65 -14.32
C ASP A 139 17.76 -34.46 -15.48
N PRO A 140 16.93 -34.89 -16.44
CA PRO A 140 17.48 -35.70 -17.55
C PRO A 140 18.53 -34.99 -18.37
N GLU A 141 18.59 -33.66 -18.34
CA GLU A 141 19.64 -32.89 -18.99
C GLU A 141 20.87 -32.70 -18.14
N GLY A 142 20.83 -33.11 -16.88
CA GLY A 142 21.93 -32.89 -15.97
C GLY A 142 21.46 -32.02 -14.82
N GLY A 143 21.89 -32.35 -13.61
CA GLY A 143 21.48 -31.60 -12.43
C GLY A 143 20.28 -32.23 -11.74
N GLU A 144 19.60 -31.41 -10.94
CA GLU A 144 18.50 -31.87 -10.11
C GLU A 144 17.28 -30.99 -10.32
N ARG A 145 16.10 -31.57 -10.11
CA ARG A 145 14.84 -30.85 -10.18
C ARG A 145 14.01 -31.15 -8.93
N ALA A 146 13.15 -30.21 -8.60
CA ALA A 146 12.13 -30.42 -7.58
C ALA A 146 10.79 -30.66 -8.27
N VAL A 147 10.12 -31.73 -7.89
CA VAL A 147 8.77 -32.02 -8.34
C VAL A 147 7.88 -31.80 -7.12
N ILE A 148 7.12 -30.72 -7.15
CA ILE A 148 6.30 -30.31 -6.02
C ILE A 148 4.86 -30.57 -6.41
N THR A 149 4.18 -31.40 -5.63
CA THR A 149 2.84 -31.87 -5.96
C THR A 149 1.84 -31.17 -5.05
N LEU A 150 0.90 -30.46 -5.67
CA LEU A 150 -0.21 -29.84 -4.97
C LEU A 150 -1.45 -30.69 -5.22
N ASP A 151 -2.00 -31.28 -4.15
CA ASP A 151 -3.08 -32.26 -4.26
C ASP A 151 -4.28 -31.76 -3.45
N GLY A 152 -5.23 -31.14 -4.14
CA GLY A 152 -6.37 -30.51 -3.47
C GLY A 152 -7.70 -31.00 -3.99
N LYS A 153 -8.66 -31.11 -3.09
CA LYS A 153 -10.01 -31.51 -3.49
C LYS A 153 -10.67 -30.42 -4.32
N TYR A 154 -11.42 -30.84 -5.34
CA TYR A 154 -12.27 -29.91 -6.06
C TYR A 154 -13.56 -29.67 -5.29
N LEU A 155 -13.85 -28.39 -5.03
CA LEU A 155 -15.12 -27.95 -4.45
C LEU A 155 -15.91 -27.16 -5.48
N PRO A 156 -17.07 -27.65 -5.92
CA PRO A 156 -17.82 -26.99 -6.97
C PRO A 156 -18.57 -25.77 -6.44
N THR A 157 -18.75 -24.82 -7.33
CA THR A 157 -19.66 -23.68 -7.15
C THR A 157 -20.88 -23.91 -8.02
N LYS A 158 -22.03 -24.12 -7.39
CA LYS A 158 -23.30 -24.39 -8.04
C LYS A 158 -24.36 -23.38 -7.62
N PRO A 159 -25.38 -23.15 -8.44
CA PRO A 159 -26.47 -22.26 -8.04
C PRO A 159 -27.25 -22.78 -6.82
N PHE A 160 -27.87 -21.84 -6.11
N PHE A 160 -27.85 -21.84 -6.10
CA PHE A 160 -28.73 -22.20 -4.97
CA PHE A 160 -28.75 -22.16 -5.00
C PHE A 160 -29.99 -21.34 -4.95
C PHE A 160 -29.94 -21.19 -5.08
N MET B 5 25.24 -27.42 3.80
CA MET B 5 24.45 -26.71 4.79
C MET B 5 22.99 -27.00 4.50
N ILE B 6 22.26 -27.53 5.49
CA ILE B 6 20.84 -27.83 5.31
C ILE B 6 19.97 -26.98 6.22
N GLN B 7 20.56 -26.10 7.05
CA GLN B 7 19.81 -25.30 7.98
C GLN B 7 19.47 -23.96 7.37
N SER B 8 18.25 -23.48 7.60
CA SER B 8 17.83 -22.22 7.00
C SER B 8 16.96 -21.43 7.97
N GLN B 9 16.92 -20.12 7.75
CA GLN B 9 16.16 -19.16 8.53
C GLN B 9 14.82 -18.82 7.87
N ILE B 10 13.89 -18.31 8.69
CA ILE B 10 12.62 -17.85 8.13
C ILE B 10 12.28 -16.42 8.57
N ASN B 11 13.06 -15.84 9.49
CA ASN B 11 12.79 -14.50 10.00
C ASN B 11 14.05 -13.67 9.82
N ARG B 12 14.04 -12.74 8.86
CA ARG B 12 15.25 -11.98 8.56
C ARG B 12 15.76 -11.19 9.74
N ASN B 13 14.92 -10.91 10.74
CA ASN B 13 15.35 -10.04 11.83
C ASN B 13 16.51 -10.64 12.61
N ILE B 14 16.58 -11.97 12.68
CA ILE B 14 17.65 -12.61 13.46
C ILE B 14 19.02 -12.27 12.86
N ARG B 15 19.20 -12.53 11.56
CA ARG B 15 20.47 -12.24 10.92
C ARG B 15 20.71 -10.73 10.78
N LEU B 16 19.65 -9.95 10.65
CA LEU B 16 19.84 -8.51 10.49
C LEU B 16 20.21 -7.84 11.81
N ASP B 17 19.68 -8.36 12.93
CA ASP B 17 20.16 -7.94 14.25
C ASP B 17 21.63 -8.30 14.43
N LEU B 18 22.03 -9.50 13.98
CA LEU B 18 23.45 -9.84 14.03
C LEU B 18 24.26 -8.90 13.16
N ALA B 19 23.76 -8.56 11.98
CA ALA B 19 24.47 -7.61 11.14
C ALA B 19 24.76 -6.30 11.88
N ASP B 20 23.79 -5.78 12.63
CA ASP B 20 24.01 -4.53 13.35
C ASP B 20 25.13 -4.68 14.39
N ALA B 21 25.14 -5.80 15.11
CA ALA B 21 26.21 -6.05 16.08
C ALA B 21 27.56 -6.18 15.37
N ILE B 22 27.60 -6.86 14.23
CA ILE B 22 28.83 -6.98 13.45
C ILE B 22 29.33 -5.60 13.05
N LEU B 23 28.42 -4.74 12.59
CA LEU B 23 28.82 -3.41 12.14
C LEU B 23 29.40 -2.58 13.27
N LEU B 24 28.84 -2.71 14.47
CA LEU B 24 29.35 -1.96 15.61
C LEU B 24 30.74 -2.45 16.00
N SER B 25 30.90 -3.77 16.11
CA SER B 25 32.22 -4.34 16.35
C SER B 25 33.20 -3.95 15.25
N LYS B 26 32.76 -3.99 14.00
CA LYS B 26 33.61 -3.62 12.88
C LYS B 26 34.07 -2.16 12.98
N ALA B 27 33.20 -1.29 13.45
CA ALA B 27 33.55 0.13 13.56
C ALA B 27 34.52 0.36 14.71
N LYS B 28 34.32 -0.37 15.82
CA LYS B 28 35.20 -0.23 16.97
C LYS B 28 36.61 -0.72 16.66
N LYS B 29 36.76 -1.72 15.81
CA LYS B 29 38.06 -2.21 15.41
C LYS B 29 38.62 -1.52 14.17
N ASP B 30 37.90 -0.53 13.61
CA ASP B 30 38.40 0.24 12.48
C ASP B 30 38.74 -0.67 11.30
N LEU B 31 37.88 -1.67 11.06
CA LEU B 31 38.07 -2.66 10.02
C LEU B 31 37.29 -2.31 8.76
N SER B 32 37.82 -2.72 7.61
CA SER B 32 37.11 -2.60 6.35
C SER B 32 36.53 -3.95 5.96
N PHE B 33 35.64 -3.93 4.97
CA PHE B 33 35.10 -5.19 4.46
C PHE B 33 36.14 -5.95 3.65
N ALA B 34 37.03 -5.24 2.97
CA ALA B 34 38.14 -5.90 2.29
C ALA B 34 39.03 -6.64 3.29
N GLU B 35 39.36 -5.98 4.41
CA GLU B 35 40.18 -6.64 5.42
C GLU B 35 39.47 -7.86 6.00
N ILE B 36 38.17 -7.74 6.29
CA ILE B 36 37.45 -8.88 6.86
C ILE B 36 37.46 -10.05 5.89
N ALA B 37 37.21 -9.81 4.61
CA ALA B 37 37.17 -10.91 3.64
C ALA B 37 38.55 -11.41 3.25
N ASP B 38 39.62 -10.71 3.62
CA ASP B 38 40.96 -11.16 3.26
C ASP B 38 41.30 -12.46 3.97
N GLY B 39 41.78 -13.45 3.21
CA GLY B 39 42.11 -14.75 3.75
C GLY B 39 40.98 -15.76 3.72
N THR B 40 39.76 -15.34 3.38
CA THR B 40 38.64 -16.27 3.29
C THR B 40 38.58 -17.01 1.96
N GLY B 41 39.33 -16.58 0.95
CA GLY B 41 39.19 -17.13 -0.38
C GLY B 41 37.95 -16.69 -1.13
N LEU B 42 37.13 -15.82 -0.55
CA LEU B 42 35.85 -15.44 -1.13
C LEU B 42 35.85 -13.95 -1.47
N ALA B 43 35.08 -13.60 -2.51
CA ALA B 43 35.01 -12.22 -2.97
C ALA B 43 34.45 -11.31 -1.89
N GLU B 44 34.92 -10.06 -1.89
CA GLU B 44 34.46 -9.11 -0.87
C GLU B 44 32.95 -8.89 -0.95
N ALA B 45 32.36 -8.90 -2.14
CA ALA B 45 30.92 -8.68 -2.22
C ALA B 45 30.15 -9.86 -1.62
N PHE B 46 30.66 -11.09 -1.78
CA PHE B 46 29.96 -12.24 -1.21
C PHE B 46 30.09 -12.25 0.31
N VAL B 47 31.31 -12.01 0.82
CA VAL B 47 31.51 -12.03 2.28
C VAL B 47 30.74 -10.89 2.93
N THR B 48 30.80 -9.69 2.34
CA THR B 48 30.05 -8.56 2.89
C THR B 48 28.56 -8.88 2.94
N ALA B 49 28.01 -9.42 1.84
CA ALA B 49 26.59 -9.79 1.81
C ALA B 49 26.25 -10.77 2.92
N ALA B 50 27.12 -11.76 3.16
CA ALA B 50 26.89 -12.70 4.27
C ALA B 50 26.82 -11.98 5.62
N LEU B 51 27.79 -11.09 5.91
CA LEU B 51 27.75 -10.35 7.16
C LEU B 51 26.43 -9.61 7.30
N LEU B 52 25.94 -9.03 6.20
CA LEU B 52 24.71 -8.24 6.18
C LEU B 52 23.47 -9.12 6.04
N GLY B 53 23.61 -10.44 6.19
CA GLY B 53 22.47 -11.34 6.30
C GLY B 53 21.93 -11.88 5.00
N GLN B 54 22.65 -11.74 3.87
CA GLN B 54 22.11 -12.06 2.56
C GLN B 54 22.81 -13.22 1.88
N GLN B 55 23.81 -13.83 2.52
CA GLN B 55 24.45 -15.04 2.03
C GLN B 55 24.84 -15.88 3.22
N ALA B 56 25.18 -17.14 2.96
CA ALA B 56 25.65 -18.06 4.00
C ALA B 56 27.16 -18.27 3.85
N LEU B 57 27.88 -18.21 4.96
CA LEU B 57 29.31 -18.47 4.85
C LEU B 57 29.62 -19.94 5.08
N PRO B 58 30.55 -20.51 4.33
CA PRO B 58 31.11 -21.81 4.72
C PRO B 58 31.70 -21.74 6.13
N ALA B 59 31.83 -22.92 6.75
CA ALA B 59 32.26 -22.97 8.15
C ALA B 59 33.61 -22.30 8.34
N ASP B 60 34.57 -22.55 7.44
CA ASP B 60 35.92 -22.03 7.63
C ASP B 60 35.93 -20.51 7.57
N ALA B 61 35.23 -19.94 6.59
CA ALA B 61 35.14 -18.49 6.51
C ALA B 61 34.38 -17.91 7.70
N ALA B 62 33.32 -18.59 8.14
CA ALA B 62 32.57 -18.11 9.30
C ALA B 62 33.45 -18.05 10.54
N ARG B 63 34.28 -19.06 10.75
CA ARG B 63 35.16 -19.03 11.92
C ARG B 63 36.21 -17.94 11.77
N LEU B 64 36.69 -17.70 10.56
CA LEU B 64 37.68 -16.64 10.33
C LEU B 64 37.11 -15.26 10.67
N VAL B 65 35.98 -14.90 10.05
CA VAL B 65 35.45 -13.56 10.28
C VAL B 65 34.90 -13.45 11.70
N GLY B 66 34.47 -14.56 12.29
CA GLY B 66 34.00 -14.52 13.66
C GLY B 66 35.13 -14.21 14.63
N ALA B 67 36.32 -14.75 14.37
CA ALA B 67 37.48 -14.40 15.19
C ALA B 67 37.88 -12.94 14.98
N LYS B 68 37.89 -12.47 13.73
CA LYS B 68 38.25 -11.09 13.44
C LYS B 68 37.33 -10.10 14.13
N LEU B 69 36.05 -10.43 14.27
CA LEU B 69 35.06 -9.52 14.79
C LEU B 69 34.65 -9.82 16.22
N ASP B 70 35.24 -10.84 16.85
CA ASP B 70 34.97 -11.17 18.25
C ASP B 70 33.53 -11.67 18.43
N LEU B 71 33.05 -12.48 17.50
CA LEU B 71 31.68 -12.98 17.56
C LEU B 71 31.59 -14.23 18.42
N ASP B 72 30.47 -14.36 19.12
CA ASP B 72 30.26 -15.53 19.97
C ASP B 72 29.88 -16.74 19.12
N GLU B 73 29.75 -17.90 19.77
CA GLU B 73 29.60 -19.14 19.02
C GLU B 73 28.25 -19.21 18.29
N ASP B 74 27.19 -18.71 18.93
CA ASP B 74 25.88 -18.70 18.29
C ASP B 74 25.91 -17.87 17.01
N SER B 75 26.62 -16.75 17.04
CA SER B 75 26.69 -15.85 15.89
C SER B 75 27.50 -16.47 14.75
N ILE B 76 28.58 -17.17 15.07
CA ILE B 76 29.35 -17.85 14.03
C ILE B 76 28.50 -18.93 13.38
N LEU B 77 27.71 -19.64 14.18
CA LEU B 77 26.76 -20.61 13.61
C LEU B 77 25.71 -19.90 12.76
N LEU B 78 25.18 -18.76 13.22
CA LEU B 78 24.13 -18.07 12.47
C LEU B 78 24.62 -17.65 11.09
N LEU B 79 25.87 -17.21 10.97
CA LEU B 79 26.42 -16.78 9.67
C LEU B 79 26.46 -17.92 8.66
N GLN B 80 26.44 -19.16 9.13
CA GLN B 80 26.47 -20.31 8.26
C GLN B 80 25.09 -20.76 7.80
N MET B 81 24.04 -20.28 8.46
CA MET B 81 22.69 -20.69 8.09
C MET B 81 22.28 -20.01 6.79
N ILE B 82 21.46 -20.70 6.02
CA ILE B 82 20.93 -20.09 4.80
C ILE B 82 19.92 -19.01 5.20
N PRO B 83 20.06 -17.80 4.71
CA PRO B 83 19.25 -16.71 5.24
C PRO B 83 17.86 -16.63 4.60
N LEU B 84 17.00 -15.87 5.27
CA LEU B 84 15.77 -15.34 4.67
C LEU B 84 16.19 -14.01 4.06
N ARG B 85 16.35 -14.00 2.74
CA ARG B 85 16.96 -12.86 2.07
C ARG B 85 15.96 -11.74 1.85
N GLY B 86 16.48 -10.53 1.76
CA GLY B 86 15.70 -9.32 1.53
C GLY B 86 16.23 -8.23 2.43
N CYS B 87 17.07 -7.35 1.88
CA CYS B 87 17.72 -6.36 2.72
C CYS B 87 16.96 -5.04 2.82
N ILE B 88 15.95 -4.83 1.98
CA ILE B 88 15.25 -3.55 1.96
C ILE B 88 14.16 -3.56 3.01
N ASP B 89 14.15 -2.54 3.85
CA ASP B 89 13.18 -2.46 4.93
C ASP B 89 11.75 -2.61 4.41
N ASP B 90 11.34 -1.77 3.44
CA ASP B 90 9.96 -1.78 2.95
C ASP B 90 9.93 -1.49 1.45
N ARG B 91 10.42 -2.46 0.68
CA ARG B 91 10.28 -2.61 -0.76
C ARG B 91 11.06 -1.59 -1.58
N ILE B 92 10.94 -0.31 -1.24
CA ILE B 92 11.63 0.77 -1.95
C ILE B 92 12.60 1.42 -0.98
N PRO B 93 13.89 1.55 -1.32
CA PRO B 93 14.84 2.13 -0.36
C PRO B 93 14.54 3.59 -0.10
N THR B 94 14.74 4.00 1.15
CA THR B 94 14.77 5.44 1.47
C THR B 94 16.18 6.01 1.38
N ASP B 95 17.21 5.19 1.56
CA ASP B 95 18.57 5.71 1.61
C ASP B 95 19.00 6.17 0.21
N PRO B 96 19.53 7.39 0.07
CA PRO B 96 19.93 7.86 -1.28
C PRO B 96 20.89 6.93 -1.99
N THR B 97 21.90 6.40 -1.29
CA THR B 97 22.89 5.55 -1.95
C THR B 97 22.24 4.30 -2.52
N MET B 98 21.37 3.67 -1.73
CA MET B 98 20.67 2.49 -2.21
C MET B 98 19.64 2.88 -3.27
N TYR B 99 18.98 4.03 -3.07
CA TYR B 99 17.90 4.41 -3.98
C TYR B 99 18.39 4.57 -5.42
N ARG B 100 19.61 5.10 -5.62
CA ARG B 100 20.08 5.30 -6.99
C ARG B 100 20.05 4.01 -7.79
N PHE B 101 20.31 2.87 -7.14
CA PHE B 101 20.25 1.60 -7.86
C PHE B 101 18.82 1.22 -8.23
N TYR B 102 17.86 1.56 -7.37
CA TYR B 102 16.45 1.42 -7.73
C TYR B 102 16.08 2.36 -8.88
N GLU B 103 16.56 3.60 -8.85
CA GLU B 103 16.25 4.53 -9.93
C GLU B 103 16.78 4.02 -11.27
N MET B 104 17.96 3.36 -11.28
CA MET B 104 18.41 2.75 -12.53
C MET B 104 17.39 1.77 -13.05
N LEU B 105 16.73 1.03 -12.18
CA LEU B 105 15.67 0.13 -12.61
C LEU B 105 14.46 0.91 -13.12
N GLN B 106 14.11 2.02 -12.46
CA GLN B 106 12.97 2.80 -12.98
C GLN B 106 13.26 3.42 -14.33
N VAL B 107 14.52 3.72 -14.64
CA VAL B 107 14.82 4.36 -15.92
C VAL B 107 15.12 3.33 -16.99
N TYR B 108 15.87 2.28 -16.67
CA TYR B 108 16.36 1.35 -17.66
C TYR B 108 15.77 -0.05 -17.52
N GLY B 109 14.79 -0.25 -16.63
CA GLY B 109 14.29 -1.60 -16.43
C GLY B 109 13.73 -2.22 -17.69
N THR B 110 12.93 -1.45 -18.45
CA THR B 110 12.38 -1.98 -19.68
C THR B 110 13.44 -2.10 -20.77
N THR B 111 14.45 -1.23 -20.75
CA THR B 111 15.56 -1.36 -21.69
C THR B 111 16.38 -2.63 -21.43
N LEU B 112 16.62 -2.93 -20.15
CA LEU B 112 17.28 -4.20 -19.80
C LEU B 112 16.50 -5.39 -20.31
N LYS B 113 15.17 -5.40 -20.08
CA LYS B 113 14.32 -6.46 -20.63
C LYS B 113 14.49 -6.56 -22.15
N ALA B 114 14.31 -5.43 -22.85
CA ALA B 114 14.34 -5.42 -24.31
C ALA B 114 15.67 -5.94 -24.84
N LEU B 115 16.78 -5.48 -24.26
CA LEU B 115 18.10 -5.88 -24.76
C LEU B 115 18.44 -7.32 -24.37
N VAL B 116 17.99 -7.78 -23.20
CA VAL B 116 18.17 -9.21 -22.90
C VAL B 116 17.43 -10.08 -23.91
N HIS B 117 16.17 -9.73 -24.23
CA HIS B 117 15.44 -10.58 -25.16
C HIS B 117 16.03 -10.48 -26.57
N GLU B 118 16.55 -9.31 -26.95
CA GLU B 118 17.19 -9.17 -28.26
C GLU B 118 18.46 -10.00 -28.37
N LYS B 119 19.32 -9.96 -27.35
CA LYS B 119 20.61 -10.61 -27.44
C LYS B 119 20.58 -12.09 -27.08
N PHE B 120 19.72 -12.48 -26.13
CA PHE B 120 19.67 -13.87 -25.68
C PHE B 120 18.41 -14.59 -26.10
N GLY B 121 17.24 -13.97 -25.99
CA GLY B 121 15.98 -14.60 -26.25
C GLY B 121 15.06 -14.49 -25.04
N ASP B 122 13.92 -15.15 -25.14
CA ASP B 122 12.99 -15.21 -24.01
C ASP B 122 13.63 -15.89 -22.81
N GLY B 123 13.30 -15.42 -21.62
CA GLY B 123 13.93 -15.93 -20.42
C GLY B 123 14.44 -14.82 -19.53
N ILE B 124 15.48 -15.10 -18.74
CA ILE B 124 15.95 -14.17 -17.72
C ILE B 124 17.47 -14.20 -17.67
N ILE B 125 18.02 -13.14 -17.10
CA ILE B 125 19.38 -13.14 -16.56
C ILE B 125 19.29 -13.41 -15.07
N SER B 126 20.05 -14.40 -14.63
CA SER B 126 19.89 -14.93 -13.28
C SER B 126 20.44 -13.97 -12.22
N ALA B 127 19.73 -13.90 -11.09
CA ALA B 127 20.25 -13.29 -9.88
C ALA B 127 20.80 -14.32 -8.90
N ILE B 128 20.87 -15.59 -9.31
CA ILE B 128 21.32 -16.70 -8.49
C ILE B 128 22.66 -17.24 -8.98
N ASN B 129 22.72 -17.66 -10.25
CA ASN B 129 23.99 -17.93 -10.91
C ASN B 129 24.52 -16.57 -11.35
N PHE B 130 25.20 -15.93 -10.42
CA PHE B 130 25.32 -14.48 -10.47
C PHE B 130 26.51 -14.04 -9.65
N LYS B 131 27.27 -13.10 -10.19
CA LYS B 131 28.42 -12.51 -9.54
C LYS B 131 28.32 -10.99 -9.65
N LEU B 132 28.75 -10.30 -8.60
CA LEU B 132 28.72 -8.84 -8.57
C LEU B 132 30.08 -8.31 -8.13
N ASP B 133 30.52 -7.20 -8.72
CA ASP B 133 31.69 -6.56 -8.15
C ASP B 133 31.61 -5.07 -8.39
N VAL B 134 32.35 -4.34 -7.56
CA VAL B 134 32.40 -2.88 -7.56
C VAL B 134 33.85 -2.46 -7.69
N LYS B 135 34.16 -1.66 -8.72
CA LYS B 135 35.51 -1.15 -8.95
C LYS B 135 35.48 0.37 -9.00
N LYS B 136 36.50 0.99 -8.42
CA LYS B 136 36.66 2.43 -8.47
C LYS B 136 37.62 2.77 -9.61
N VAL B 137 37.23 3.70 -10.48
CA VAL B 137 38.06 4.14 -11.58
C VAL B 137 38.11 5.66 -11.59
N ALA B 138 39.15 6.20 -12.22
CA ALA B 138 39.25 7.64 -12.38
C ALA B 138 38.32 8.10 -13.48
N ASP B 139 37.70 9.26 -13.28
CA ASP B 139 36.94 9.90 -14.34
C ASP B 139 37.87 10.82 -15.11
N PRO B 140 37.99 10.67 -16.44
CA PRO B 140 38.91 11.55 -17.19
C PRO B 140 38.54 13.02 -17.12
N GLU B 141 37.32 13.35 -16.71
CA GLU B 141 36.89 14.74 -16.56
C GLU B 141 37.10 15.28 -15.16
N GLY B 142 37.63 14.46 -14.26
CA GLY B 142 37.78 14.82 -12.86
C GLY B 142 36.91 13.95 -11.99
N GLY B 143 37.43 13.59 -10.81
CA GLY B 143 36.66 12.80 -9.87
C GLY B 143 36.81 11.33 -10.18
N GLU B 144 35.85 10.56 -9.65
CA GLU B 144 35.92 9.11 -9.63
C GLU B 144 34.58 8.55 -10.08
N ARG B 145 34.62 7.32 -10.60
CA ARG B 145 33.43 6.58 -10.99
C ARG B 145 33.46 5.18 -10.39
N ALA B 146 32.27 4.64 -10.16
CA ALA B 146 32.11 3.23 -9.82
C ALA B 146 31.71 2.47 -11.06
N VAL B 147 32.42 1.38 -11.34
CA VAL B 147 32.07 0.46 -12.40
C VAL B 147 31.57 -0.80 -11.72
N ILE B 148 30.25 -1.00 -11.76
CA ILE B 148 29.61 -2.10 -11.06
C ILE B 148 29.19 -3.11 -12.11
N THR B 149 29.67 -4.34 -11.98
CA THR B 149 29.47 -5.35 -13.00
C THR B 149 28.51 -6.40 -12.47
N LEU B 150 27.41 -6.59 -13.18
CA LEU B 150 26.43 -7.63 -12.89
C LEU B 150 26.62 -8.74 -13.92
N ASP B 151 26.91 -9.95 -13.44
CA ASP B 151 27.33 -11.06 -14.28
C ASP B 151 26.43 -12.25 -13.98
N GLY B 152 25.38 -12.41 -14.77
CA GLY B 152 24.37 -13.43 -14.53
C GLY B 152 24.20 -14.38 -15.70
N LYS B 153 23.93 -15.64 -15.39
CA LYS B 153 23.69 -16.64 -16.42
C LYS B 153 22.36 -16.38 -17.12
N TYR B 154 22.35 -16.52 -18.45
CA TYR B 154 21.10 -16.50 -19.20
C TYR B 154 20.38 -17.84 -19.04
N LEU B 155 19.14 -17.79 -18.57
CA LEU B 155 18.28 -18.97 -18.51
C LEU B 155 17.14 -18.80 -19.50
N PRO B 156 17.04 -19.64 -20.52
CA PRO B 156 15.97 -19.47 -21.51
C PRO B 156 14.62 -19.95 -21.05
N THR B 157 13.60 -19.33 -21.65
CA THR B 157 12.20 -19.73 -21.58
C THR B 157 11.84 -20.30 -22.94
N LYS B 158 11.52 -21.59 -22.99
CA LYS B 158 11.16 -22.28 -24.22
C LYS B 158 9.79 -22.95 -24.08
N PRO B 159 9.10 -23.21 -25.19
CA PRO B 159 7.81 -23.92 -25.09
C PRO B 159 7.98 -25.33 -24.52
N PHE B 160 6.92 -25.80 -23.86
N PHE B 160 6.90 -25.82 -23.90
CA PHE B 160 6.83 -27.20 -23.46
CA PHE B 160 6.83 -27.22 -23.50
C PHE B 160 5.43 -27.75 -23.78
C PHE B 160 5.44 -27.80 -23.81
N MET C 5 -37.13 4.77 -3.31
CA MET C 5 -36.06 4.42 -4.23
C MET C 5 -35.43 3.08 -3.85
N ILE C 6 -35.40 2.15 -4.80
CA ILE C 6 -34.80 0.83 -4.58
C ILE C 6 -33.66 0.55 -5.54
N GLN C 7 -33.33 1.49 -6.44
CA GLN C 7 -32.25 1.32 -7.40
C GLN C 7 -30.94 1.87 -6.85
N SER C 8 -29.85 1.13 -7.04
CA SER C 8 -28.56 1.53 -6.51
C SER C 8 -27.44 1.22 -7.49
N GLN C 9 -26.31 1.88 -7.27
CA GLN C 9 -25.12 1.81 -8.11
C GLN C 9 -24.02 0.99 -7.44
N ILE C 10 -23.10 0.46 -8.23
CA ILE C 10 -21.98 -0.30 -7.64
C ILE C 10 -20.63 0.20 -8.14
N ASN C 11 -20.63 1.10 -9.12
CA ASN C 11 -19.40 1.68 -9.69
C ASN C 11 -19.49 3.19 -9.58
N ARG C 12 -18.69 3.79 -8.68
CA ARG C 12 -18.78 5.23 -8.44
C ARG C 12 -18.41 6.06 -9.65
N ASN C 13 -17.69 5.50 -10.63
CA ASN C 13 -17.25 6.30 -11.77
C ASN C 13 -18.43 6.87 -12.56
N ILE C 14 -19.57 6.17 -12.58
CA ILE C 14 -20.73 6.63 -13.34
C ILE C 14 -21.20 7.98 -12.79
N ARG C 15 -21.51 8.02 -11.48
CA ARG C 15 -21.99 9.26 -10.88
C ARG C 15 -20.88 10.31 -10.78
N LEU C 16 -19.62 9.89 -10.70
CA LEU C 16 -18.57 10.91 -10.61
C LEU C 16 -18.32 11.55 -11.98
N ASP C 17 -18.43 10.77 -13.06
CA ASP C 17 -18.42 11.31 -14.41
C ASP C 17 -19.57 12.29 -14.61
N LEU C 18 -20.77 11.94 -14.12
CA LEU C 18 -21.87 12.90 -14.17
C LEU C 18 -21.53 14.17 -13.40
N ALA C 19 -20.86 14.01 -12.24
CA ALA C 19 -20.49 15.17 -11.45
C ALA C 19 -19.59 16.14 -12.22
N ASP C 20 -18.63 15.61 -12.99
CA ASP C 20 -17.75 16.47 -13.79
C ASP C 20 -18.55 17.25 -14.82
N ALA C 21 -19.49 16.57 -15.49
CA ALA C 21 -20.35 17.24 -16.44
C ALA C 21 -21.20 18.31 -15.75
N ILE C 22 -21.73 17.99 -14.57
CA ILE C 22 -22.52 18.97 -13.83
C ILE C 22 -21.68 20.19 -13.50
N LEU C 23 -20.42 19.98 -13.10
CA LEU C 23 -19.57 21.09 -12.72
C LEU C 23 -19.26 22.01 -13.91
N LEU C 24 -19.09 21.43 -15.09
CA LEU C 24 -18.82 22.25 -16.28
C LEU C 24 -20.04 23.10 -16.62
N SER C 25 -21.23 22.48 -16.64
CA SER C 25 -22.46 23.23 -16.89
C SER C 25 -22.66 24.31 -15.83
N LYS C 26 -22.45 23.96 -14.57
CA LYS C 26 -22.57 24.93 -13.48
C LYS C 26 -21.64 26.11 -13.70
N ALA C 27 -20.41 25.83 -14.14
CA ALA C 27 -19.44 26.90 -14.37
C ALA C 27 -19.86 27.76 -15.54
N LYS C 28 -20.32 27.12 -16.62
CA LYS C 28 -20.71 27.89 -17.80
C LYS C 28 -21.86 28.83 -17.49
N LYS C 29 -22.75 28.44 -16.58
CA LYS C 29 -23.91 29.24 -16.21
C LYS C 29 -23.66 30.15 -15.02
N ASP C 30 -22.43 30.17 -14.48
CA ASP C 30 -22.07 31.04 -13.36
C ASP C 30 -23.02 30.84 -12.18
N LEU C 31 -23.32 29.56 -11.88
CA LEU C 31 -24.20 29.21 -10.78
C LEU C 31 -23.38 28.81 -9.54
N SER C 32 -23.96 29.08 -8.38
CA SER C 32 -23.42 28.65 -7.10
C SER C 32 -24.23 27.46 -6.62
N PHE C 33 -23.64 26.69 -5.70
CA PHE C 33 -24.36 25.57 -5.09
C PHE C 33 -25.54 26.06 -4.26
N ALA C 34 -25.41 27.22 -3.60
CA ALA C 34 -26.52 27.75 -2.83
C ALA C 34 -27.73 28.01 -3.70
N GLU C 35 -27.53 28.58 -4.90
CA GLU C 35 -28.70 28.84 -5.74
C GLU C 35 -29.17 27.59 -6.48
N ILE C 36 -28.30 26.62 -6.74
CA ILE C 36 -28.80 25.36 -7.32
C ILE C 36 -29.74 24.68 -6.33
N ALA C 37 -29.43 24.74 -5.04
CA ALA C 37 -30.24 24.10 -4.02
C ALA C 37 -31.46 24.93 -3.63
N ASP C 38 -31.50 26.20 -4.04
CA ASP C 38 -32.64 27.06 -3.75
C ASP C 38 -33.92 26.47 -4.32
N GLY C 39 -34.98 26.44 -3.51
CA GLY C 39 -36.25 25.93 -3.95
C GLY C 39 -36.41 24.43 -3.88
N THR C 40 -35.37 23.69 -3.45
CA THR C 40 -35.48 22.25 -3.30
C THR C 40 -36.01 21.84 -1.94
N GLY C 41 -36.05 22.75 -0.98
CA GLY C 41 -36.38 22.36 0.38
C GLY C 41 -35.29 21.59 1.10
N LEU C 42 -34.12 21.43 0.48
CA LEU C 42 -33.05 20.63 1.04
C LEU C 42 -31.82 21.50 1.30
N ALA C 43 -31.05 21.13 2.33
CA ALA C 43 -29.87 21.87 2.71
C ALA C 43 -28.84 21.87 1.58
N GLU C 44 -28.06 22.95 1.50
CA GLU C 44 -27.07 23.06 0.45
C GLU C 44 -26.05 21.92 0.52
N ALA C 45 -25.70 21.48 1.73
CA ALA C 45 -24.69 20.42 1.83
C ALA C 45 -25.24 19.10 1.31
N PHE C 46 -26.54 18.84 1.53
CA PHE C 46 -27.11 17.61 1.02
C PHE C 46 -27.24 17.63 -0.50
N VAL C 47 -27.73 18.74 -1.06
CA VAL C 47 -27.88 18.84 -2.51
C VAL C 47 -26.53 18.80 -3.18
N THR C 48 -25.55 19.55 -2.65
CA THR C 48 -24.22 19.55 -3.23
C THR C 48 -23.64 18.14 -3.24
N ALA C 49 -23.76 17.44 -2.11
CA ALA C 49 -23.23 16.08 -2.04
C ALA C 49 -23.87 15.18 -3.07
N ALA C 50 -25.17 15.33 -3.32
CA ALA C 50 -25.83 14.53 -4.34
C ALA C 50 -25.29 14.84 -5.74
N LEU C 51 -25.11 16.13 -6.05
CA LEU C 51 -24.54 16.48 -7.34
C LEU C 51 -23.17 15.85 -7.51
N LEU C 52 -22.40 15.76 -6.41
CA LEU C 52 -21.06 15.21 -6.44
C LEU C 52 -21.03 13.69 -6.22
N GLY C 53 -22.18 13.03 -6.29
CA GLY C 53 -22.25 11.58 -6.34
C GLY C 53 -22.36 10.88 -5.01
N GLN C 54 -22.67 11.59 -3.92
CA GLN C 54 -22.59 11.02 -2.58
C GLN C 54 -23.94 10.94 -1.88
N GLN C 55 -25.02 11.31 -2.54
CA GLN C 55 -26.37 11.20 -1.99
C GLN C 55 -27.32 11.02 -3.16
N ALA C 56 -28.56 10.64 -2.84
CA ALA C 56 -29.61 10.49 -3.83
C ALA C 56 -30.61 11.62 -3.68
N LEU C 57 -30.96 12.25 -4.81
CA LEU C 57 -31.98 13.30 -4.74
C LEU C 57 -33.38 12.69 -4.90
N PRO C 58 -34.35 13.15 -4.14
CA PRO C 58 -35.75 12.83 -4.47
C PRO C 58 -36.10 13.34 -5.85
N ALA C 59 -37.11 12.70 -6.45
CA ALA C 59 -37.45 12.95 -7.85
C ALA C 59 -37.73 14.43 -8.11
N ASP C 60 -38.39 15.10 -7.18
CA ASP C 60 -38.76 16.51 -7.38
C ASP C 60 -37.52 17.38 -7.46
N ALA C 61 -36.61 17.23 -6.48
CA ALA C 61 -35.37 18.00 -6.49
C ALA C 61 -34.49 17.65 -7.69
N ALA C 62 -34.51 16.39 -8.11
CA ALA C 62 -33.69 15.97 -9.25
C ALA C 62 -34.15 16.68 -10.52
N ARG C 63 -35.47 16.77 -10.74
CA ARG C 63 -35.98 17.50 -11.90
C ARG C 63 -35.65 18.98 -11.78
N LEU C 64 -35.76 19.53 -10.58
CA LEU C 64 -35.56 20.96 -10.37
C LEU C 64 -34.11 21.36 -10.64
N VAL C 65 -33.15 20.63 -10.06
CA VAL C 65 -31.75 20.92 -10.36
C VAL C 65 -31.40 20.51 -11.79
N GLY C 66 -32.09 19.50 -12.33
CA GLY C 66 -31.80 19.09 -13.70
C GLY C 66 -32.16 20.16 -14.71
N ALA C 67 -33.24 20.90 -14.45
CA ALA C 67 -33.60 22.02 -15.32
C ALA C 67 -32.59 23.15 -15.19
N LYS C 68 -32.20 23.50 -13.96
CA LYS C 68 -31.23 24.57 -13.75
C LYS C 68 -29.91 24.30 -14.47
N LEU C 69 -29.50 23.04 -14.53
CA LEU C 69 -28.22 22.66 -15.11
C LEU C 69 -28.34 22.12 -16.53
N ASP C 70 -29.57 22.00 -17.06
CA ASP C 70 -29.80 21.54 -18.41
C ASP C 70 -29.31 20.10 -18.60
N LEU C 71 -29.67 19.25 -17.64
CA LEU C 71 -29.28 17.85 -17.68
C LEU C 71 -30.28 17.04 -18.50
N ASP C 72 -29.78 16.04 -19.22
CA ASP C 72 -30.64 15.15 -19.97
C ASP C 72 -31.38 14.20 -19.04
N GLU C 73 -32.27 13.38 -19.63
CA GLU C 73 -33.18 12.56 -18.83
C GLU C 73 -32.44 11.48 -18.06
N ASP C 74 -31.45 10.85 -18.68
CA ASP C 74 -30.70 9.80 -17.99
C ASP C 74 -29.96 10.36 -16.79
N SER C 75 -29.41 11.58 -16.94
CA SER C 75 -28.70 12.20 -15.83
C SER C 75 -29.62 12.45 -14.65
N ILE C 76 -30.80 13.03 -14.90
CA ILE C 76 -31.75 13.29 -13.83
C ILE C 76 -32.15 11.98 -13.15
N LEU C 77 -32.26 10.90 -13.92
CA LEU C 77 -32.48 9.60 -13.30
C LEU C 77 -31.29 9.18 -12.44
N LEU C 78 -30.07 9.35 -12.95
CA LEU C 78 -28.89 8.94 -12.19
C LEU C 78 -28.83 9.63 -10.84
N LEU C 79 -29.19 10.92 -10.80
CA LEU C 79 -29.12 11.67 -9.55
C LEU C 79 -30.06 11.13 -8.48
N GLN C 80 -31.06 10.34 -8.88
CA GLN C 80 -32.02 9.73 -7.97
C GLN C 80 -31.58 8.36 -7.46
N MET C 81 -30.60 7.76 -8.10
CA MET C 81 -30.13 6.44 -7.74
C MET C 81 -29.32 6.52 -6.44
N ILE C 82 -29.40 5.44 -5.65
CA ILE C 82 -28.58 5.34 -4.45
C ILE C 82 -27.14 5.12 -4.89
N PRO C 83 -26.20 5.97 -4.46
CA PRO C 83 -24.85 5.91 -5.01
C PRO C 83 -23.98 4.86 -4.32
N LEU C 84 -22.89 4.53 -4.99
CA LEU C 84 -21.74 3.87 -4.38
C LEU C 84 -20.85 5.00 -3.86
N ARG C 85 -20.91 5.22 -2.55
CA ARG C 85 -20.32 6.41 -1.96
C ARG C 85 -18.82 6.25 -1.76
N GLY C 86 -18.13 7.38 -1.72
CA GLY C 86 -16.69 7.42 -1.54
C GLY C 86 -16.10 8.42 -2.50
N CYS C 87 -15.88 9.66 -2.04
CA CYS C 87 -15.45 10.74 -2.92
C CYS C 87 -13.93 10.86 -3.04
N ILE C 88 -13.16 10.21 -2.17
CA ILE C 88 -11.72 10.38 -2.16
C ILE C 88 -11.11 9.42 -3.18
N ASP C 89 -10.27 9.97 -4.06
CA ASP C 89 -9.67 9.17 -5.13
C ASP C 89 -9.02 7.91 -4.58
N ASP C 90 -8.05 8.07 -3.65
CA ASP C 90 -7.28 6.93 -3.16
C ASP C 90 -7.00 7.15 -1.67
N ARG C 91 -8.07 7.05 -0.87
CA ARG C 91 -8.01 6.91 0.58
C ARG C 91 -7.60 8.17 1.35
N ILE C 92 -6.50 8.80 0.95
CA ILE C 92 -6.00 10.01 1.59
CA ILE C 92 -6.00 10.01 1.59
C ILE C 92 -6.06 11.13 0.55
N PRO C 93 -6.70 12.26 0.83
CA PRO C 93 -6.76 13.33 -0.20
C PRO C 93 -5.39 13.91 -0.50
N THR C 94 -5.19 14.31 -1.77
CA THR C 94 -4.02 15.10 -2.11
C THR C 94 -4.35 16.58 -2.08
N ASP C 95 -5.60 16.94 -2.27
CA ASP C 95 -5.96 18.36 -2.36
C ASP C 95 -5.79 19.02 -1.00
N PRO C 96 -5.07 20.15 -0.90
CA PRO C 96 -4.89 20.80 0.42
C PRO C 96 -6.20 21.09 1.14
N THR C 97 -7.22 21.58 0.42
CA THR C 97 -8.48 21.93 1.07
C THR C 97 -9.13 20.70 1.70
N MET C 98 -9.21 19.58 0.96
CA MET C 98 -9.75 18.41 1.64
C MET C 98 -8.76 17.82 2.64
N TYR C 99 -7.46 17.93 2.38
CA TYR C 99 -6.48 17.33 3.30
C TYR C 99 -6.63 17.85 4.73
N ARG C 100 -6.92 19.15 4.89
CA ARG C 100 -6.98 19.70 6.24
C ARG C 100 -7.99 18.98 7.10
N PHE C 101 -9.11 18.52 6.52
CA PHE C 101 -10.10 17.78 7.30
C PHE C 101 -9.57 16.40 7.69
N TYR C 102 -8.80 15.76 6.81
CA TYR C 102 -8.08 14.56 7.18
C TYR C 102 -7.09 14.83 8.30
N GLU C 103 -6.38 15.97 8.24
CA GLU C 103 -5.40 16.28 9.26
C GLU C 103 -6.07 16.49 10.62
N MET C 104 -7.25 17.14 10.63
CA MET C 104 -7.96 17.21 11.90
C MET C 104 -8.20 15.83 12.49
N LEU C 105 -8.41 14.80 11.65
CA LEU C 105 -8.57 13.45 12.20
CA LEU C 105 -8.57 13.45 12.20
C LEU C 105 -7.23 12.89 12.70
N GLN C 106 -6.14 13.17 11.99
CA GLN C 106 -4.82 12.75 12.47
C GLN C 106 -4.46 13.41 13.80
N VAL C 107 -4.89 14.66 14.04
CA VAL C 107 -4.55 15.32 15.30
C VAL C 107 -5.56 14.99 16.39
N TYR C 108 -6.86 14.97 16.08
CA TYR C 108 -7.88 14.88 17.12
C TYR C 108 -8.69 13.59 17.09
N GLY C 109 -8.38 12.64 16.20
CA GLY C 109 -9.20 11.44 16.09
C GLY C 109 -9.34 10.71 17.41
N THR C 110 -8.24 10.53 18.14
CA THR C 110 -8.32 9.83 19.41
C THR C 110 -8.97 10.69 20.48
N THR C 111 -8.82 12.02 20.38
CA THR C 111 -9.53 12.91 21.30
C THR C 111 -11.03 12.84 21.08
N LEU C 112 -11.47 12.79 19.82
CA LEU C 112 -12.89 12.65 19.52
C LEU C 112 -13.41 11.33 20.07
N LYS C 113 -12.66 10.24 19.89
CA LYS C 113 -13.08 8.96 20.46
C LYS C 113 -13.21 9.05 21.97
N ALA C 114 -12.17 9.59 22.64
CA ALA C 114 -12.20 9.65 24.10
C ALA C 114 -13.36 10.50 24.62
N LEU C 115 -13.59 11.66 24.01
CA LEU C 115 -14.65 12.54 24.50
C LEU C 115 -16.04 11.98 24.18
N VAL C 116 -16.19 11.27 23.06
CA VAL C 116 -17.48 10.62 22.79
C VAL C 116 -17.77 9.57 23.85
N HIS C 117 -16.78 8.72 24.19
CA HIS C 117 -17.05 7.69 25.19
C HIS C 117 -17.32 8.31 26.55
N GLU C 118 -16.65 9.42 26.87
CA GLU C 118 -16.86 10.08 28.15
C GLU C 118 -18.27 10.66 28.26
N LYS C 119 -18.74 11.34 27.21
CA LYS C 119 -20.02 12.04 27.28
C LYS C 119 -21.21 11.15 26.98
N PHE C 120 -21.02 10.11 26.17
CA PHE C 120 -22.13 9.26 25.73
C PHE C 120 -22.00 7.83 26.21
N GLY C 121 -20.79 7.27 26.17
CA GLY C 121 -20.57 5.87 26.46
C GLY C 121 -20.00 5.14 25.28
N ASP C 122 -19.98 3.81 25.38
CA ASP C 122 -19.50 2.99 24.28
C ASP C 122 -20.46 3.12 23.11
N GLY C 123 -19.93 3.18 21.91
CA GLY C 123 -20.76 3.28 20.74
C GLY C 123 -20.15 4.25 19.75
N ILE C 124 -20.98 4.82 18.89
CA ILE C 124 -20.47 5.71 17.86
C ILE C 124 -21.31 6.97 17.78
N ILE C 125 -20.73 7.99 17.17
CA ILE C 125 -21.50 9.09 16.61
C ILE C 125 -21.74 8.79 15.14
N SER C 126 -23.00 8.77 14.74
CA SER C 126 -23.38 8.30 13.41
C SER C 126 -22.93 9.25 12.32
N ALA C 127 -22.48 8.68 11.21
CA ALA C 127 -22.30 9.39 9.95
C ALA C 127 -23.50 9.20 9.01
N ILE C 128 -24.53 8.51 9.48
CA ILE C 128 -25.72 8.21 8.68
C ILE C 128 -26.91 9.03 9.14
N ASN C 129 -27.26 8.94 10.42
CA ASN C 129 -28.24 9.85 11.02
C ASN C 129 -27.43 11.09 11.38
N PHE C 130 -27.27 11.98 10.41
CA PHE C 130 -26.16 12.92 10.45
C PHE C 130 -26.46 14.11 9.55
N LYS C 131 -26.13 15.32 10.03
CA LYS C 131 -26.21 16.48 9.17
C LYS C 131 -24.97 17.33 9.36
N LEU C 132 -24.60 18.05 8.32
CA LEU C 132 -23.52 19.00 8.47
C LEU C 132 -23.85 20.29 7.76
N ASP C 133 -23.19 21.35 8.21
CA ASP C 133 -23.32 22.64 7.56
C ASP C 133 -22.04 23.42 7.74
N VAL C 134 -21.81 24.32 6.81
CA VAL C 134 -20.63 25.18 6.78
C VAL C 134 -21.12 26.63 6.89
N LYS C 135 -20.58 27.37 7.84
CA LYS C 135 -20.95 28.77 8.03
C LYS C 135 -19.71 29.63 7.97
N LYS C 136 -19.81 30.77 7.28
CA LYS C 136 -18.71 31.74 7.24
C LYS C 136 -18.97 32.80 8.29
N VAL C 137 -17.95 33.09 9.11
CA VAL C 137 -18.07 34.12 10.14
C VAL C 137 -16.80 34.96 10.15
N ALA C 138 -16.87 36.09 10.84
CA ALA C 138 -15.69 36.93 11.02
C ALA C 138 -14.73 36.30 12.02
N ASP C 139 -13.43 36.45 11.76
CA ASP C 139 -12.45 36.17 12.80
C ASP C 139 -12.28 37.41 13.65
N PRO C 140 -12.52 37.34 14.97
CA PRO C 140 -12.41 38.54 15.82
C PRO C 140 -11.01 39.11 15.86
N GLU C 141 -10.01 38.28 15.54
CA GLU C 141 -8.63 38.72 15.38
C GLU C 141 -8.37 39.36 14.01
N GLY C 142 -9.32 39.26 13.08
CA GLY C 142 -9.10 39.72 11.71
C GLY C 142 -9.22 38.58 10.72
N GLY C 143 -9.93 38.79 9.61
CA GLY C 143 -10.13 37.76 8.62
C GLY C 143 -11.45 37.04 8.77
N GLU C 144 -11.50 35.82 8.22
CA GLU C 144 -12.72 35.01 8.21
C GLU C 144 -12.41 33.62 8.74
N ARG C 145 -13.45 32.97 9.27
CA ARG C 145 -13.36 31.59 9.75
C ARG C 145 -14.53 30.77 9.23
N ALA C 146 -14.32 29.47 9.11
CA ALA C 146 -15.41 28.53 8.87
C ALA C 146 -15.76 27.82 10.16
N VAL C 147 -17.04 27.79 10.47
CA VAL C 147 -17.57 26.99 11.57
C VAL C 147 -18.33 25.84 10.93
N ILE C 148 -17.77 24.64 11.02
CA ILE C 148 -18.33 23.47 10.37
C ILE C 148 -18.92 22.59 11.45
N THR C 149 -20.23 22.37 11.36
CA THR C 149 -20.96 21.66 12.40
C THR C 149 -21.27 20.25 11.93
N LEU C 150 -20.82 19.28 12.71
CA LEU C 150 -21.09 17.86 12.49
C LEU C 150 -22.08 17.42 13.56
N ASP C 151 -23.26 16.96 13.11
CA ASP C 151 -24.40 16.73 14.00
C ASP C 151 -24.86 15.29 13.81
N GLY C 152 -24.46 14.40 14.70
CA GLY C 152 -24.70 12.97 14.50
C GLY C 152 -25.32 12.30 15.71
N LYS C 153 -26.21 11.35 15.43
CA LYS C 153 -26.86 10.59 16.50
C LYS C 153 -25.86 9.70 17.22
N TYR C 154 -25.97 9.65 18.55
CA TYR C 154 -25.22 8.68 19.32
C TYR C 154 -25.94 7.33 19.23
N LEU C 155 -25.22 6.31 18.74
CA LEU C 155 -25.69 4.93 18.75
C LEU C 155 -24.89 4.14 19.75
N PRO C 156 -25.49 3.61 20.83
CA PRO C 156 -24.70 2.90 21.82
C PRO C 156 -24.35 1.47 21.40
N THR C 157 -23.19 1.03 21.88
CA THR C 157 -22.78 -0.37 21.81
C THR C 157 -23.13 -0.99 23.16
N LYS C 158 -24.02 -1.99 23.14
CA LYS C 158 -24.50 -2.60 24.37
C LYS C 158 -24.20 -4.09 24.38
N PRO C 159 -24.00 -4.68 25.55
CA PRO C 159 -23.85 -6.14 25.62
C PRO C 159 -25.09 -6.86 25.11
N PHE C 160 -24.89 -8.06 24.57
N PHE C 160 -24.87 -8.04 24.53
CA PHE C 160 -26.01 -8.94 24.23
CA PHE C 160 -25.95 -8.95 24.21
C PHE C 160 -25.73 -10.39 24.61
C PHE C 160 -25.54 -10.37 24.58
N MET D 5 12.81 -15.27 -31.92
CA MET D 5 12.01 -14.17 -31.39
C MET D 5 12.84 -13.17 -30.59
N ILE D 6 13.05 -12.00 -31.19
CA ILE D 6 13.75 -10.92 -30.52
C ILE D 6 12.82 -9.78 -30.15
N GLN D 7 11.53 -9.87 -30.48
CA GLN D 7 10.60 -8.78 -30.18
C GLN D 7 9.93 -9.00 -28.83
N SER D 8 9.78 -7.92 -28.08
CA SER D 8 9.21 -8.04 -26.74
C SER D 8 8.33 -6.83 -26.41
N GLN D 9 7.40 -7.06 -25.47
CA GLN D 9 6.44 -6.10 -24.96
C GLN D 9 6.88 -5.46 -23.66
N ILE D 10 6.31 -4.28 -23.36
CA ILE D 10 6.61 -3.61 -22.09
C ILE D 10 5.34 -3.21 -21.34
N ASN D 11 4.19 -3.30 -21.98
CA ASN D 11 2.93 -2.93 -21.35
C ASN D 11 2.00 -4.13 -21.43
N ARG D 12 1.70 -4.75 -20.27
CA ARG D 12 0.91 -5.98 -20.28
C ARG D 12 -0.50 -5.76 -20.81
N ASN D 13 -1.00 -4.52 -20.81
CA ASN D 13 -2.39 -4.28 -21.18
C ASN D 13 -2.66 -4.66 -22.64
N ILE D 14 -1.67 -4.52 -23.53
CA ILE D 14 -1.86 -4.89 -24.93
C ILE D 14 -2.24 -6.36 -25.06
N ARG D 15 -1.39 -7.24 -24.52
CA ARG D 15 -1.68 -8.66 -24.61
C ARG D 15 -2.86 -9.07 -23.73
N LEU D 16 -3.12 -8.36 -22.63
CA LEU D 16 -4.26 -8.77 -21.82
C LEU D 16 -5.58 -8.37 -22.45
N ASP D 17 -5.61 -7.25 -23.18
CA ASP D 17 -6.78 -6.90 -23.97
C ASP D 17 -7.00 -7.93 -25.07
N LEU D 18 -5.93 -8.38 -25.72
CA LEU D 18 -6.05 -9.45 -26.70
C LEU D 18 -6.60 -10.71 -26.05
N ALA D 19 -6.13 -11.04 -24.84
CA ALA D 19 -6.67 -12.21 -24.15
C ALA D 19 -8.19 -12.12 -23.97
N ASP D 20 -8.73 -10.94 -23.64
CA ASP D 20 -10.17 -10.83 -23.48
C ASP D 20 -10.89 -11.08 -24.80
N ALA D 21 -10.35 -10.56 -25.90
CA ALA D 21 -10.93 -10.84 -27.22
C ALA D 21 -10.88 -12.33 -27.55
N ILE D 22 -9.74 -12.97 -27.27
CA ILE D 22 -9.61 -14.42 -27.46
C ILE D 22 -10.69 -15.15 -26.67
N LEU D 23 -10.86 -14.79 -25.39
CA LEU D 23 -11.83 -15.51 -24.56
C LEU D 23 -13.25 -15.38 -25.09
N LEU D 24 -13.61 -14.20 -25.61
CA LEU D 24 -14.94 -14.03 -26.18
C LEU D 24 -15.12 -14.91 -27.43
N SER D 25 -14.14 -14.89 -28.33
CA SER D 25 -14.22 -15.72 -29.52
C SER D 25 -14.27 -17.19 -29.16
N LYS D 26 -13.43 -17.60 -28.20
CA LYS D 26 -13.42 -18.96 -27.70
C LYS D 26 -14.80 -19.35 -27.17
N ALA D 27 -15.47 -18.45 -26.45
CA ALA D 27 -16.78 -18.77 -25.90
C ALA D 27 -17.84 -18.87 -26.98
N LYS D 28 -17.80 -17.95 -27.95
CA LYS D 28 -18.74 -18.01 -29.06
C LYS D 28 -18.58 -19.28 -29.87
N LYS D 29 -17.35 -19.79 -29.96
CA LYS D 29 -17.07 -20.98 -30.74
C LYS D 29 -17.15 -22.27 -29.93
N ASP D 30 -17.52 -22.19 -28.65
CA ASP D 30 -17.70 -23.37 -27.80
C ASP D 30 -16.42 -24.23 -27.76
N LEU D 31 -15.26 -23.57 -27.71
CA LEU D 31 -13.97 -24.23 -27.74
C LEU D 31 -13.40 -24.40 -26.34
N SER D 32 -12.66 -25.49 -26.13
CA SER D 32 -11.88 -25.69 -24.92
C SER D 32 -10.42 -25.34 -25.18
N PHE D 33 -9.68 -25.09 -24.09
CA PHE D 33 -8.25 -24.87 -24.23
C PHE D 33 -7.54 -26.13 -24.71
N ALA D 34 -8.02 -27.30 -24.29
CA ALA D 34 -7.42 -28.55 -24.78
C ALA D 34 -7.51 -28.64 -26.30
N GLU D 35 -8.65 -28.30 -26.88
CA GLU D 35 -8.74 -28.45 -28.33
C GLU D 35 -8.07 -27.31 -29.07
N ILE D 36 -7.96 -26.12 -28.45
CA ILE D 36 -7.16 -25.06 -29.08
C ILE D 36 -5.71 -25.48 -29.18
N ALA D 37 -5.18 -26.12 -28.12
CA ALA D 37 -3.80 -26.55 -28.10
C ALA D 37 -3.56 -27.80 -28.95
N ASP D 38 -4.61 -28.55 -29.24
CA ASP D 38 -4.46 -29.78 -30.01
C ASP D 38 -3.93 -29.47 -31.41
N GLY D 39 -2.85 -30.14 -31.79
CA GLY D 39 -2.22 -29.91 -33.08
C GLY D 39 -1.06 -28.95 -33.04
N THR D 40 -0.81 -28.31 -31.90
CA THR D 40 0.38 -27.46 -31.76
C THR D 40 1.61 -28.24 -31.32
N GLY D 41 1.42 -29.45 -30.79
CA GLY D 41 2.50 -30.14 -30.10
C GLY D 41 2.94 -29.50 -28.81
N LEU D 42 2.20 -28.50 -28.32
CA LEU D 42 2.55 -27.81 -27.09
C LEU D 42 1.57 -28.17 -25.99
N ALA D 43 2.07 -28.14 -24.76
CA ALA D 43 1.26 -28.52 -23.60
C ALA D 43 0.11 -27.53 -23.40
N GLU D 44 -1.00 -28.06 -22.88
CA GLU D 44 -2.18 -27.22 -22.70
C GLU D 44 -1.91 -26.06 -21.74
N ALA D 45 -1.08 -26.28 -20.71
CA ALA D 45 -0.74 -25.16 -19.82
C ALA D 45 0.07 -24.10 -20.55
N PHE D 46 0.95 -24.50 -21.47
CA PHE D 46 1.79 -23.51 -22.14
C PHE D 46 0.97 -22.67 -23.12
N VAL D 47 0.18 -23.34 -23.97
CA VAL D 47 -0.64 -22.61 -24.94
C VAL D 47 -1.64 -21.71 -24.23
N THR D 48 -2.32 -22.24 -23.20
CA THR D 48 -3.27 -21.43 -22.45
C THR D 48 -2.58 -20.19 -21.90
N ALA D 49 -1.41 -20.37 -21.30
CA ALA D 49 -0.67 -19.22 -20.76
C ALA D 49 -0.38 -18.19 -21.84
N ALA D 50 -0.02 -18.66 -23.04
CA ALA D 50 0.28 -17.72 -24.12
C ALA D 50 -0.96 -16.94 -24.52
N LEU D 51 -2.11 -17.62 -24.65
CA LEU D 51 -3.34 -16.92 -24.99
C LEU D 51 -3.66 -15.85 -23.95
N LEU D 52 -3.42 -16.15 -22.67
CA LEU D 52 -3.67 -15.24 -21.55
C LEU D 52 -2.54 -14.23 -21.32
N GLY D 53 -1.58 -14.13 -22.25
CA GLY D 53 -0.59 -13.07 -22.24
C GLY D 53 0.70 -13.37 -21.49
N GLN D 54 0.94 -14.62 -21.10
CA GLN D 54 2.04 -14.95 -20.20
C GLN D 54 3.12 -15.83 -20.82
N GLN D 55 2.99 -16.20 -22.10
CA GLN D 55 4.04 -16.87 -22.84
C GLN D 55 4.00 -16.36 -24.28
N ALA D 56 5.03 -16.73 -25.04
CA ALA D 56 5.11 -16.44 -26.48
C ALA D 56 4.87 -17.72 -27.26
N LEU D 57 4.00 -17.66 -28.26
CA LEU D 57 3.84 -18.82 -29.15
C LEU D 57 4.83 -18.76 -30.30
N PRO D 58 5.41 -19.90 -30.70
CA PRO D 58 6.15 -19.92 -31.96
C PRO D 58 5.20 -19.66 -33.12
N ALA D 59 5.77 -19.30 -34.27
CA ALA D 59 4.97 -18.78 -35.38
C ALA D 59 3.93 -19.81 -35.84
N ASP D 60 4.32 -21.09 -35.95
CA ASP D 60 3.40 -22.09 -36.46
C ASP D 60 2.20 -22.27 -35.53
N ALA D 61 2.45 -22.35 -34.22
CA ALA D 61 1.35 -22.45 -33.26
C ALA D 61 0.50 -21.19 -33.25
N ALA D 62 1.12 -20.01 -33.36
CA ALA D 62 0.35 -18.77 -33.38
C ALA D 62 -0.58 -18.72 -34.59
N ARG D 63 -0.13 -19.21 -35.75
CA ARG D 63 -1.00 -19.22 -36.92
C ARG D 63 -2.12 -20.23 -36.75
N LEU D 64 -1.82 -21.38 -36.16
CA LEU D 64 -2.83 -22.41 -35.98
C LEU D 64 -3.93 -21.98 -35.02
N VAL D 65 -3.54 -21.46 -33.84
CA VAL D 65 -4.59 -21.03 -32.91
C VAL D 65 -5.27 -19.76 -33.41
N GLY D 66 -4.55 -18.94 -34.18
CA GLY D 66 -5.17 -17.76 -34.77
C GLY D 66 -6.27 -18.12 -35.75
N ALA D 67 -6.01 -19.14 -36.58
CA ALA D 67 -7.06 -19.66 -37.47
C ALA D 67 -8.25 -20.18 -36.68
N LYS D 68 -7.99 -20.92 -35.60
CA LYS D 68 -9.07 -21.53 -34.83
C LYS D 68 -9.97 -20.49 -34.17
N LEU D 69 -9.39 -19.35 -33.80
CA LEU D 69 -10.10 -18.30 -33.06
C LEU D 69 -10.44 -17.10 -33.93
N ASP D 70 -10.16 -17.18 -35.23
CA ASP D 70 -10.42 -16.09 -36.17
C ASP D 70 -9.75 -14.79 -35.72
N LEU D 71 -8.46 -14.87 -35.40
CA LEU D 71 -7.70 -13.70 -35.01
C LEU D 71 -7.16 -12.98 -36.24
N ASP D 72 -7.07 -11.64 -36.14
CA ASP D 72 -6.49 -10.87 -37.23
C ASP D 72 -4.96 -10.96 -37.20
N GLU D 73 -4.33 -10.41 -38.23
CA GLU D 73 -2.89 -10.64 -38.41
C GLU D 73 -2.08 -9.95 -37.32
N ASP D 74 -2.52 -8.77 -36.87
CA ASP D 74 -1.83 -8.09 -35.78
C ASP D 74 -1.86 -8.92 -34.52
N SER D 75 -3.01 -9.56 -34.25
CA SER D 75 -3.15 -10.39 -33.06
C SER D 75 -2.29 -11.64 -33.15
N ILE D 76 -2.23 -12.27 -34.33
CA ILE D 76 -1.35 -13.42 -34.50
C ILE D 76 0.10 -13.03 -34.28
N LEU D 77 0.50 -11.84 -34.74
CA LEU D 77 1.85 -11.36 -34.46
C LEU D 77 2.03 -11.11 -32.97
N LEU D 78 1.05 -10.50 -32.32
CA LEU D 78 1.18 -10.18 -30.90
C LEU D 78 1.39 -11.43 -30.06
N LEU D 79 0.73 -12.54 -30.42
CA LEU D 79 0.89 -13.78 -29.65
C LEU D 79 2.31 -14.32 -29.72
N GLN D 80 3.08 -13.91 -30.74
CA GLN D 80 4.47 -14.35 -30.89
C GLN D 80 5.47 -13.49 -30.14
N MET D 81 5.07 -12.32 -29.67
CA MET D 81 6.01 -11.43 -29.01
C MET D 81 6.23 -11.88 -27.57
N ILE D 82 7.43 -11.62 -27.07
CA ILE D 82 7.72 -11.99 -25.68
C ILE D 82 6.96 -11.05 -24.75
N PRO D 83 6.19 -11.57 -23.81
CA PRO D 83 5.25 -10.72 -23.06
C PRO D 83 5.92 -9.98 -21.92
N LEU D 84 5.24 -8.93 -21.46
CA LEU D 84 5.48 -8.35 -20.14
C LEU D 84 4.60 -9.17 -19.20
N ARG D 85 5.20 -10.08 -18.46
CA ARG D 85 4.44 -11.08 -17.73
C ARG D 85 3.96 -10.52 -16.40
N GLY D 86 2.87 -11.13 -15.91
CA GLY D 86 2.26 -10.74 -14.65
C GLY D 86 0.75 -10.74 -14.80
N CYS D 87 0.08 -11.80 -14.38
CA CYS D 87 -1.34 -11.93 -14.67
C CYS D 87 -2.24 -11.40 -13.57
N ILE D 88 -1.69 -11.10 -12.40
CA ILE D 88 -2.52 -10.72 -11.26
C ILE D 88 -2.75 -9.22 -11.33
N ASP D 89 -4.01 -8.80 -11.25
CA ASP D 89 -4.36 -7.39 -11.38
C ASP D 89 -3.56 -6.51 -10.41
N ASP D 90 -3.60 -6.84 -9.09
CA ASP D 90 -2.95 -6.01 -8.07
C ASP D 90 -2.36 -6.90 -6.97
N ARG D 91 -1.35 -7.68 -7.35
CA ARG D 91 -0.44 -8.39 -6.45
C ARG D 91 -1.05 -9.58 -5.72
N ILE D 92 -2.23 -9.42 -5.12
CA ILE D 92 -2.92 -10.51 -4.43
C ILE D 92 -4.24 -10.76 -5.17
N PRO D 93 -4.53 -11.98 -5.60
CA PRO D 93 -5.77 -12.22 -6.37
C PRO D 93 -7.01 -11.97 -5.52
N THR D 94 -8.08 -11.49 -6.16
CA THR D 94 -9.38 -11.44 -5.50
C THR D 94 -10.22 -12.69 -5.79
N ASP D 95 -9.96 -13.32 -6.92
CA ASP D 95 -10.77 -14.46 -7.35
C ASP D 95 -10.52 -15.67 -6.45
N PRO D 96 -11.57 -16.31 -5.91
CA PRO D 96 -11.34 -17.46 -5.02
C PRO D 96 -10.48 -18.56 -5.63
N THR D 97 -10.69 -18.87 -6.90
CA THR D 97 -9.96 -19.98 -7.50
C THR D 97 -8.48 -19.68 -7.55
N MET D 98 -8.14 -18.45 -7.94
CA MET D 98 -6.75 -18.03 -7.95
C MET D 98 -6.21 -17.86 -6.54
N TYR D 99 -7.04 -17.32 -5.63
CA TYR D 99 -6.56 -17.04 -4.27
C TYR D 99 -6.09 -18.30 -3.56
N ARG D 100 -6.73 -19.45 -3.79
CA ARG D 100 -6.31 -20.66 -3.09
C ARG D 100 -4.85 -20.99 -3.35
N PHE D 101 -4.35 -20.70 -4.56
CA PHE D 101 -2.93 -20.94 -4.81
C PHE D 101 -2.05 -19.95 -4.07
N TYR D 102 -2.49 -18.70 -3.90
CA TYR D 102 -1.79 -17.77 -3.01
C TYR D 102 -1.84 -18.25 -1.56
N GLU D 103 -2.99 -18.75 -1.11
CA GLU D 103 -3.07 -19.22 0.28
C GLU D 103 -2.12 -20.38 0.51
N MET D 104 -1.91 -21.23 -0.49
CA MET D 104 -0.91 -22.28 -0.31
C MET D 104 0.46 -21.70 -0.02
N LEU D 105 0.79 -20.55 -0.63
CA LEU D 105 2.04 -19.88 -0.30
CA LEU D 105 2.05 -19.91 -0.28
C LEU D 105 2.03 -19.31 1.12
N GLN D 106 0.90 -18.73 1.53
CA GLN D 106 0.84 -18.20 2.91
C GLN D 106 0.97 -19.30 3.95
N VAL D 107 0.49 -20.52 3.68
CA VAL D 107 0.57 -21.59 4.67
C VAL D 107 1.87 -22.37 4.55
N TYR D 108 2.32 -22.65 3.32
CA TYR D 108 3.46 -23.53 3.11
C TYR D 108 4.69 -22.84 2.54
N GLY D 109 4.67 -21.51 2.36
CA GLY D 109 5.84 -20.87 1.73
C GLY D 109 7.14 -21.12 2.47
N THR D 110 7.14 -21.01 3.80
CA THR D 110 8.38 -21.23 4.53
C THR D 110 8.74 -22.71 4.61
N THR D 111 7.74 -23.60 4.54
CA THR D 111 8.00 -25.03 4.45
C THR D 111 8.65 -25.39 3.13
N LEU D 112 8.15 -24.82 2.04
CA LEU D 112 8.78 -25.04 0.74
C LEU D 112 10.24 -24.59 0.76
N LYS D 113 10.50 -23.39 1.30
CA LYS D 113 11.89 -22.94 1.45
C LYS D 113 12.70 -23.94 2.27
N ALA D 114 12.19 -24.34 3.43
CA ALA D 114 12.95 -25.20 4.32
C ALA D 114 13.26 -26.55 3.68
N LEU D 115 12.27 -27.15 3.02
CA LEU D 115 12.49 -28.45 2.39
C LEU D 115 13.36 -28.35 1.14
N VAL D 116 13.27 -27.25 0.39
CA VAL D 116 14.18 -27.08 -0.73
C VAL D 116 15.63 -27.00 -0.23
N HIS D 117 15.87 -26.20 0.83
CA HIS D 117 17.26 -26.09 1.28
C HIS D 117 17.74 -27.41 1.88
N GLU D 118 16.84 -28.17 2.50
CA GLU D 118 17.23 -29.45 3.09
C GLU D 118 17.62 -30.47 2.02
N LYS D 119 16.85 -30.54 0.93
CA LYS D 119 17.06 -31.59 -0.07
C LYS D 119 18.10 -31.22 -1.11
N PHE D 120 18.21 -29.94 -1.45
CA PHE D 120 19.05 -29.46 -2.53
C PHE D 120 20.22 -28.61 -2.07
N GLY D 121 19.99 -27.73 -1.11
CA GLY D 121 21.00 -26.78 -0.66
C GLY D 121 20.51 -25.34 -0.85
N ASP D 122 21.44 -24.42 -0.68
CA ASP D 122 21.13 -23.00 -0.91
C ASP D 122 20.85 -22.79 -2.38
N GLY D 123 19.87 -21.93 -2.67
CA GLY D 123 19.52 -21.63 -4.03
C GLY D 123 18.01 -21.62 -4.18
N ILE D 124 17.54 -21.91 -5.37
CA ILE D 124 16.12 -21.78 -5.72
C ILE D 124 15.67 -22.96 -6.57
N ILE D 125 14.36 -23.16 -6.57
CA ILE D 125 13.69 -23.95 -7.58
C ILE D 125 13.19 -22.97 -8.63
N SER D 126 13.61 -23.19 -9.88
CA SER D 126 13.35 -22.24 -10.95
C SER D 126 11.88 -22.14 -11.31
N ALA D 127 11.44 -20.92 -11.58
CA ALA D 127 10.17 -20.62 -12.23
C ALA D 127 10.34 -20.43 -13.74
N ILE D 128 11.57 -20.56 -14.23
CA ILE D 128 11.90 -20.37 -15.65
C ILE D 128 12.19 -21.71 -16.32
N ASN D 129 13.16 -22.45 -15.80
CA ASN D 129 13.36 -23.83 -16.20
C ASN D 129 12.31 -24.65 -15.44
N PHE D 130 11.11 -24.70 -16.02
CA PHE D 130 9.94 -24.98 -15.20
C PHE D 130 8.80 -25.43 -16.10
N LYS D 131 8.05 -26.42 -15.62
CA LYS D 131 6.86 -26.92 -16.31
C LYS D 131 5.79 -27.18 -15.27
N LEU D 132 4.52 -27.07 -15.68
CA LEU D 132 3.47 -27.50 -14.76
C LEU D 132 2.36 -28.18 -15.54
N ASP D 133 1.56 -28.94 -14.78
CA ASP D 133 0.40 -29.56 -15.39
C ASP D 133 -0.65 -29.77 -14.31
N VAL D 134 -1.89 -29.88 -14.79
CA VAL D 134 -3.08 -30.07 -13.97
C VAL D 134 -3.74 -31.37 -14.38
N LYS D 135 -3.93 -32.27 -13.43
CA LYS D 135 -4.56 -33.56 -13.67
C LYS D 135 -5.75 -33.76 -12.74
N LYS D 136 -6.84 -34.30 -13.29
CA LYS D 136 -8.00 -34.67 -12.49
C LYS D 136 -7.88 -36.13 -12.08
N VAL D 137 -8.13 -36.42 -10.81
CA VAL D 137 -8.14 -37.78 -10.31
C VAL D 137 -9.35 -37.97 -9.41
N ALA D 138 -9.82 -39.22 -9.31
CA ALA D 138 -10.90 -39.52 -8.37
C ALA D 138 -10.39 -39.45 -6.94
N ASP D 139 -11.21 -38.87 -6.07
CA ASP D 139 -11.01 -38.97 -4.63
C ASP D 139 -11.67 -40.24 -4.12
N PRO D 140 -10.94 -41.12 -3.42
CA PRO D 140 -11.55 -42.38 -2.95
C PRO D 140 -12.65 -42.18 -1.93
N GLU D 141 -12.69 -41.05 -1.22
CA GLU D 141 -13.80 -40.76 -0.32
C GLU D 141 -14.96 -40.08 -1.04
N GLY D 142 -14.89 -39.95 -2.35
CA GLY D 142 -15.94 -39.33 -3.13
C GLY D 142 -15.49 -38.01 -3.75
N GLY D 143 -15.98 -37.74 -4.94
CA GLY D 143 -15.63 -36.50 -5.63
C GLY D 143 -14.33 -36.61 -6.40
N GLU D 144 -13.74 -35.45 -6.65
CA GLU D 144 -12.57 -35.37 -7.53
C GLU D 144 -11.52 -34.50 -6.88
N ARG D 145 -10.26 -34.76 -7.24
CA ARG D 145 -9.15 -33.93 -6.80
C ARG D 145 -8.37 -33.44 -8.01
N ALA D 146 -7.69 -32.31 -7.82
CA ALA D 146 -6.71 -31.81 -8.77
C ALA D 146 -5.31 -32.09 -8.23
N VAL D 147 -4.50 -32.76 -9.05
CA VAL D 147 -3.08 -32.96 -8.77
C VAL D 147 -2.32 -32.01 -9.69
N ILE D 148 -1.76 -30.96 -9.10
CA ILE D 148 -1.04 -29.95 -9.85
C ILE D 148 0.43 -30.15 -9.56
N THR D 149 1.20 -30.42 -10.61
CA THR D 149 2.62 -30.73 -10.50
C THR D 149 3.43 -29.52 -10.94
N LEU D 150 4.25 -29.00 -10.03
CA LEU D 150 5.21 -27.94 -10.31
C LEU D 150 6.58 -28.60 -10.42
N ASP D 151 7.23 -28.42 -11.56
CA ASP D 151 8.46 -29.16 -11.86
C ASP D 151 9.52 -28.14 -12.30
N GLY D 152 10.43 -27.80 -11.38
CA GLY D 152 11.43 -26.78 -11.65
C GLY D 152 12.84 -27.25 -11.35
N LYS D 153 13.79 -26.74 -12.14
CA LYS D 153 15.19 -27.07 -11.90
C LYS D 153 15.73 -26.40 -10.65
N TYR D 154 16.55 -27.14 -9.90
CA TYR D 154 17.30 -26.56 -8.79
C TYR D 154 18.49 -25.78 -9.32
N LEU D 155 18.60 -24.51 -8.93
CA LEU D 155 19.74 -23.67 -9.27
C LEU D 155 20.45 -23.32 -7.98
N PRO D 156 21.70 -23.73 -7.79
CA PRO D 156 22.38 -23.48 -6.52
C PRO D 156 22.91 -22.06 -6.42
N THR D 157 22.93 -21.59 -5.18
CA THR D 157 23.63 -20.38 -4.77
C THR D 157 24.95 -20.82 -4.14
N LYS D 158 26.05 -20.52 -4.83
CA LYS D 158 27.37 -20.90 -4.37
C LYS D 158 28.19 -19.67 -4.01
N PRO D 159 29.15 -19.80 -3.10
CA PRO D 159 30.06 -18.68 -2.82
C PRO D 159 30.93 -18.38 -4.04
N PHE D 160 31.38 -17.14 -4.14
N PHE D 160 31.35 -17.13 -4.15
CA PHE D 160 32.31 -16.76 -5.19
CA PHE D 160 32.29 -16.73 -5.20
C PHE D 160 33.37 -15.77 -4.70
C PHE D 160 33.34 -15.77 -4.65
N MET E 5 34.04 8.24 7.60
CA MET E 5 35.04 7.68 6.69
C MET E 5 34.52 6.47 5.93
N ILE E 6 34.81 5.26 6.41
CA ILE E 6 34.45 4.05 5.67
C ILE E 6 33.41 3.20 6.37
N GLN E 7 32.98 3.55 7.58
CA GLN E 7 31.97 2.75 8.29
C GLN E 7 30.57 3.27 8.01
N SER E 8 29.63 2.34 7.81
CA SER E 8 28.27 2.74 7.46
C SER E 8 27.26 1.80 8.10
N GLN E 9 26.04 2.31 8.21
CA GLN E 9 24.90 1.64 8.83
C GLN E 9 23.95 1.07 7.77
N ILE E 10 23.16 0.06 8.17
CA ILE E 10 22.17 -0.50 7.24
C ILE E 10 20.77 -0.50 7.82
N ASN E 11 20.63 -0.23 9.13
CA ASN E 11 19.34 -0.26 9.80
C ASN E 11 19.13 1.08 10.51
N ARG E 12 18.18 1.88 10.01
CA ARG E 12 18.04 3.24 10.51
C ARG E 12 17.62 3.27 11.98
N ASN E 13 17.08 2.17 12.52
CA ASN E 13 16.59 2.20 13.88
C ASN E 13 17.70 2.47 14.90
N ILE E 14 18.94 2.05 14.63
CA ILE E 14 20.03 2.29 15.57
C ILE E 14 20.25 3.79 15.80
N ARG E 15 20.44 4.56 14.71
CA ARG E 15 20.68 5.98 14.86
C ARG E 15 19.42 6.73 15.26
N LEU E 16 18.24 6.22 14.88
CA LEU E 16 17.01 6.91 15.25
C LEU E 16 16.70 6.71 16.73
N ASP E 17 17.04 5.54 17.28
CA ASP E 17 16.97 5.35 18.73
C ASP E 17 17.96 6.26 19.44
N LEU E 18 19.16 6.42 18.89
CA LEU E 18 20.11 7.36 19.46
C LEU E 18 19.55 8.79 19.41
N ALA E 19 18.89 9.15 18.30
CA ALA E 19 18.31 10.49 18.22
C ALA E 19 17.30 10.74 19.33
N ASP E 20 16.49 9.73 19.66
CA ASP E 20 15.52 9.90 20.74
C ASP E 20 16.21 10.17 22.06
N ALA E 21 17.27 9.41 22.37
CA ALA E 21 18.04 9.66 23.59
C ALA E 21 18.69 11.04 23.55
N ILE E 22 19.18 11.45 22.38
CA ILE E 22 19.79 12.77 22.25
C ILE E 22 18.76 13.86 22.54
N LEU E 23 17.52 13.69 22.05
CA LEU E 23 16.51 14.71 22.25
C LEU E 23 16.10 14.82 23.72
N LEU E 24 16.08 13.70 24.42
CA LEU E 24 15.78 13.73 25.86
C LEU E 24 16.86 14.50 26.63
N SER E 25 18.13 14.16 26.39
CA SER E 25 19.21 14.86 27.05
C SER E 25 19.17 16.34 26.72
N LYS E 26 18.97 16.68 25.44
CA LYS E 26 18.87 18.06 25.03
C LYS E 26 17.76 18.79 25.78
N ALA E 27 16.59 18.16 25.89
CA ALA E 27 15.48 18.79 26.60
C ALA E 27 15.79 18.95 28.08
N LYS E 28 16.35 17.91 28.70
CA LYS E 28 16.71 17.99 30.12
C LYS E 28 17.72 19.10 30.37
N LYS E 29 18.59 19.37 29.41
CA LYS E 29 19.62 20.38 29.58
C LYS E 29 19.21 21.74 29.01
N ASP E 30 17.98 21.86 28.48
CA ASP E 30 17.47 23.14 28.00
C ASP E 30 18.36 23.70 26.89
N LEU E 31 18.78 22.83 25.97
CA LEU E 31 19.68 23.21 24.87
C LEU E 31 18.93 23.40 23.56
N SER E 32 19.41 24.35 22.77
CA SER E 32 18.93 24.54 21.41
C SER E 32 19.86 23.87 20.42
N PHE E 33 19.36 23.63 19.21
CA PHE E 33 20.21 23.07 18.17
C PHE E 33 21.29 24.05 17.75
N ALA E 34 20.95 25.33 17.68
CA ALA E 34 21.94 26.37 17.39
C ALA E 34 23.12 26.30 18.35
N GLU E 35 22.86 26.12 19.64
CA GLU E 35 23.98 26.12 20.58
C GLU E 35 24.68 24.78 20.65
N ILE E 36 24.01 23.68 20.34
CA ILE E 36 24.73 22.42 20.17
C ILE E 36 25.72 22.52 19.01
N ALA E 37 25.32 23.18 17.92
CA ALA E 37 26.17 23.29 16.75
C ALA E 37 27.27 24.34 16.94
N ASP E 38 27.02 25.35 17.77
CA ASP E 38 27.99 26.43 17.95
C ASP E 38 29.35 25.85 18.34
N GLY E 39 30.39 26.32 17.64
CA GLY E 39 31.74 25.84 17.88
C GLY E 39 32.18 24.67 17.03
N THR E 40 31.27 24.06 16.26
CA THR E 40 31.66 22.94 15.39
C THR E 40 32.26 23.40 14.07
N GLY E 41 31.98 24.64 13.66
CA GLY E 41 32.28 25.08 12.32
C GLY E 41 31.31 24.57 11.28
N LEU E 42 30.26 23.87 11.70
CA LEU E 42 29.28 23.31 10.77
C LEU E 42 27.92 23.98 10.95
N ALA E 43 27.17 24.07 9.85
CA ALA E 43 25.90 24.75 9.86
C ALA E 43 24.88 24.01 10.74
N GLU E 44 23.97 24.78 11.34
CA GLU E 44 22.99 24.15 12.23
C GLU E 44 22.20 23.07 11.51
N ALA E 45 21.85 23.29 10.24
CA ALA E 45 21.05 22.27 9.55
C ALA E 45 21.83 20.98 9.37
N PHE E 46 23.15 21.06 9.21
CA PHE E 46 23.94 19.84 9.03
C PHE E 46 24.09 19.09 10.34
N VAL E 47 24.45 19.80 11.42
CA VAL E 47 24.62 19.16 12.72
C VAL E 47 23.29 18.61 13.22
N THR E 48 22.21 19.40 13.08
CA THR E 48 20.91 18.90 13.50
C THR E 48 20.55 17.61 12.76
N ALA E 49 20.73 17.61 11.44
CA ALA E 49 20.44 16.40 10.67
C ALA E 49 21.24 15.20 11.16
N ALA E 50 22.50 15.42 11.53
CA ALA E 50 23.33 14.33 12.02
C ALA E 50 22.79 13.79 13.34
N LEU E 51 22.45 14.68 14.27
CA LEU E 51 21.86 14.24 15.53
C LEU E 51 20.61 13.41 15.28
N LEU E 52 19.84 13.77 14.25
CA LEU E 52 18.59 13.09 13.92
C LEU E 52 18.81 11.92 12.97
N GLY E 53 20.05 11.50 12.78
CA GLY E 53 20.34 10.25 12.10
C GLY E 53 20.55 10.36 10.61
N GLN E 54 20.65 11.58 10.05
CA GLN E 54 20.62 11.74 8.59
C GLN E 54 21.92 12.27 8.00
N GLN E 55 22.96 12.43 8.81
CA GLN E 55 24.28 12.81 8.34
C GLN E 55 25.30 12.20 9.27
N ALA E 56 26.56 12.19 8.84
CA ALA E 56 27.67 11.73 9.68
C ALA E 56 28.47 12.94 10.17
N LEU E 57 28.77 12.95 11.47
CA LEU E 57 29.61 14.04 11.99
C LEU E 57 31.09 13.66 11.92
N PRO E 58 31.95 14.60 11.54
CA PRO E 58 33.39 14.38 11.72
C PRO E 58 33.71 14.15 13.19
N ALA E 59 34.85 13.50 13.43
CA ALA E 59 35.21 13.08 14.78
C ALA E 59 35.25 14.25 15.75
N ASP E 60 35.81 15.38 15.32
CA ASP E 60 35.97 16.53 16.21
C ASP E 60 34.61 17.07 16.64
N ALA E 61 33.65 17.12 15.71
CA ALA E 61 32.33 17.62 16.03
C ALA E 61 31.50 16.62 16.83
N ALA E 62 31.68 15.32 16.56
CA ALA E 62 30.96 14.32 17.34
C ALA E 62 31.42 14.31 18.80
N ARG E 63 32.72 14.41 19.01
CA ARG E 63 33.24 14.53 20.38
C ARG E 63 32.69 15.79 21.05
N LEU E 64 32.63 16.90 20.31
CA LEU E 64 32.19 18.16 20.92
C LEU E 64 30.70 18.09 21.29
N VAL E 65 29.85 17.72 20.33
CA VAL E 65 28.42 17.66 20.64
C VAL E 65 28.13 16.56 21.66
N GLY E 66 28.95 15.50 21.68
CA GLY E 66 28.76 14.44 22.66
C GLY E 66 29.08 14.88 24.07
N ALA E 67 30.07 15.77 24.22
CA ALA E 67 30.34 16.35 25.53
C ALA E 67 29.15 17.16 26.02
N LYS E 68 28.62 18.03 25.16
CA LYS E 68 27.48 18.88 25.53
C LYS E 68 26.29 18.05 26.00
N LEU E 69 26.07 16.88 25.40
CA LEU E 69 24.87 16.09 25.63
C LEU E 69 25.09 14.91 26.55
N ASP E 70 26.33 14.72 27.04
CA ASP E 70 26.70 13.62 27.93
C ASP E 70 26.38 12.27 27.29
N LEU E 71 26.96 12.05 26.13
CA LEU E 71 26.78 10.80 25.40
C LEU E 71 27.90 9.84 25.76
N ASP E 72 27.58 8.55 25.82
CA ASP E 72 28.61 7.55 26.04
C ASP E 72 29.46 7.37 24.79
N GLU E 73 30.53 6.59 24.91
CA GLU E 73 31.51 6.53 23.84
C GLU E 73 30.96 5.81 22.61
N ASP E 74 30.09 4.82 22.80
CA ASP E 74 29.47 4.18 21.65
C ASP E 74 28.59 5.16 20.87
N SER E 75 27.84 6.01 21.57
CA SER E 75 26.99 6.99 20.90
C SER E 75 27.80 8.00 20.10
N ILE E 76 28.95 8.44 20.65
CA ILE E 76 29.82 9.35 19.91
C ILE E 76 30.36 8.67 18.66
N LEU E 77 30.64 7.36 18.74
CA LEU E 77 31.08 6.64 17.56
C LEU E 77 29.96 6.49 16.55
N LEU E 78 28.74 6.17 17.01
CA LEU E 78 27.62 6.02 16.08
C LEU E 78 27.36 7.30 15.32
N LEU E 79 27.53 8.46 15.96
CA LEU E 79 27.29 9.73 15.28
C LEU E 79 28.23 9.94 14.10
N GLN E 80 29.39 9.28 14.09
CA GLN E 80 30.36 9.41 13.01
C GLN E 80 30.13 8.43 11.87
N MET E 81 29.26 7.45 12.06
CA MET E 81 29.01 6.45 11.03
C MET E 81 28.14 7.03 9.93
N ILE E 82 28.35 6.53 8.71
CA ILE E 82 27.54 6.99 7.58
C ILE E 82 26.16 6.35 7.75
N PRO E 83 25.09 7.13 7.79
CA PRO E 83 23.78 6.56 8.16
C PRO E 83 23.08 5.87 7.00
N LEU E 84 22.10 5.05 7.39
CA LEU E 84 21.03 4.59 6.51
C LEU E 84 19.97 5.66 6.59
N ARG E 85 19.92 6.52 5.58
CA ARG E 85 19.13 7.74 5.65
C ARG E 85 17.67 7.48 5.31
N GLY E 86 16.80 8.34 5.84
CA GLY E 86 15.37 8.28 5.64
C GLY E 86 14.66 8.54 6.95
N CYS E 87 14.18 9.78 7.14
CA CYS E 87 13.63 10.17 8.43
C CYS E 87 12.13 9.96 8.54
N ILE E 88 11.42 9.75 7.43
CA ILE E 88 9.97 9.64 7.45
C ILE E 88 9.57 8.23 7.86
N ASP E 89 8.71 8.13 8.87
CA ASP E 89 8.29 6.83 9.37
C ASP E 89 7.79 5.92 8.25
N ASP E 90 6.78 6.37 7.49
CA ASP E 90 6.14 5.53 6.46
C ASP E 90 5.77 6.36 5.22
N ARG E 91 6.81 6.83 4.52
CA ARG E 91 6.74 7.47 3.19
C ARG E 91 6.10 8.86 3.17
N ILE E 92 4.93 9.03 3.77
CA ILE E 92 4.23 10.31 3.81
C ILE E 92 4.17 10.74 5.26
N PRO E 93 4.60 11.94 5.61
CA PRO E 93 4.54 12.35 7.02
C PRO E 93 3.11 12.51 7.50
N THR E 94 2.89 12.20 8.79
CA THR E 94 1.63 12.54 9.44
C THR E 94 1.69 13.88 10.14
N ASP E 95 2.87 14.28 10.58
CA ASP E 95 3.04 15.50 11.35
C ASP E 95 2.74 16.73 10.50
N PRO E 96 1.86 17.64 10.94
CA PRO E 96 1.51 18.78 10.08
C PRO E 96 2.71 19.62 9.65
N THR E 97 3.69 19.81 10.54
CA THR E 97 4.84 20.66 10.22
C THR E 97 5.64 20.04 9.09
N MET E 98 5.95 18.73 9.18
CA MET E 98 6.59 18.11 8.02
C MET E 98 5.65 17.89 6.85
N TYR E 99 4.35 17.68 7.09
CA TYR E 99 3.45 17.45 5.96
C TYR E 99 3.46 18.63 4.98
N ARG E 100 3.53 19.86 5.49
CA ARG E 100 3.46 21.00 4.56
C ARG E 100 4.55 20.96 3.51
N PHE E 101 5.71 20.40 3.82
CA PHE E 101 6.79 20.36 2.85
C PHE E 101 6.50 19.30 1.79
N TYR E 102 5.82 18.21 2.20
CA TYR E 102 5.31 17.24 1.24
C TYR E 102 4.22 17.85 0.37
N GLU E 103 3.34 18.67 0.99
CA GLU E 103 2.30 19.30 0.20
C GLU E 103 2.89 20.24 -0.85
N MET E 104 3.99 20.93 -0.52
CA MET E 104 4.57 21.77 -1.56
C MET E 104 5.00 20.94 -2.75
N LEU E 105 5.38 19.68 -2.55
CA LEU E 105 5.68 18.80 -3.67
C LEU E 105 4.43 18.38 -4.42
N GLN E 106 3.34 18.11 -3.69
CA GLN E 106 2.10 17.76 -4.39
C GLN E 106 1.58 18.91 -5.23
N VAL E 107 1.81 20.15 -4.82
CA VAL E 107 1.31 21.29 -5.57
C VAL E 107 2.31 21.74 -6.63
N TYR E 108 3.61 21.81 -6.30
CA TYR E 108 4.60 22.41 -7.21
C TYR E 108 5.60 21.40 -7.80
N GLY E 109 5.42 20.10 -7.56
CA GLY E 109 6.41 19.15 -8.02
C GLY E 109 6.64 19.21 -9.52
N THR E 110 5.55 19.23 -10.30
CA THR E 110 5.70 19.25 -11.75
C THR E 110 6.17 20.61 -12.23
N THR E 111 5.86 21.68 -11.49
CA THR E 111 6.37 23.01 -11.82
C THR E 111 7.89 23.09 -11.60
N LEU E 112 8.37 22.50 -10.51
CA LEU E 112 9.81 22.40 -10.27
C LEU E 112 10.47 21.64 -11.41
N LYS E 113 9.89 20.51 -11.82
CA LYS E 113 10.44 19.77 -12.95
C LYS E 113 10.49 20.65 -14.18
N ALA E 114 9.37 21.32 -14.48
CA ALA E 114 9.27 22.09 -15.72
C ALA E 114 10.26 23.23 -15.74
N LEU E 115 10.37 23.94 -14.63
CA LEU E 115 11.26 25.10 -14.61
C LEU E 115 12.72 24.66 -14.55
N VAL E 116 13.02 23.52 -13.93
CA VAL E 116 14.41 23.03 -13.95
C VAL E 116 14.82 22.68 -15.39
N HIS E 117 13.96 21.97 -16.12
CA HIS E 117 14.32 21.66 -17.51
C HIS E 117 14.39 22.90 -18.38
N GLU E 118 13.53 23.90 -18.11
CA GLU E 118 13.56 25.13 -18.89
C GLU E 118 14.86 25.89 -18.70
N LYS E 119 15.31 26.00 -17.47
CA LYS E 119 16.46 26.86 -17.16
C LYS E 119 17.79 26.14 -17.31
N PHE E 120 17.82 24.83 -17.06
CA PHE E 120 19.07 24.09 -17.04
C PHE E 120 19.18 23.07 -18.14
N GLY E 121 18.11 22.36 -18.46
CA GLY E 121 18.14 21.28 -19.41
C GLY E 121 17.70 19.98 -18.77
N ASP E 122 17.88 18.89 -19.52
CA ASP E 122 17.55 17.57 -18.97
C ASP E 122 18.52 17.22 -17.87
N GLY E 123 18.02 16.62 -16.80
CA GLY E 123 18.86 16.30 -15.68
C GLY E 123 18.15 16.58 -14.39
N ILE E 124 18.92 16.82 -13.33
CA ILE E 124 18.35 16.94 -11.99
C ILE E 124 19.00 18.10 -11.27
N ILE E 125 18.29 18.60 -10.28
CA ILE E 125 18.89 19.38 -9.20
C ILE E 125 19.25 18.41 -8.09
N SER E 126 20.53 18.39 -7.72
CA SER E 126 21.07 17.41 -6.80
C SER E 126 20.53 17.58 -5.38
N ALA E 127 20.26 16.45 -4.73
CA ALA E 127 20.01 16.39 -3.30
C ALA E 127 21.25 15.99 -2.52
N ILE E 128 22.36 15.80 -3.21
CA ILE E 128 23.63 15.40 -2.61
C ILE E 128 24.62 16.56 -2.60
N ASN E 129 24.93 17.11 -3.78
CA ASN E 129 25.66 18.37 -3.86
C ASN E 129 24.63 19.45 -3.56
N PHE E 130 24.41 19.67 -2.28
CA PHE E 130 23.17 20.30 -1.86
C PHE E 130 23.33 20.84 -0.45
N LYS E 131 22.75 22.00 -0.20
CA LYS E 131 22.66 22.51 1.17
C LYS E 131 21.34 23.25 1.32
N LEU E 132 20.88 23.38 2.57
CA LEU E 132 19.70 24.18 2.81
C LEU E 132 19.87 24.96 4.10
N ASP E 133 19.06 26.00 4.24
CA ASP E 133 19.05 26.77 5.48
C ASP E 133 17.65 27.33 5.70
N VAL E 134 17.36 27.60 6.97
CA VAL E 134 16.07 28.15 7.39
C VAL E 134 16.32 29.53 7.98
N LYS E 135 15.61 30.53 7.48
CA LYS E 135 15.75 31.91 7.93
C LYS E 135 14.40 32.45 8.36
N LYS E 136 14.39 33.16 9.48
CA LYS E 136 13.21 33.83 9.97
C LYS E 136 13.23 35.29 9.54
N VAL E 137 12.14 35.76 8.94
CA VAL E 137 12.02 37.15 8.51
C VAL E 137 10.66 37.68 8.96
N ALA E 138 10.58 39.00 9.06
CA ALA E 138 9.32 39.64 9.38
C ALA E 138 8.41 39.67 8.17
N ASP E 139 7.13 39.41 8.39
CA ASP E 139 6.12 39.59 7.35
C ASP E 139 5.66 41.04 7.39
N PRO E 140 5.81 41.79 6.28
CA PRO E 140 5.36 43.20 6.29
C PRO E 140 3.94 43.39 6.79
N GLU E 141 3.06 42.41 6.57
CA GLU E 141 1.67 42.48 6.96
C GLU E 141 1.43 41.97 8.38
N GLY E 142 2.47 41.63 9.11
CA GLY E 142 2.35 41.20 10.49
C GLY E 142 2.76 39.75 10.65
N GLY E 143 3.41 39.44 11.76
CA GLY E 143 3.89 38.09 12.00
C GLY E 143 5.24 37.84 11.32
N GLU E 144 5.54 36.56 11.15
CA GLU E 144 6.84 36.15 10.67
C GLU E 144 6.70 35.13 9.56
N ARG E 145 7.74 35.04 8.73
CA ARG E 145 7.83 34.06 7.66
C ARG E 145 9.11 33.25 7.79
N ALA E 146 9.07 32.03 7.26
CA ALA E 146 10.29 31.24 7.09
C ALA E 146 10.69 31.30 5.63
N VAL E 147 11.95 31.63 5.40
CA VAL E 147 12.54 31.57 4.07
C VAL E 147 13.48 30.38 4.08
N ILE E 148 13.08 29.31 3.40
CA ILE E 148 13.85 28.07 3.37
C ILE E 148 14.48 27.98 1.99
N THR E 149 15.80 27.97 1.97
CA THR E 149 16.54 28.03 0.70
C THR E 149 17.09 26.63 0.41
N LEU E 150 16.71 26.08 -0.74
CA LEU E 150 17.24 24.81 -1.22
C LEU E 150 18.24 25.14 -2.33
N ASP E 151 19.48 24.68 -2.19
CA ASP E 151 20.57 25.11 -3.07
C ASP E 151 21.28 23.85 -3.55
N GLY E 152 21.02 23.46 -4.79
CA GLY E 152 21.53 22.20 -5.30
C GLY E 152 22.16 22.38 -6.67
N LYS E 153 23.20 21.58 -6.92
CA LYS E 153 23.88 21.64 -8.21
C LYS E 153 23.04 21.01 -9.31
N TYR E 154 23.08 21.62 -10.49
CA TYR E 154 22.48 21.02 -11.67
C TYR E 154 23.41 19.95 -12.22
N LEU E 155 22.89 18.71 -12.34
CA LEU E 155 23.58 17.60 -12.98
C LEU E 155 22.88 17.25 -14.28
N PRO E 156 23.52 17.43 -15.43
CA PRO E 156 22.84 17.18 -16.70
C PRO E 156 22.72 15.70 -17.04
N THR E 157 21.66 15.38 -17.76
CA THR E 157 21.48 14.08 -18.38
C THR E 157 21.81 14.23 -19.85
N LYS E 158 22.87 13.56 -20.31
CA LYS E 158 23.40 13.65 -21.67
C LYS E 158 23.33 12.31 -22.38
N PRO E 159 23.11 12.32 -23.70
CA PRO E 159 23.22 11.08 -24.46
C PRO E 159 24.61 10.48 -24.34
N PHE E 160 24.68 9.16 -24.48
N PHE E 160 24.69 9.17 -24.54
CA PHE E 160 25.94 8.44 -24.56
CA PHE E 160 25.99 8.47 -24.56
C PHE E 160 25.78 7.37 -25.62
C PHE E 160 26.00 7.37 -25.61
N MET F 5 17.06 21.45 -25.49
CA MET F 5 15.66 21.08 -25.29
C MET F 5 15.18 21.65 -23.96
N ILE F 6 14.11 22.45 -24.02
CA ILE F 6 13.51 23.02 -22.82
C ILE F 6 12.11 22.50 -22.56
N GLN F 7 11.57 21.65 -23.44
CA GLN F 7 10.21 21.14 -23.30
C GLN F 7 10.23 19.82 -22.54
N SER F 8 9.28 19.67 -21.62
CA SER F 8 9.23 18.44 -20.82
C SER F 8 7.80 17.98 -20.63
N GLN F 9 7.67 16.69 -20.30
CA GLN F 9 6.40 16.00 -20.11
C GLN F 9 6.08 15.85 -18.63
N ILE F 10 4.80 15.68 -18.31
CA ILE F 10 4.42 15.42 -16.91
C ILE F 10 3.56 14.17 -16.74
N ASN F 11 3.11 13.57 -17.83
CA ASN F 11 2.26 12.38 -17.77
C ASN F 11 2.95 11.30 -18.58
N ARG F 12 3.44 10.25 -17.91
CA ARG F 12 4.23 9.25 -18.59
C ARG F 12 3.43 8.46 -19.62
N ASN F 13 2.09 8.44 -19.51
CA ASN F 13 1.27 7.64 -20.40
C ASN F 13 1.43 8.06 -21.86
N ILE F 14 1.69 9.34 -22.13
CA ILE F 14 1.83 9.81 -23.52
C ILE F 14 3.01 9.13 -24.19
N ARG F 15 4.20 9.22 -23.58
CA ARG F 15 5.36 8.56 -24.15
C ARG F 15 5.27 7.04 -24.07
N LEU F 16 4.58 6.47 -23.06
CA LEU F 16 4.50 5.01 -23.01
C LEU F 16 3.53 4.46 -24.04
N ASP F 17 2.46 5.21 -24.37
CA ASP F 17 1.59 4.82 -25.48
C ASP F 17 2.34 4.89 -26.81
N LEU F 18 3.17 5.91 -26.99
CA LEU F 18 4.03 5.96 -28.17
C LEU F 18 4.96 4.75 -28.21
N ALA F 19 5.55 4.39 -27.07
CA ALA F 19 6.42 3.21 -27.03
C ALA F 19 5.70 1.96 -27.55
N ASP F 20 4.45 1.73 -27.11
CA ASP F 20 3.69 0.57 -27.59
C ASP F 20 3.53 0.61 -29.12
N ALA F 21 3.26 1.80 -29.67
CA ALA F 21 3.15 1.94 -31.12
C ALA F 21 4.49 1.67 -31.80
N ILE F 22 5.58 2.16 -31.22
CA ILE F 22 6.91 1.90 -31.75
C ILE F 22 7.19 0.41 -31.78
N LEU F 23 6.84 -0.30 -30.69
CA LEU F 23 7.13 -1.72 -30.60
C LEU F 23 6.36 -2.53 -31.64
N LEU F 24 5.10 -2.16 -31.92
CA LEU F 24 4.34 -2.87 -32.95
C LEU F 24 4.94 -2.63 -34.33
N SER F 25 5.28 -1.37 -34.64
CA SER F 25 5.92 -1.06 -35.92
C SER F 25 7.24 -1.80 -36.05
N LYS F 26 8.04 -1.77 -34.99
CA LYS F 26 9.31 -2.49 -34.95
C LYS F 26 9.13 -3.98 -35.22
N ALA F 27 8.12 -4.61 -34.60
CA ALA F 27 7.88 -6.02 -34.85
C ALA F 27 7.45 -6.27 -36.29
N LYS F 28 6.55 -5.44 -36.82
CA LYS F 28 6.09 -5.62 -38.20
C LYS F 28 7.23 -5.53 -39.20
N LYS F 29 8.23 -4.70 -38.91
CA LYS F 29 9.37 -4.51 -39.79
C LYS F 29 10.55 -5.41 -39.46
N ASP F 30 10.43 -6.29 -38.45
CA ASP F 30 11.47 -7.24 -38.11
C ASP F 30 12.78 -6.56 -37.74
N LEU F 31 12.68 -5.43 -37.04
CA LEU F 31 13.84 -4.63 -36.68
C LEU F 31 14.34 -4.96 -35.28
N SER F 32 15.66 -4.87 -35.09
CA SER F 32 16.27 -4.97 -33.77
C SER F 32 16.58 -3.57 -33.23
N PHE F 33 16.74 -3.48 -31.90
CA PHE F 33 17.12 -2.21 -31.30
C PHE F 33 18.52 -1.78 -31.74
N ALA F 34 19.44 -2.74 -31.88
CA ALA F 34 20.78 -2.42 -32.35
C ALA F 34 20.73 -1.78 -33.74
N GLU F 35 19.91 -2.32 -34.64
CA GLU F 35 19.91 -1.71 -35.97
C GLU F 35 19.09 -0.41 -36.02
N ILE F 36 18.10 -0.23 -35.14
CA ILE F 36 17.44 1.07 -35.05
C ILE F 36 18.45 2.13 -34.61
N ALA F 37 19.30 1.79 -33.64
CA ALA F 37 20.27 2.75 -33.11
C ALA F 37 21.46 2.96 -34.04
N ASP F 38 21.67 2.06 -34.99
CA ASP F 38 22.82 2.16 -35.89
C ASP F 38 22.72 3.44 -36.72
N GLY F 39 23.80 4.21 -36.75
CA GLY F 39 23.84 5.46 -37.46
C GLY F 39 23.42 6.67 -36.65
N THR F 40 22.96 6.47 -35.41
CA THR F 40 22.64 7.61 -34.55
C THR F 40 23.85 8.18 -33.83
N GLY F 41 24.95 7.45 -33.76
CA GLY F 41 26.05 7.90 -32.93
C GLY F 41 25.83 7.70 -31.44
N LEU F 42 24.77 6.99 -31.06
CA LEU F 42 24.39 6.87 -29.66
C LEU F 42 24.34 5.40 -29.26
N ALA F 43 24.62 5.14 -27.98
CA ALA F 43 24.61 3.76 -27.48
C ALA F 43 23.22 3.14 -27.59
N GLU F 44 23.19 1.84 -27.89
CA GLU F 44 21.91 1.17 -28.03
C GLU F 44 21.07 1.26 -26.77
N ALA F 45 21.70 1.24 -25.58
CA ALA F 45 20.90 1.35 -24.36
C ALA F 45 20.26 2.73 -24.25
N PHE F 46 20.96 3.78 -24.70
CA PHE F 46 20.38 5.11 -24.63
C PHE F 46 19.22 5.26 -25.62
N VAL F 47 19.42 4.84 -26.88
CA VAL F 47 18.37 4.98 -27.88
C VAL F 47 17.17 4.12 -27.52
N THR F 48 17.41 2.89 -27.08
CA THR F 48 16.32 2.00 -26.66
C THR F 48 15.51 2.64 -25.54
N ALA F 49 16.22 3.18 -24.54
CA ALA F 49 15.54 3.84 -23.42
C ALA F 49 14.68 4.99 -23.91
N ALA F 50 15.17 5.74 -24.92
CA ALA F 50 14.36 6.84 -25.45
C ALA F 50 13.08 6.32 -26.12
N LEU F 51 13.19 5.26 -26.92
CA LEU F 51 12.02 4.70 -27.57
C LEU F 51 11.00 4.25 -26.54
N LEU F 52 11.50 3.73 -25.42
CA LEU F 52 10.64 3.23 -24.36
C LEU F 52 10.24 4.30 -23.36
N GLY F 53 10.45 5.56 -23.70
CA GLY F 53 9.92 6.68 -22.93
C GLY F 53 10.80 7.22 -21.83
N GLN F 54 12.08 6.85 -21.78
CA GLN F 54 12.87 7.12 -20.59
C GLN F 54 14.07 8.02 -20.84
N GLN F 55 14.26 8.49 -22.08
CA GLN F 55 15.30 9.45 -22.41
C GLN F 55 14.74 10.31 -23.53
N ALA F 56 15.43 11.42 -23.79
CA ALA F 56 15.08 12.31 -24.90
C ALA F 56 16.09 12.11 -26.02
N LEU F 57 15.60 11.97 -27.25
CA LEU F 57 16.53 11.89 -28.37
C LEU F 57 16.86 13.27 -28.91
N PRO F 58 18.12 13.51 -29.27
CA PRO F 58 18.43 14.72 -30.02
C PRO F 58 17.71 14.64 -31.36
N ALA F 59 17.53 15.82 -31.98
CA ALA F 59 16.65 15.91 -33.14
C ALA F 59 17.09 15.02 -34.29
N ASP F 60 18.40 14.99 -34.58
CA ASP F 60 18.86 14.21 -35.72
C ASP F 60 18.62 12.72 -35.49
N ALA F 61 18.83 12.26 -34.26
CA ALA F 61 18.58 10.86 -33.93
C ALA F 61 17.09 10.55 -33.94
N ALA F 62 16.26 11.47 -33.43
CA ALA F 62 14.81 11.26 -33.48
C ALA F 62 14.31 11.17 -34.92
N ARG F 63 14.87 11.98 -35.83
CA ARG F 63 14.41 11.89 -37.21
C ARG F 63 14.86 10.58 -37.85
N LEU F 64 16.07 10.13 -37.57
CA LEU F 64 16.55 8.87 -38.14
C LEU F 64 15.72 7.68 -37.68
N VAL F 65 15.51 7.53 -36.37
CA VAL F 65 14.71 6.39 -35.93
C VAL F 65 13.27 6.55 -36.39
N GLY F 66 12.77 7.79 -36.49
CA GLY F 66 11.42 7.98 -36.99
C GLY F 66 11.27 7.52 -38.43
N ALA F 67 12.30 7.74 -39.24
CA ALA F 67 12.28 7.26 -40.62
C ALA F 67 12.24 5.73 -40.65
N LYS F 68 13.11 5.08 -39.87
CA LYS F 68 13.17 3.62 -39.87
C LYS F 68 11.84 3.02 -39.43
N LEU F 69 11.18 3.63 -38.45
CA LEU F 69 9.96 3.09 -37.87
C LEU F 69 8.69 3.67 -38.49
N ASP F 70 8.81 4.56 -39.48
CA ASP F 70 7.68 5.20 -40.14
C ASP F 70 6.75 5.90 -39.14
N LEU F 71 7.35 6.74 -38.29
CA LEU F 71 6.61 7.49 -37.29
C LEU F 71 6.11 8.81 -37.87
N ASP F 72 4.98 9.28 -37.35
CA ASP F 72 4.44 10.55 -37.82
C ASP F 72 5.17 11.71 -37.16
N GLU F 73 4.80 12.93 -37.56
CA GLU F 73 5.56 14.10 -37.12
C GLU F 73 5.39 14.36 -35.63
N ASP F 74 4.19 14.18 -35.10
CA ASP F 74 3.98 14.38 -33.67
C ASP F 74 4.81 13.40 -32.85
N SER F 75 4.98 12.18 -33.37
CA SER F 75 5.74 11.17 -32.64
C SER F 75 7.23 11.49 -32.65
N ILE F 76 7.74 12.01 -33.77
CA ILE F 76 9.15 12.38 -33.83
C ILE F 76 9.42 13.56 -32.89
N LEU F 77 8.46 14.49 -32.78
CA LEU F 77 8.58 15.56 -31.79
C LEU F 77 8.56 14.98 -30.38
N LEU F 78 7.69 14.01 -30.12
CA LEU F 78 7.52 13.51 -28.77
C LEU F 78 8.80 12.86 -28.26
N LEU F 79 9.51 12.14 -29.14
CA LEU F 79 10.76 11.49 -28.75
C LEU F 79 11.84 12.48 -28.34
N GLN F 80 11.72 13.73 -28.75
CA GLN F 80 12.69 14.75 -28.38
C GLN F 80 12.39 15.43 -27.05
N MET F 81 11.17 15.26 -26.53
CA MET F 81 10.71 15.92 -25.32
C MET F 81 11.36 15.25 -24.11
N ILE F 82 11.66 16.02 -23.08
CA ILE F 82 12.19 15.44 -21.84
C ILE F 82 11.07 14.67 -21.14
N PRO F 83 11.28 13.39 -20.81
CA PRO F 83 10.18 12.56 -20.33
C PRO F 83 9.93 12.70 -18.83
N LEU F 84 8.74 12.28 -18.44
CA LEU F 84 8.41 11.97 -17.06
C LEU F 84 8.83 10.52 -16.87
N ARG F 85 9.99 10.30 -16.27
CA ARG F 85 10.61 8.98 -16.28
C ARG F 85 9.99 8.08 -15.21
N GLY F 86 10.07 6.78 -15.46
CA GLY F 86 9.52 5.78 -14.56
C GLY F 86 8.87 4.67 -15.35
N CYS F 87 9.60 3.59 -15.61
CA CYS F 87 9.10 2.57 -16.52
C CYS F 87 8.34 1.47 -15.81
N ILE F 88 8.37 1.41 -14.49
CA ILE F 88 7.73 0.32 -13.76
C ILE F 88 6.27 0.70 -13.52
N ASP F 89 5.37 -0.23 -13.83
CA ASP F 89 3.94 0.04 -13.70
C ASP F 89 3.58 0.45 -12.28
N ASP F 90 3.94 -0.38 -11.29
CA ASP F 90 3.56 -0.15 -9.89
C ASP F 90 4.70 -0.54 -8.95
N ARG F 91 5.80 0.21 -9.03
CA ARG F 91 6.91 0.21 -8.07
C ARG F 91 7.75 -1.06 -8.07
N ILE F 92 7.13 -2.24 -8.11
CA ILE F 92 7.83 -3.51 -8.14
C ILE F 92 7.46 -4.23 -9.43
N PRO F 93 8.44 -4.64 -10.26
CA PRO F 93 8.10 -5.35 -11.49
C PRO F 93 7.41 -6.68 -11.21
N THR F 94 6.42 -7.00 -12.05
CA THR F 94 5.87 -8.37 -12.10
C THR F 94 6.61 -9.27 -13.08
N ASP F 95 7.24 -8.68 -14.08
CA ASP F 95 7.83 -9.48 -15.14
C ASP F 95 9.08 -10.18 -14.62
N PRO F 96 9.22 -11.48 -14.83
CA PRO F 96 10.43 -12.15 -14.32
C PRO F 96 11.73 -11.54 -14.79
N THR F 97 11.80 -11.14 -16.07
CA THR F 97 13.06 -10.60 -16.58
C THR F 97 13.43 -9.31 -15.86
N MET F 98 12.48 -8.40 -15.71
CA MET F 98 12.86 -7.22 -14.93
C MET F 98 12.90 -7.47 -13.44
N TYR F 99 12.16 -8.45 -12.92
CA TYR F 99 12.19 -8.68 -11.49
C TYR F 99 13.58 -9.10 -11.02
N ARG F 100 14.32 -9.88 -11.82
CA ARG F 100 15.64 -10.31 -11.34
C ARG F 100 16.55 -9.12 -11.01
N PHE F 101 16.42 -8.01 -11.75
CA PHE F 101 17.23 -6.84 -11.40
C PHE F 101 16.77 -6.21 -10.10
N TYR F 102 15.46 -6.26 -9.80
CA TYR F 102 15.00 -5.85 -8.49
C TYR F 102 15.50 -6.78 -7.42
N GLU F 103 15.51 -8.09 -7.69
CA GLU F 103 16.03 -9.03 -6.69
C GLU F 103 17.50 -8.81 -6.41
N MET F 104 18.30 -8.41 -7.42
CA MET F 104 19.70 -8.13 -7.09
C MET F 104 19.80 -7.02 -6.06
N LEU F 105 18.87 -6.06 -6.09
CA LEU F 105 18.84 -5.01 -5.08
C LEU F 105 18.38 -5.53 -3.73
N GLN F 106 17.41 -6.45 -3.72
CA GLN F 106 16.98 -7.02 -2.44
C GLN F 106 18.09 -7.83 -1.79
N VAL F 107 18.94 -8.48 -2.59
CA VAL F 107 20.02 -9.29 -2.03
C VAL F 107 21.26 -8.45 -1.76
N TYR F 108 21.64 -7.57 -2.69
CA TYR F 108 22.93 -6.90 -2.61
C TYR F 108 22.84 -5.39 -2.35
N GLY F 109 21.64 -4.84 -2.16
CA GLY F 109 21.52 -3.40 -1.99
C GLY F 109 22.37 -2.85 -0.86
N THR F 110 22.34 -3.51 0.31
CA THR F 110 23.13 -3.02 1.44
C THR F 110 24.63 -3.27 1.23
N THR F 111 24.98 -4.32 0.47
CA THR F 111 26.38 -4.56 0.14
C THR F 111 26.89 -3.50 -0.81
N LEU F 112 26.08 -3.11 -1.80
CA LEU F 112 26.46 -2.01 -2.66
C LEU F 112 26.67 -0.72 -1.87
N LYS F 113 25.76 -0.43 -0.93
CA LYS F 113 25.95 0.75 -0.08
C LYS F 113 27.24 0.66 0.69
N ALA F 114 27.48 -0.49 1.33
CA ALA F 114 28.66 -0.64 2.17
C ALA F 114 29.96 -0.51 1.38
N LEU F 115 30.01 -1.12 0.18
CA LEU F 115 31.24 -1.08 -0.61
C LEU F 115 31.45 0.27 -1.26
N VAL F 116 30.37 0.95 -1.62
CA VAL F 116 30.50 2.33 -2.12
C VAL F 116 31.08 3.23 -1.02
N HIS F 117 30.53 3.15 0.20
CA HIS F 117 31.07 4.00 1.26
C HIS F 117 32.50 3.61 1.61
N GLU F 118 32.83 2.31 1.51
CA GLU F 118 34.21 1.87 1.78
C GLU F 118 35.19 2.43 0.77
N LYS F 119 34.87 2.34 -0.52
CA LYS F 119 35.83 2.66 -1.56
C LYS F 119 35.83 4.14 -1.95
N PHE F 120 34.70 4.82 -1.81
CA PHE F 120 34.57 6.22 -2.22
C PHE F 120 34.34 7.15 -1.05
N GLY F 121 33.49 6.78 -0.12
CA GLY F 121 33.14 7.60 1.01
C GLY F 121 31.65 7.87 1.05
N ASP F 122 31.25 8.79 1.92
CA ASP F 122 29.86 9.16 2.00
C ASP F 122 29.41 9.81 0.70
N GLY F 123 28.16 9.54 0.32
CA GLY F 123 27.66 10.02 -0.96
C GLY F 123 26.99 8.92 -1.76
N ILE F 124 26.99 9.07 -3.09
CA ILE F 124 26.20 8.23 -3.97
C ILE F 124 27.01 7.90 -5.22
N ILE F 125 26.64 6.79 -5.83
CA ILE F 125 26.94 6.56 -7.24
C ILE F 125 25.76 7.05 -8.07
N SER F 126 26.05 7.92 -9.03
CA SER F 126 25.02 8.63 -9.78
C SER F 126 24.26 7.70 -10.71
N ALA F 127 22.95 7.94 -10.82
CA ALA F 127 22.15 7.35 -11.87
C ALA F 127 21.88 8.33 -13.00
N ILE F 128 22.50 9.50 -12.92
CA ILE F 128 22.32 10.57 -13.89
C ILE F 128 23.57 10.74 -14.77
N ASN F 129 24.72 10.98 -14.15
CA ASN F 129 25.99 10.94 -14.85
C ASN F 129 26.34 9.46 -14.87
N PHE F 130 25.84 8.76 -15.89
CA PHE F 130 25.65 7.31 -15.78
C PHE F 130 25.55 6.69 -17.16
N LYS F 131 26.28 5.60 -17.38
CA LYS F 131 26.14 4.80 -18.58
C LYS F 131 25.89 3.35 -18.23
N LEU F 132 25.15 2.65 -19.08
CA LEU F 132 25.00 1.21 -18.90
C LEU F 132 25.13 0.50 -20.23
N ASP F 133 25.58 -0.74 -20.17
CA ASP F 133 25.55 -1.54 -21.38
C ASP F 133 25.42 -3.00 -21.01
N VAL F 134 24.93 -3.77 -21.98
CA VAL F 134 24.69 -5.20 -21.85
C VAL F 134 25.54 -5.91 -22.88
N LYS F 135 26.39 -6.84 -22.42
CA LYS F 135 27.17 -7.67 -23.33
C LYS F 135 26.87 -9.14 -23.08
N LYS F 136 26.83 -9.89 -24.18
CA LYS F 136 26.70 -11.34 -24.13
C LYS F 136 28.08 -11.98 -24.21
N VAL F 137 28.37 -12.91 -23.29
CA VAL F 137 29.61 -13.67 -23.30
C VAL F 137 29.30 -15.14 -23.11
N ALA F 138 30.25 -15.99 -23.50
CA ALA F 138 30.08 -17.41 -23.31
C ALA F 138 30.39 -17.81 -21.86
N ASP F 139 29.59 -18.73 -21.32
CA ASP F 139 29.89 -19.31 -20.02
C ASP F 139 30.81 -20.51 -20.20
N PRO F 140 32.01 -20.50 -19.63
CA PRO F 140 32.94 -21.64 -19.83
C PRO F 140 32.37 -22.98 -19.41
N GLU F 141 31.39 -23.00 -18.50
CA GLU F 141 30.73 -24.24 -18.09
C GLU F 141 29.56 -24.60 -18.99
N GLY F 142 29.32 -23.84 -20.05
CA GLY F 142 28.21 -24.07 -20.97
C GLY F 142 27.18 -22.95 -20.89
N GLY F 143 26.65 -22.59 -22.05
CA GLY F 143 25.61 -21.56 -22.11
C GLY F 143 26.18 -20.17 -22.31
N GLU F 144 25.35 -19.19 -21.95
CA GLU F 144 25.66 -17.79 -22.16
C GLU F 144 25.46 -17.04 -20.85
N ARG F 145 26.14 -15.90 -20.72
CA ARG F 145 25.99 -15.01 -19.59
C ARG F 145 25.79 -13.59 -20.10
N ALA F 146 25.10 -12.78 -19.30
CA ALA F 146 25.03 -11.34 -19.52
C ALA F 146 25.95 -10.65 -18.53
N VAL F 147 26.82 -9.79 -19.07
CA VAL F 147 27.67 -8.91 -18.29
C VAL F 147 27.08 -7.52 -18.44
N ILE F 148 26.48 -7.01 -17.38
CA ILE F 148 25.78 -5.72 -17.41
C ILE F 148 26.60 -4.77 -16.58
N THR F 149 27.06 -3.70 -17.21
CA THR F 149 27.99 -2.74 -16.62
C THR F 149 27.25 -1.46 -16.27
N LEU F 150 27.22 -1.14 -14.98
CA LEU F 150 26.68 0.13 -14.49
C LEU F 150 27.87 1.03 -14.17
N ASP F 151 27.92 2.19 -14.81
CA ASP F 151 29.09 3.07 -14.75
C ASP F 151 28.61 4.46 -14.33
N GLY F 152 28.75 4.79 -13.05
CA GLY F 152 28.22 6.03 -12.52
C GLY F 152 29.26 6.85 -11.80
N LYS F 153 29.12 8.17 -11.92
CA LYS F 153 29.98 9.09 -11.20
C LYS F 153 29.74 9.03 -9.69
N TYR F 154 30.82 9.05 -8.93
CA TYR F 154 30.72 9.26 -7.48
C TYR F 154 30.48 10.73 -7.17
N LEU F 155 29.39 11.02 -6.47
CA LEU F 155 29.18 12.35 -5.89
C LEU F 155 29.27 12.27 -4.39
N PRO F 156 30.24 12.97 -3.79
CA PRO F 156 30.42 12.88 -2.33
C PRO F 156 29.45 13.73 -1.52
N THR F 157 29.21 13.26 -0.30
CA THR F 157 28.46 13.98 0.72
C THR F 157 29.46 14.48 1.75
N LYS F 158 29.56 15.79 1.87
CA LYS F 158 30.47 16.45 2.79
C LYS F 158 29.71 17.37 3.73
N PRO F 159 30.31 17.71 4.87
CA PRO F 159 29.67 18.69 5.75
C PRO F 159 29.59 20.07 5.12
N PHE F 160 28.64 20.85 5.64
N PHE F 160 28.68 20.88 5.67
CA PHE F 160 28.57 22.28 5.37
CA PHE F 160 28.60 22.30 5.33
C PHE F 160 28.16 22.97 6.66
C PHE F 160 28.25 23.12 6.56
N MET G 5 -13.98 33.96 -7.90
CA MET G 5 -14.09 32.59 -8.39
C MET G 5 -14.67 31.67 -7.34
N ILE G 6 -15.86 31.15 -7.64
CA ILE G 6 -16.53 30.18 -6.76
C ILE G 6 -16.67 28.82 -7.40
N GLN G 7 -16.15 28.62 -8.62
CA GLN G 7 -16.21 27.32 -9.29
C GLN G 7 -14.97 26.49 -8.97
N SER G 8 -15.18 25.22 -8.65
CA SER G 8 -14.05 24.36 -8.30
C SER G 8 -14.23 22.98 -8.92
N GLN G 9 -13.13 22.25 -9.00
CA GLN G 9 -13.06 20.92 -9.59
C GLN G 9 -12.98 19.85 -8.50
N ILE G 10 -13.33 18.61 -8.86
CA ILE G 10 -13.20 17.49 -7.91
C ILE G 10 -12.41 16.32 -8.49
N ASN G 11 -12.11 16.38 -9.79
CA ASN G 11 -11.43 15.28 -10.46
C ASN G 11 -10.22 15.83 -11.19
N ARG G 12 -9.03 15.54 -10.66
CA ARG G 12 -7.82 16.16 -11.20
C ARG G 12 -7.57 15.82 -12.68
N ASN G 13 -8.16 14.74 -13.20
CA ASN G 13 -7.85 14.32 -14.56
C ASN G 13 -8.30 15.33 -15.61
N ILE G 14 -9.33 16.12 -15.33
CA ILE G 14 -9.79 17.11 -16.32
C ILE G 14 -8.70 18.14 -16.56
N ARG G 15 -8.18 18.75 -15.50
CA ARG G 15 -7.16 19.77 -15.66
C ARG G 15 -5.81 19.16 -16.04
N LEU G 16 -5.56 17.91 -15.66
CA LEU G 16 -4.29 17.31 -16.04
C LEU G 16 -4.30 16.92 -17.52
N ASP G 17 -5.44 16.47 -18.04
CA ASP G 17 -5.55 16.27 -19.49
C ASP G 17 -5.35 17.59 -20.23
N LEU G 18 -5.96 18.68 -19.74
CA LEU G 18 -5.71 19.99 -20.34
C LEU G 18 -4.23 20.34 -20.30
N ALA G 19 -3.56 20.04 -19.19
CA ALA G 19 -2.12 20.32 -19.10
C ALA G 19 -1.36 19.62 -20.20
N ASP G 20 -1.70 18.34 -20.49
CA ASP G 20 -1.02 17.63 -21.57
C ASP G 20 -1.20 18.35 -22.90
N ALA G 21 -2.42 18.83 -23.16
CA ALA G 21 -2.70 19.57 -24.39
C ALA G 21 -1.93 20.88 -24.45
N ILE G 22 -1.83 21.57 -23.31
CA ILE G 22 -1.06 22.81 -23.23
C ILE G 22 0.40 22.53 -23.56
N LEU G 23 0.94 21.46 -22.97
CA LEU G 23 2.35 21.13 -23.19
C LEU G 23 2.63 20.82 -24.66
N LEU G 24 1.69 20.18 -25.36
CA LEU G 24 1.91 19.89 -26.79
C LEU G 24 1.88 21.18 -27.60
N SER G 25 0.92 22.06 -27.31
CA SER G 25 0.85 23.33 -28.01
C SER G 25 2.12 24.15 -27.77
N LYS G 26 2.55 24.21 -26.50
CA LYS G 26 3.76 24.92 -26.11
C LYS G 26 4.98 24.40 -26.86
N ALA G 27 5.10 23.08 -27.00
CA ALA G 27 6.24 22.50 -27.70
C ALA G 27 6.18 22.79 -29.19
N LYS G 28 4.98 22.72 -29.79
CA LYS G 28 4.87 23.02 -31.21
C LYS G 28 5.15 24.48 -31.51
N LYS G 29 4.95 25.36 -30.53
CA LYS G 29 5.14 26.79 -30.72
C LYS G 29 6.49 27.27 -30.20
N ASP G 30 7.31 26.35 -29.67
CA ASP G 30 8.66 26.65 -29.20
C ASP G 30 8.64 27.76 -28.14
N LEU G 31 7.70 27.66 -27.20
CA LEU G 31 7.54 28.64 -26.14
C LEU G 31 8.09 28.10 -24.84
N SER G 32 8.61 28.99 -24.01
CA SER G 32 9.04 28.69 -22.66
C SER G 32 7.97 29.14 -21.66
N PHE G 33 8.04 28.60 -20.44
CA PHE G 33 7.12 29.03 -19.40
C PHE G 33 7.34 30.49 -19.04
N ALA G 34 8.60 30.94 -19.01
CA ALA G 34 8.87 32.36 -18.78
C ALA G 34 8.19 33.22 -19.85
N GLU G 35 8.25 32.81 -21.12
CA GLU G 35 7.60 33.58 -22.17
C GLU G 35 6.09 33.60 -21.99
N ILE G 36 5.51 32.47 -21.59
CA ILE G 36 4.06 32.41 -21.45
C ILE G 36 3.60 33.31 -20.32
N ALA G 37 4.37 33.33 -19.22
CA ALA G 37 4.01 34.14 -18.05
C ALA G 37 4.31 35.63 -18.24
N ASP G 38 5.14 35.99 -19.22
CA ASP G 38 5.46 37.39 -19.41
C ASP G 38 4.23 38.17 -19.83
N GLY G 39 3.96 39.27 -19.12
CA GLY G 39 2.78 40.05 -19.39
C GLY G 39 1.56 39.69 -18.56
N THR G 40 1.58 38.57 -17.84
CA THR G 40 0.44 38.24 -17.01
C THR G 40 0.40 39.06 -15.74
N GLY G 41 1.53 39.62 -15.32
CA GLY G 41 1.66 40.21 -14.01
C GLY G 41 1.90 39.21 -12.91
N LEU G 42 2.10 37.94 -13.24
CA LEU G 42 2.17 36.88 -12.24
C LEU G 42 3.51 36.13 -12.36
N ALA G 43 3.95 35.56 -11.25
CA ALA G 43 5.27 34.93 -11.21
C ALA G 43 5.26 33.65 -12.04
N GLU G 44 6.41 33.32 -12.64
CA GLU G 44 6.44 32.17 -13.53
C GLU G 44 6.08 30.87 -12.82
N ALA G 45 6.43 30.72 -11.54
CA ALA G 45 6.03 29.49 -10.86
C ALA G 45 4.52 29.41 -10.66
N PHE G 46 3.85 30.55 -10.45
CA PHE G 46 2.40 30.52 -10.29
C PHE G 46 1.71 30.21 -11.60
N VAL G 47 2.08 30.91 -12.67
CA VAL G 47 1.43 30.64 -13.95
C VAL G 47 1.72 29.21 -14.40
N THR G 48 2.97 28.76 -14.27
CA THR G 48 3.30 27.40 -14.69
C THR G 48 2.47 26.39 -13.91
N ALA G 49 2.39 26.58 -12.58
CA ALA G 49 1.56 25.66 -11.78
C ALA G 49 0.11 25.64 -12.25
N ALA G 50 -0.42 26.80 -12.65
CA ALA G 50 -1.80 26.85 -13.13
C ALA G 50 -1.95 26.06 -14.43
N LEU G 51 -1.02 26.24 -15.37
CA LEU G 51 -1.05 25.46 -16.60
C LEU G 51 -1.02 23.97 -16.30
N LEU G 52 -0.29 23.58 -15.26
CA LEU G 52 -0.12 22.17 -14.93
C LEU G 52 -1.19 21.68 -13.96
N GLY G 53 -2.24 22.48 -13.73
CA GLY G 53 -3.42 22.05 -13.02
C GLY G 53 -3.44 22.29 -11.54
N GLN G 54 -2.54 23.12 -11.00
CA GLN G 54 -2.35 23.22 -9.56
C GLN G 54 -2.64 24.61 -9.00
N GLN G 55 -3.03 25.55 -9.86
CA GLN G 55 -3.49 26.87 -9.46
C GLN G 55 -4.60 27.31 -10.39
N ALA G 56 -5.29 28.38 -10.02
CA ALA G 56 -6.33 28.98 -10.84
C ALA G 56 -5.83 30.32 -11.38
N LEU G 57 -6.02 30.54 -12.68
CA LEU G 57 -5.64 31.85 -13.20
C LEU G 57 -6.79 32.84 -13.10
N PRO G 58 -6.50 34.09 -12.77
CA PRO G 58 -7.49 35.15 -12.97
C PRO G 58 -7.87 35.25 -14.44
N ALA G 59 -9.06 35.79 -14.69
CA ALA G 59 -9.64 35.80 -16.03
C ALA G 59 -8.70 36.42 -17.07
N ASP G 60 -8.11 37.58 -16.76
CA ASP G 60 -7.28 38.26 -17.77
C ASP G 60 -6.05 37.45 -18.12
N ALA G 61 -5.41 36.84 -17.11
CA ALA G 61 -4.25 36.01 -17.38
C ALA G 61 -4.62 34.76 -18.15
N ALA G 62 -5.81 34.20 -17.88
CA ALA G 62 -6.27 33.00 -18.58
C ALA G 62 -6.48 33.31 -20.06
N ARG G 63 -7.13 34.44 -20.35
CA ARG G 63 -7.32 34.88 -21.73
C ARG G 63 -5.99 35.11 -22.43
N LEU G 64 -5.03 35.73 -21.72
CA LEU G 64 -3.73 36.02 -22.33
C LEU G 64 -2.94 34.74 -22.64
N VAL G 65 -2.81 33.83 -21.66
CA VAL G 65 -2.10 32.59 -21.97
C VAL G 65 -2.87 31.75 -22.98
N GLY G 66 -4.21 31.88 -23.04
CA GLY G 66 -4.96 31.13 -24.03
C GLY G 66 -4.72 31.61 -25.45
N ALA G 67 -4.54 32.92 -25.61
CA ALA G 67 -4.14 33.47 -26.91
C ALA G 67 -2.74 33.00 -27.28
N LYS G 68 -1.81 33.07 -26.33
CA LYS G 68 -0.44 32.68 -26.62
C LYS G 68 -0.35 31.23 -27.07
N LEU G 69 -1.16 30.36 -26.46
CA LEU G 69 -1.11 28.92 -26.70
C LEU G 69 -2.20 28.43 -27.65
N ASP G 70 -3.03 29.34 -28.18
CA ASP G 70 -4.12 29.01 -29.10
C ASP G 70 -5.07 27.99 -28.48
N LEU G 71 -5.51 28.27 -27.25
CA LEU G 71 -6.45 27.43 -26.53
C LEU G 71 -7.88 27.83 -26.84
N ASP G 72 -8.78 26.84 -26.82
CA ASP G 72 -10.19 27.09 -27.08
C ASP G 72 -10.87 27.68 -25.85
N GLU G 73 -12.16 27.99 -25.98
CA GLU G 73 -12.88 28.71 -24.93
C GLU G 73 -13.05 27.87 -23.68
N ASP G 74 -13.39 26.58 -23.85
CA ASP G 74 -13.56 25.70 -22.70
C ASP G 74 -12.27 25.57 -21.90
N SER G 75 -11.14 25.51 -22.60
CA SER G 75 -9.83 25.44 -21.94
C SER G 75 -9.54 26.72 -21.16
N ILE G 76 -9.80 27.87 -21.77
CA ILE G 76 -9.56 29.13 -21.07
C ILE G 76 -10.42 29.21 -19.82
N LEU G 77 -11.64 28.68 -19.88
CA LEU G 77 -12.49 28.69 -18.70
C LEU G 77 -11.97 27.71 -17.65
N LEU G 78 -11.54 26.52 -18.07
CA LEU G 78 -11.03 25.52 -17.13
C LEU G 78 -9.86 26.06 -16.33
N LEU G 79 -8.98 26.82 -16.98
CA LEU G 79 -7.82 27.38 -16.30
C LEU G 79 -8.19 28.33 -15.16
N GLN G 80 -9.41 28.85 -15.16
CA GLN G 80 -9.85 29.75 -14.11
C GLN G 80 -10.51 29.03 -12.94
N MET G 81 -10.87 27.77 -13.11
CA MET G 81 -11.45 27.00 -12.02
C MET G 81 -10.43 26.67 -10.94
N ILE G 82 -10.91 26.61 -9.70
CA ILE G 82 -10.10 26.18 -8.57
C ILE G 82 -9.87 24.68 -8.71
N PRO G 83 -8.63 24.22 -8.70
CA PRO G 83 -8.36 22.82 -9.05
C PRO G 83 -8.50 21.88 -7.86
N LEU G 84 -8.59 20.60 -8.22
CA LEU G 84 -8.36 19.50 -7.29
C LEU G 84 -6.86 19.24 -7.35
N ARG G 85 -6.12 19.75 -6.38
CA ARG G 85 -4.67 19.81 -6.47
C ARG G 85 -4.04 18.48 -6.09
N GLY G 86 -2.84 18.26 -6.62
CA GLY G 86 -2.11 17.03 -6.40
C GLY G 86 -1.52 16.55 -7.70
N CYS G 87 -0.25 16.84 -7.92
CA CYS G 87 0.38 16.59 -9.21
C CYS G 87 1.08 15.25 -9.29
N ILE G 88 1.28 14.56 -8.17
CA ILE G 88 2.05 13.32 -8.17
C ILE G 88 1.09 12.18 -8.46
N ASP G 89 1.49 11.33 -9.41
CA ASP G 89 0.64 10.23 -9.85
C ASP G 89 0.21 9.36 -8.67
N ASP G 90 1.18 8.84 -7.93
CA ASP G 90 0.91 7.90 -6.84
C ASP G 90 1.86 8.13 -5.67
N ARG G 91 1.66 9.29 -5.03
CA ARG G 91 2.24 9.65 -3.73
C ARG G 91 3.74 9.86 -3.73
N ILE G 92 4.53 8.99 -4.35
CA ILE G 92 5.98 9.14 -4.40
C ILE G 92 6.37 9.29 -5.86
N PRO G 93 7.11 10.33 -6.25
CA PRO G 93 7.47 10.48 -7.66
C PRO G 93 8.38 9.36 -8.13
N THR G 94 8.19 8.94 -9.40
CA THR G 94 9.16 8.06 -10.05
C THR G 94 10.21 8.84 -10.83
N ASP G 95 9.86 10.05 -11.26
CA ASP G 95 10.76 10.82 -12.14
C ASP G 95 11.96 11.29 -11.34
N PRO G 96 13.19 11.10 -11.82
CA PRO G 96 14.35 11.52 -11.00
C PRO G 96 14.34 12.99 -10.63
N THR G 97 14.00 13.87 -11.57
CA THR G 97 13.99 15.30 -11.28
C THR G 97 13.05 15.62 -10.12
N MET G 98 11.86 15.01 -10.13
CA MET G 98 10.89 15.30 -9.09
C MET G 98 11.29 14.58 -7.81
N TYR G 99 11.86 13.38 -7.94
CA TYR G 99 12.19 12.56 -6.77
C TYR G 99 13.21 13.25 -5.88
N ARG G 100 14.15 14.01 -6.47
CA ARG G 100 15.17 14.65 -5.64
C ARG G 100 14.55 15.56 -4.58
N PHE G 101 13.43 16.21 -4.89
CA PHE G 101 12.78 17.07 -3.91
C PHE G 101 12.12 16.25 -2.81
N TYR G 102 11.60 15.08 -3.15
CA TYR G 102 11.15 14.15 -2.12
C TYR G 102 12.30 13.67 -1.25
N GLU G 103 13.44 13.35 -1.87
CA GLU G 103 14.58 12.89 -1.09
C GLU G 103 15.05 13.96 -0.12
N MET G 104 14.98 15.23 -0.52
CA MET G 104 15.28 16.33 0.38
C MET G 104 14.44 16.21 1.66
N LEU G 105 13.17 15.79 1.50
CA LEU G 105 12.30 15.60 2.65
CA LEU G 105 12.30 15.61 2.66
C LEU G 105 12.70 14.39 3.46
N GLN G 106 13.11 13.30 2.79
CA GLN G 106 13.53 12.12 3.53
C GLN G 106 14.79 12.36 4.32
N VAL G 107 15.67 13.24 3.85
CA VAL G 107 16.90 13.52 4.58
C VAL G 107 16.71 14.63 5.60
N TYR G 108 15.99 15.69 5.23
CA TYR G 108 15.90 16.87 6.08
C TYR G 108 14.53 17.13 6.70
N GLY G 109 13.55 16.23 6.53
CA GLY G 109 12.21 16.54 7.01
C GLY G 109 12.15 16.81 8.51
N THR G 110 12.81 15.96 9.30
CA THR G 110 12.79 16.14 10.75
C THR G 110 13.67 17.31 11.18
N THR G 111 14.72 17.61 10.40
CA THR G 111 15.53 18.80 10.69
C THR G 111 14.74 20.08 10.44
N LEU G 112 13.96 20.13 9.36
CA LEU G 112 13.09 21.28 9.12
C LEU G 112 12.07 21.44 10.24
N LYS G 113 11.47 20.34 10.68
CA LYS G 113 10.57 20.41 11.83
C LYS G 113 11.29 20.98 13.04
N ALA G 114 12.45 20.40 13.39
CA ALA G 114 13.19 20.80 14.58
C ALA G 114 13.58 22.27 14.52
N LEU G 115 14.10 22.71 13.38
CA LEU G 115 14.54 24.10 13.25
C LEU G 115 13.35 25.06 13.19
N VAL G 116 12.23 24.65 12.59
CA VAL G 116 11.05 25.52 12.62
C VAL G 116 10.56 25.69 14.05
N HIS G 117 10.52 24.61 14.82
CA HIS G 117 10.05 24.75 16.20
C HIS G 117 11.03 25.57 17.04
N GLU G 118 12.33 25.51 16.74
CA GLU G 118 13.31 26.27 17.52
C GLU G 118 13.26 27.77 17.19
N LYS G 119 13.11 28.13 15.91
CA LYS G 119 13.14 29.53 15.51
C LYS G 119 11.79 30.22 15.64
N PHE G 120 10.69 29.51 15.41
CA PHE G 120 9.35 30.09 15.44
C PHE G 120 8.52 29.62 16.62
N GLY G 121 8.55 28.33 16.92
CA GLY G 121 7.73 27.73 17.95
C GLY G 121 6.86 26.64 17.35
N ASP G 122 5.95 26.12 18.18
CA ASP G 122 4.98 25.13 17.73
C ASP G 122 4.11 25.72 16.64
N GLY G 123 3.74 24.89 15.66
CA GLY G 123 3.02 25.43 14.53
C GLY G 123 3.62 24.93 13.24
N ILE G 124 3.33 25.63 12.15
CA ILE G 124 3.74 25.20 10.82
C ILE G 124 4.29 26.38 10.04
N ILE G 125 5.07 26.05 9.01
CA ILE G 125 5.31 26.97 7.89
C ILE G 125 4.30 26.64 6.81
N SER G 126 3.58 27.67 6.36
CA SER G 126 2.45 27.50 5.45
C SER G 126 2.87 27.08 4.05
N ALA G 127 2.06 26.21 3.44
CA ALA G 127 2.14 25.91 2.02
C ALA G 127 1.06 26.65 1.23
N ILE G 128 0.29 27.50 1.89
CA ILE G 128 -0.82 28.23 1.30
C ILE G 128 -0.51 29.72 1.22
N ASN G 129 -0.18 30.34 2.35
CA ASN G 129 0.41 31.68 2.38
C ASN G 129 1.88 31.46 2.09
N PHE G 130 2.23 31.44 0.81
CA PHE G 130 3.44 30.74 0.39
C PHE G 130 3.80 31.15 -1.03
N LYS G 131 5.07 31.44 -1.25
CA LYS G 131 5.59 31.77 -2.58
C LYS G 131 6.81 30.90 -2.84
N LEU G 132 6.97 30.51 -4.09
CA LEU G 132 8.07 29.67 -4.54
C LEU G 132 8.74 30.30 -5.74
N ASP G 133 10.06 30.29 -5.78
CA ASP G 133 10.71 30.66 -7.02
C ASP G 133 11.98 29.83 -7.21
N VAL G 134 12.35 29.68 -8.48
CA VAL G 134 13.50 28.89 -8.90
C VAL G 134 14.46 29.85 -9.60
N LYS G 135 15.70 29.89 -9.15
CA LYS G 135 16.70 30.81 -9.69
C LYS G 135 17.93 30.03 -10.12
N LYS G 136 18.35 30.22 -11.37
CA LYS G 136 19.59 29.63 -11.87
C LYS G 136 20.75 30.57 -11.57
N VAL G 137 21.81 30.02 -10.96
CA VAL G 137 22.99 30.77 -10.60
C VAL G 137 24.23 30.01 -11.04
N ALA G 138 25.34 30.74 -11.12
CA ALA G 138 26.61 30.10 -11.38
C ALA G 138 27.07 29.33 -10.16
N ASP G 139 27.58 28.13 -10.38
CA ASP G 139 28.30 27.43 -9.33
C ASP G 139 29.71 27.97 -9.30
N PRO G 140 30.15 28.58 -8.19
CA PRO G 140 31.50 29.17 -8.15
C PRO G 140 32.58 28.17 -8.46
N GLU G 141 32.32 26.88 -8.20
CA GLU G 141 33.26 25.82 -8.51
C GLU G 141 33.20 25.35 -9.96
N GLY G 142 32.26 25.90 -10.75
CA GLY G 142 32.08 25.48 -12.13
C GLY G 142 30.71 24.86 -12.34
N GLY G 143 30.04 25.23 -13.44
CA GLY G 143 28.68 24.75 -13.67
C GLY G 143 27.63 25.65 -13.10
N GLU G 144 26.46 25.09 -12.81
CA GLU G 144 25.28 25.88 -12.46
C GLU G 144 24.60 25.27 -11.26
N ARG G 145 23.86 26.09 -10.53
CA ARG G 145 23.09 25.61 -9.38
C ARG G 145 21.69 26.19 -9.45
N ALA G 146 20.75 25.50 -8.82
CA ALA G 146 19.42 26.03 -8.61
C ALA G 146 19.28 26.47 -7.16
N VAL G 147 18.89 27.73 -6.98
CA VAL G 147 18.52 28.26 -5.67
C VAL G 147 17.01 28.34 -5.67
N ILE G 148 16.38 27.48 -4.88
CA ILE G 148 14.94 27.38 -4.82
C ILE G 148 14.49 27.88 -3.47
N THR G 149 13.66 28.93 -3.48
CA THR G 149 13.26 29.60 -2.25
C THR G 149 11.82 29.23 -1.93
N LEU G 150 11.62 28.64 -0.75
CA LEU G 150 10.30 28.37 -0.20
C LEU G 150 10.05 29.44 0.86
N ASP G 151 9.01 30.24 0.67
CA ASP G 151 8.75 31.43 1.49
C ASP G 151 7.34 31.33 2.03
N GLY G 152 7.20 30.83 3.25
CA GLY G 152 5.89 30.55 3.82
C GLY G 152 5.68 31.25 5.16
N LYS G 153 4.44 31.65 5.39
CA LYS G 153 4.08 32.27 6.67
C LYS G 153 4.17 31.27 7.81
N TYR G 154 4.64 31.72 8.98
CA TYR G 154 4.57 30.90 10.18
C TYR G 154 3.19 31.03 10.81
N LEU G 155 2.50 29.89 10.96
CA LEU G 155 1.24 29.86 11.69
C LEU G 155 1.45 29.15 13.01
N PRO G 156 1.28 29.79 14.15
CA PRO G 156 1.52 29.13 15.44
C PRO G 156 0.39 28.21 15.83
N THR G 157 0.77 27.18 16.59
CA THR G 157 -0.14 26.35 17.37
C THR G 157 -0.07 26.79 18.82
N LYS G 158 -1.20 27.24 19.36
CA LYS G 158 -1.30 27.74 20.73
C LYS G 158 -2.48 27.09 21.42
N PRO G 159 -2.42 26.95 22.75
CA PRO G 159 -3.55 26.36 23.47
C PRO G 159 -4.85 27.14 23.30
N PHE G 160 -5.96 26.44 23.45
N PHE G 160 -5.96 26.44 23.49
CA PHE G 160 -7.28 27.05 23.52
CA PHE G 160 -7.28 27.07 23.56
C PHE G 160 -8.11 26.38 24.61
C PHE G 160 -8.12 26.46 24.70
N MET H 5 8.63 27.25 24.28
CA MET H 5 9.02 25.85 24.07
C MET H 5 9.71 25.67 22.71
N ILE H 6 10.97 25.24 22.74
CA ILE H 6 11.75 25.01 21.53
C ILE H 6 12.14 23.54 21.35
N GLN H 7 11.78 22.67 22.30
CA GLN H 7 12.07 21.25 22.20
C GLN H 7 10.94 20.53 21.47
N SER H 8 11.31 19.57 20.63
CA SER H 8 10.31 18.84 19.86
C SER H 8 10.73 17.38 19.69
N GLN H 9 9.74 16.54 19.40
CA GLN H 9 9.89 15.10 19.27
C GLN H 9 9.91 14.68 17.80
N ILE H 10 10.55 13.55 17.50
CA ILE H 10 10.53 13.02 16.15
C ILE H 10 9.97 11.60 16.08
N ASN H 11 9.69 10.96 17.22
CA ASN H 11 9.23 9.58 17.25
C ASN H 11 7.97 9.53 18.12
N ARG H 12 6.82 9.38 17.46
CA ARG H 12 5.54 9.47 18.16
C ARG H 12 5.36 8.38 19.21
N ASN H 13 6.10 7.27 19.10
CA ASN H 13 5.93 6.17 20.05
C ASN H 13 6.20 6.59 21.48
N ILE H 14 7.09 7.55 21.70
CA ILE H 14 7.42 7.95 23.06
C ILE H 14 6.22 8.59 23.74
N ARG H 15 5.63 9.60 23.09
CA ARG H 15 4.45 10.23 23.68
C ARG H 15 3.23 9.33 23.63
N LEU H 16 3.17 8.39 22.67
CA LEU H 16 2.03 7.49 22.65
C LEU H 16 2.13 6.44 23.75
N ASP H 17 3.34 5.96 24.05
CA ASP H 17 3.53 5.05 25.18
C ASP H 17 3.18 5.76 26.50
N LEU H 18 3.58 7.03 26.63
CA LEU H 18 3.15 7.81 27.78
C LEU H 18 1.64 7.89 27.87
N ALA H 19 0.96 8.11 26.73
CA ALA H 19 -0.49 8.18 26.74
C ALA H 19 -1.12 6.90 27.30
N ASP H 20 -0.59 5.73 26.90
CA ASP H 20 -1.11 4.47 27.44
C ASP H 20 -0.99 4.44 28.96
N ALA H 21 0.15 4.87 29.48
CA ALA H 21 0.33 4.88 30.94
C ALA H 21 -0.62 5.86 31.60
N ILE H 22 -0.78 7.05 30.99
CA ILE H 22 -1.72 8.04 31.50
C ILE H 22 -3.12 7.47 31.56
N LEU H 23 -3.53 6.72 30.53
CA LEU H 23 -4.88 6.20 30.50
C LEU H 23 -5.10 5.17 31.60
N LEU H 24 -4.06 4.38 31.90
CA LEU H 24 -4.17 3.40 32.98
C LEU H 24 -4.32 4.10 34.32
N SER H 25 -3.46 5.09 34.58
CA SER H 25 -3.57 5.83 35.83
C SER H 25 -4.93 6.52 35.94
N LYS H 26 -5.39 7.13 34.84
CA LYS H 26 -6.73 7.73 34.80
C LYS H 26 -7.81 6.72 35.14
N ALA H 27 -7.70 5.50 34.59
CA ALA H 27 -8.73 4.49 34.85
C ALA H 27 -8.70 4.05 36.31
N LYS H 28 -7.50 3.88 36.87
CA LYS H 28 -7.39 3.46 38.27
C LYS H 28 -7.95 4.51 39.21
N LYS H 29 -7.77 5.79 38.86
CA LYS H 29 -8.25 6.89 39.69
C LYS H 29 -9.69 7.30 39.37
N ASP H 30 -10.33 6.62 38.42
CA ASP H 30 -11.73 6.88 38.05
C ASP H 30 -11.93 8.35 37.66
N LEU H 31 -10.98 8.91 36.91
CA LEU H 31 -11.05 10.31 36.49
C LEU H 31 -11.58 10.45 35.07
N SER H 32 -12.23 11.57 34.83
CA SER H 32 -12.66 11.94 33.48
C SER H 32 -11.71 12.95 32.87
N PHE H 33 -11.76 13.07 31.55
CA PHE H 33 -10.96 14.10 30.89
C PHE H 33 -11.41 15.50 31.31
N ALA H 34 -12.72 15.68 31.50
CA ALA H 34 -13.21 16.98 31.98
C ALA H 34 -12.58 17.34 33.33
N GLU H 35 -12.53 16.38 34.26
CA GLU H 35 -11.94 16.65 35.57
C GLU H 35 -10.46 16.95 35.47
N ILE H 36 -9.74 16.24 34.60
CA ILE H 36 -8.30 16.45 34.47
C ILE H 36 -8.02 17.85 33.93
N ALA H 37 -8.86 18.33 33.02
CA ALA H 37 -8.64 19.65 32.41
C ALA H 37 -9.14 20.78 33.30
N ASP H 38 -9.99 20.47 34.27
CA ASP H 38 -10.53 21.50 35.15
C ASP H 38 -9.39 22.18 35.91
N GLY H 39 -9.39 23.50 35.92
CA GLY H 39 -8.35 24.26 36.58
C GLY H 39 -7.15 24.60 35.73
N THR H 40 -7.06 24.08 34.49
CA THR H 40 -5.95 24.45 33.62
C THR H 40 -6.21 25.73 32.85
N GLY H 41 -7.47 26.14 32.71
CA GLY H 41 -7.78 27.24 31.82
C GLY H 41 -7.79 26.86 30.35
N LEU H 42 -7.63 25.58 30.05
CA LEU H 42 -7.56 25.10 28.67
C LEU H 42 -8.77 24.21 28.36
N ALA H 43 -9.19 24.21 27.10
CA ALA H 43 -10.34 23.42 26.70
C ALA H 43 -10.08 21.92 26.86
N GLU H 44 -11.14 21.19 27.21
CA GLU H 44 -11.00 19.75 27.38
C GLU H 44 -10.47 19.08 26.12
N ALA H 45 -10.85 19.56 24.93
CA ALA H 45 -10.31 18.92 23.72
C ALA H 45 -8.80 19.14 23.61
N PHE H 46 -8.32 20.33 24.00
CA PHE H 46 -6.90 20.60 23.90
C PHE H 46 -6.10 19.80 24.92
N VAL H 47 -6.55 19.78 26.18
CA VAL H 47 -5.83 19.03 27.19
C VAL H 47 -5.85 17.55 26.89
N THR H 48 -7.01 17.04 26.49
CA THR H 48 -7.13 15.63 26.12
C THR H 48 -6.16 15.29 24.98
N ALA H 49 -6.13 16.14 23.93
CA ALA H 49 -5.21 15.90 22.83
C ALA H 49 -3.76 15.85 23.30
N ALA H 50 -3.39 16.73 24.23
CA ALA H 50 -2.02 16.72 24.76
C ALA H 50 -1.72 15.42 25.49
N LEU H 51 -2.63 14.97 26.37
CA LEU H 51 -2.43 13.70 27.05
C LEU H 51 -2.20 12.58 26.04
N LEU H 52 -2.94 12.61 24.93
CA LEU H 52 -2.87 11.55 23.93
C LEU H 52 -1.80 11.82 22.88
N GLY H 53 -0.87 12.74 23.18
CA GLY H 53 0.34 12.91 22.38
C GLY H 53 0.24 13.84 21.20
N GLN H 54 -0.80 14.67 21.10
CA GLN H 54 -1.05 15.44 19.90
C GLN H 54 -0.99 16.95 20.11
N GLN H 55 -0.73 17.40 21.34
CA GLN H 55 -0.47 18.81 21.63
C GLN H 55 0.60 18.91 22.70
N ALA H 56 1.08 20.14 22.93
CA ALA H 56 2.03 20.40 23.99
C ALA H 56 1.36 21.20 25.10
N LEU H 57 1.55 20.76 26.35
CA LEU H 57 0.97 21.55 27.45
C LEU H 57 1.96 22.60 27.93
N PRO H 58 1.51 23.82 28.23
CA PRO H 58 2.36 24.75 28.96
C PRO H 58 2.74 24.15 30.30
N ALA H 59 3.82 24.69 30.89
CA ALA H 59 4.40 24.06 32.07
C ALA H 59 3.41 23.99 33.22
N ASP H 60 2.65 25.06 33.44
CA ASP H 60 1.75 25.09 34.59
C ASP H 60 0.68 24.02 34.46
N ALA H 61 0.11 23.88 33.27
CA ALA H 61 -0.90 22.84 33.04
C ALA H 61 -0.29 21.45 33.15
N ALA H 62 0.93 21.27 32.65
CA ALA H 62 1.58 19.97 32.73
C ALA H 62 1.77 19.54 34.18
N ARG H 63 2.17 20.48 35.05
CA ARG H 63 2.35 20.16 36.46
C ARG H 63 1.03 19.83 37.14
N LEU H 64 -0.04 20.54 36.79
CA LEU H 64 -1.34 20.28 37.40
C LEU H 64 -1.89 18.92 36.98
N VAL H 65 -1.91 18.63 35.68
CA VAL H 65 -2.42 17.31 35.27
C VAL H 65 -1.47 16.21 35.74
N GLY H 66 -0.19 16.50 35.85
CA GLY H 66 0.76 15.50 36.32
C GLY H 66 0.53 15.16 37.78
N ALA H 67 0.19 16.17 38.59
CA ALA H 67 -0.18 15.89 39.98
C ALA H 67 -1.45 15.07 40.07
N LYS H 68 -2.45 15.40 39.25
CA LYS H 68 -3.72 14.68 39.28
C LYS H 68 -3.54 13.21 38.92
N LEU H 69 -2.65 12.92 37.97
CA LEU H 69 -2.47 11.57 37.46
C LEU H 69 -1.26 10.86 38.07
N ASP H 70 -0.54 11.52 38.99
CA ASP H 70 0.61 10.92 39.66
C ASP H 70 1.71 10.55 38.66
N LEU H 71 2.05 11.48 37.79
CA LEU H 71 3.09 11.25 36.80
C LEU H 71 4.45 11.65 37.34
N ASP H 72 5.48 10.92 36.90
CA ASP H 72 6.84 11.25 37.31
C ASP H 72 7.32 12.48 36.55
N GLU H 73 8.51 12.96 36.89
CA GLU H 73 8.97 14.24 36.36
C GLU H 73 9.37 14.13 34.89
N ASP H 74 9.87 12.96 34.47
CA ASP H 74 10.16 12.78 33.05
C ASP H 74 8.88 12.85 32.22
N SER H 75 7.79 12.28 32.73
CA SER H 75 6.51 12.33 32.05
C SER H 75 5.97 13.77 31.99
N ILE H 76 6.14 14.52 33.08
CA ILE H 76 5.66 15.90 33.09
C ILE H 76 6.45 16.75 32.10
N LEU H 77 7.75 16.49 31.96
CA LEU H 77 8.53 17.17 30.92
C LEU H 77 8.05 16.77 29.53
N LEU H 78 7.81 15.48 29.30
CA LEU H 78 7.44 15.02 27.97
C LEU H 78 6.16 15.68 27.48
N LEU H 79 5.20 15.89 28.38
CA LEU H 79 3.93 16.52 27.99
C LEU H 79 4.10 17.94 27.49
N GLN H 80 5.22 18.59 27.82
CA GLN H 80 5.50 19.96 27.41
C GLN H 80 6.23 20.03 26.07
N MET H 81 6.71 18.89 25.59
CA MET H 81 7.46 18.78 24.36
C MET H 81 6.52 18.96 23.17
N ILE H 82 7.02 19.57 22.10
CA ILE H 82 6.22 19.68 20.87
C ILE H 82 6.18 18.29 20.22
N PRO H 83 4.99 17.74 19.97
CA PRO H 83 4.91 16.35 19.54
C PRO H 83 5.20 16.16 18.05
N LEU H 84 5.49 14.90 17.71
CA LEU H 84 5.40 14.40 16.35
C LEU H 84 3.97 13.90 16.22
N ARG H 85 3.13 14.70 15.57
CA ARG H 85 1.69 14.48 15.59
C ARG H 85 1.27 13.43 14.58
N GLY H 86 0.17 12.75 14.90
CA GLY H 86 -0.39 11.74 14.05
C GLY H 86 -0.89 10.61 14.92
N CYS H 87 -2.19 10.58 15.18
CA CYS H 87 -2.76 9.64 16.15
C CYS H 87 -3.22 8.32 15.54
N ILE H 88 -3.34 8.25 14.22
CA ILE H 88 -3.89 7.08 13.55
C ILE H 88 -2.76 6.08 13.31
N ASP H 89 -2.98 4.84 13.72
CA ASP H 89 -1.97 3.80 13.57
C ASP H 89 -1.45 3.71 12.13
N ASP H 90 -2.36 3.54 11.17
CA ASP H 90 -1.92 3.27 9.80
C ASP H 90 -2.95 3.89 8.85
N ARG H 91 -2.99 5.23 8.89
CA ARG H 91 -3.63 6.09 7.90
C ARG H 91 -5.15 6.07 7.94
N ILE H 92 -5.76 4.88 8.02
CA ILE H 92 -7.21 4.74 8.05
C ILE H 92 -7.57 4.09 9.37
N PRO H 93 -8.45 4.68 10.17
CA PRO H 93 -8.79 4.07 11.46
C PRO H 93 -9.49 2.73 11.30
N THR H 94 -9.18 1.79 12.19
CA THR H 94 -9.98 0.57 12.30
C THR H 94 -11.09 0.71 13.33
N ASP H 95 -10.96 1.62 14.26
CA ASP H 95 -11.93 1.66 15.37
C ASP H 95 -13.23 2.27 14.86
N PRO H 96 -14.38 1.63 15.07
CA PRO H 96 -15.64 2.20 14.54
C PRO H 96 -15.87 3.64 14.95
N THR H 97 -15.60 3.99 16.21
CA THR H 97 -15.86 5.36 16.68
C THR H 97 -15.04 6.37 15.88
N MET H 98 -13.74 6.09 15.72
CA MET H 98 -12.92 6.97 14.89
C MET H 98 -13.26 6.87 13.41
N TYR H 99 -13.66 5.67 12.94
CA TYR H 99 -13.88 5.49 11.52
C TYR H 99 -15.02 6.38 11.02
N ARG H 100 -16.04 6.61 11.86
CA ARG H 100 -17.18 7.41 11.39
C ARG H 100 -16.75 8.81 10.97
N PHE H 101 -15.72 9.36 11.62
CA PHE H 101 -15.26 10.67 11.23
C PHE H 101 -14.52 10.62 9.90
N TYR H 102 -13.77 9.53 9.66
CA TYR H 102 -13.19 9.30 8.33
C TYR H 102 -14.29 9.13 7.29
N GLU H 103 -15.36 8.40 7.62
CA GLU H 103 -16.43 8.22 6.66
C GLU H 103 -17.12 9.52 6.31
N MET H 104 -17.23 10.45 7.27
CA MET H 104 -17.76 11.77 6.94
C MET H 104 -16.92 12.44 5.85
N LEU H 105 -15.59 12.23 5.89
CA LEU H 105 -14.72 12.71 4.82
C LEU H 105 -14.98 11.99 3.50
N GLN H 106 -15.16 10.66 3.54
CA GLN H 106 -15.43 9.95 2.31
C GLN H 106 -16.73 10.38 1.68
N VAL H 107 -17.71 10.78 2.49
CA VAL H 107 -19.01 11.13 1.93
C VAL H 107 -19.08 12.61 1.59
N TYR H 108 -18.57 13.47 2.46
CA TYR H 108 -18.74 14.92 2.34
C TYR H 108 -17.46 15.66 1.99
N GLY H 109 -16.35 14.97 1.75
CA GLY H 109 -15.08 15.68 1.56
C GLY H 109 -15.09 16.65 0.38
N THR H 110 -15.66 16.21 -0.75
CA THR H 110 -15.71 17.10 -1.91
C THR H 110 -16.76 18.19 -1.71
N THR H 111 -17.81 17.91 -0.93
CA THR H 111 -18.79 18.94 -0.61
C THR H 111 -18.17 20.02 0.27
N LEU H 112 -17.38 19.63 1.26
CA LEU H 112 -16.67 20.61 2.08
C LEU H 112 -15.75 21.48 1.23
N LYS H 113 -14.98 20.87 0.33
CA LYS H 113 -14.15 21.65 -0.59
C LYS H 113 -15.00 22.62 -1.42
N ALA H 114 -16.05 22.11 -2.05
CA ALA H 114 -16.89 22.94 -2.91
C ALA H 114 -17.52 24.09 -2.14
N LEU H 115 -18.06 23.81 -0.94
CA LEU H 115 -18.70 24.89 -0.18
C LEU H 115 -17.67 25.87 0.39
N VAL H 116 -16.49 25.39 0.78
CA VAL H 116 -15.45 26.32 1.23
C VAL H 116 -15.07 27.29 0.11
N HIS H 117 -14.82 26.75 -1.08
CA HIS H 117 -14.44 27.64 -2.18
C HIS H 117 -15.57 28.60 -2.54
N GLU H 118 -16.81 28.16 -2.43
CA GLU H 118 -17.95 29.02 -2.76
C GLU H 118 -18.07 30.16 -1.77
N LYS H 119 -17.91 29.88 -0.47
CA LYS H 119 -18.16 30.91 0.54
C LYS H 119 -16.95 31.80 0.77
N PHE H 120 -15.74 31.24 0.69
CA PHE H 120 -14.52 31.95 1.03
C PHE H 120 -13.64 32.27 -0.17
N GLY H 121 -13.52 31.34 -1.10
CA GLY H 121 -12.62 31.47 -2.23
C GLY H 121 -11.60 30.35 -2.23
N ASP H 122 -10.61 30.48 -3.11
CA ASP H 122 -9.53 29.52 -3.17
C ASP H 122 -8.70 29.58 -1.89
N GLY H 123 -8.31 28.43 -1.39
CA GLY H 123 -7.54 28.36 -0.17
C GLY H 123 -8.01 27.21 0.70
N ILE H 124 -7.77 27.32 2.00
CA ILE H 124 -8.06 26.24 2.93
C ILE H 124 -8.78 26.77 4.17
N ILE H 125 -9.44 25.86 4.86
CA ILE H 125 -9.80 26.05 6.26
C ILE H 125 -8.72 25.39 7.09
N SER H 126 -8.14 26.16 8.00
CA SER H 126 -6.96 25.74 8.72
C SER H 126 -7.27 24.65 9.74
N ALA H 127 -6.38 23.68 9.83
CA ALA H 127 -6.35 22.75 10.95
C ALA H 127 -5.37 23.18 12.04
N ILE H 128 -4.71 24.32 11.86
CA ILE H 128 -3.71 24.85 12.79
C ILE H 128 -4.30 26.00 13.61
N ASN H 129 -4.78 27.04 12.93
CA ASN H 129 -5.56 28.09 13.58
C ASN H 129 -6.99 27.55 13.68
N PHE H 130 -7.23 26.81 14.74
CA PHE H 130 -8.31 25.84 14.73
C PHE H 130 -8.73 25.47 16.13
N LYS H 131 -10.04 25.35 16.34
CA LYS H 131 -10.61 24.99 17.63
C LYS H 131 -11.67 23.94 17.40
N LEU H 132 -11.84 23.07 18.38
CA LEU H 132 -12.76 21.94 18.25
C LEU H 132 -13.48 21.73 19.56
N ASP H 133 -14.77 21.44 19.49
CA ASP H 133 -15.46 21.05 20.73
C ASP H 133 -16.58 20.05 20.44
N VAL H 134 -16.88 19.25 21.46
CA VAL H 134 -17.87 18.19 21.39
C VAL H 134 -18.96 18.49 22.42
N LYS H 135 -20.21 18.60 21.95
CA LYS H 135 -21.36 18.88 22.81
C LYS H 135 -22.41 17.79 22.70
N LYS H 136 -22.95 17.39 23.83
CA LYS H 136 -24.06 16.45 23.88
C LYS H 136 -25.39 17.21 23.94
N VAL H 137 -26.30 16.88 23.02
CA VAL H 137 -27.62 17.48 22.97
C VAL H 137 -28.66 16.39 22.85
N ALA H 138 -29.87 16.68 23.32
CA ALA H 138 -30.97 15.73 23.21
C ALA H 138 -31.52 15.69 21.80
N ASP H 139 -31.84 14.48 21.33
CA ASP H 139 -32.54 14.32 20.06
C ASP H 139 -34.04 14.38 20.31
N PRO H 140 -34.77 15.32 19.70
CA PRO H 140 -36.22 15.41 19.97
C PRO H 140 -36.98 14.17 19.54
N GLU H 141 -36.39 13.32 18.69
CA GLU H 141 -36.99 12.06 18.32
C GLU H 141 -36.70 10.96 19.34
N GLY H 142 -35.98 11.28 20.40
CA GLY H 142 -35.54 10.35 21.41
C GLY H 142 -34.04 10.11 21.26
N GLY H 143 -33.37 9.92 22.39
CA GLY H 143 -31.95 9.66 22.38
C GLY H 143 -31.13 10.93 22.39
N GLU H 144 -29.85 10.78 22.06
CA GLU H 144 -28.88 11.86 22.18
C GLU H 144 -28.10 12.02 20.88
N ARG H 145 -27.55 13.22 20.70
CA ARG H 145 -26.74 13.55 19.54
C ARG H 145 -25.45 14.23 20.00
N ALA H 146 -24.40 14.07 19.21
CA ALA H 146 -23.19 14.88 19.38
C ALA H 146 -23.21 15.98 18.34
N VAL H 147 -23.00 17.22 18.78
CA VAL H 147 -22.73 18.33 17.90
C VAL H 147 -21.25 18.66 18.06
N ILE H 148 -20.49 18.40 17.01
CA ILE H 148 -19.04 18.59 17.02
C ILE H 148 -18.74 19.75 16.10
N THR H 149 -18.10 20.78 16.65
CA THR H 149 -17.86 22.04 15.95
C THR H 149 -16.39 22.11 15.58
N LEU H 150 -16.12 22.19 14.28
CA LEU H 150 -14.80 22.47 13.75
C LEU H 150 -14.75 23.94 13.37
N ASP H 151 -13.79 24.67 13.94
CA ASP H 151 -13.76 26.13 13.83
C ASP H 151 -12.35 26.48 13.36
N GLY H 152 -12.18 26.77 12.08
CA GLY H 152 -10.86 27.05 11.53
C GLY H 152 -10.81 28.34 10.73
N LYS H 153 -9.66 29.00 10.77
CA LYS H 153 -9.50 30.23 10.01
C LYS H 153 -9.39 29.93 8.52
N TYR H 154 -9.98 30.78 7.70
CA TYR H 154 -9.78 30.72 6.25
C TYR H 154 -8.45 31.37 5.90
N LEU H 155 -7.59 30.62 5.20
CA LEU H 155 -6.38 31.16 4.61
C LEU H 155 -6.51 31.11 3.10
N PRO H 156 -6.47 32.26 2.42
CA PRO H 156 -6.66 32.28 0.97
C PRO H 156 -5.40 31.93 0.20
N THR H 157 -5.63 31.26 -0.94
CA THR H 157 -4.61 31.04 -1.95
C THR H 157 -4.78 32.13 -2.99
N LYS H 158 -3.77 33.00 -3.12
CA LYS H 158 -3.82 34.14 -4.00
C LYS H 158 -2.66 34.09 -5.01
N PRO H 159 -2.86 34.64 -6.21
CA PRO H 159 -1.76 34.70 -7.16
C PRO H 159 -0.58 35.51 -6.60
N PHE H 160 0.60 35.24 -7.15
N PHE H 160 0.60 35.17 -7.10
CA PHE H 160 1.79 36.03 -6.81
CA PHE H 160 1.81 35.94 -6.81
C PHE H 160 2.72 36.20 -8.02
C PHE H 160 2.64 35.97 -8.08
N MET I 5 -19.38 3.09 32.12
CA MET I 5 -18.01 3.24 31.61
C MET I 5 -17.69 4.45 30.75
N ILE I 6 -16.74 5.25 31.23
CA ILE I 6 -16.22 6.40 30.51
C ILE I 6 -14.75 6.28 30.14
N GLN I 7 -14.08 5.19 30.54
CA GLN I 7 -12.66 4.99 30.26
C GLN I 7 -12.48 4.25 28.93
N SER I 8 -11.56 4.73 28.10
CA SER I 8 -11.34 4.09 26.81
C SER I 8 -9.85 3.99 26.51
N GLN I 9 -9.55 3.09 25.56
CA GLN I 9 -8.20 2.81 25.06
C GLN I 9 -7.95 3.48 23.71
N ILE I 10 -6.67 3.71 23.40
CA ILE I 10 -6.31 4.28 22.08
C ILE I 10 -5.27 3.43 21.36
N ASN I 11 -4.67 2.45 22.04
CA ASN I 11 -3.65 1.57 21.45
C ASN I 11 -4.12 0.14 21.59
N ARG I 12 -4.50 -0.48 20.46
CA ARG I 12 -5.07 -1.83 20.54
C ARG I 12 -4.10 -2.86 21.10
N ASN I 13 -2.79 -2.59 21.07
CA ASN I 13 -1.83 -3.63 21.48
C ASN I 13 -1.98 -3.99 22.96
N ILE I 14 -2.42 -3.05 23.80
CA ILE I 14 -2.57 -3.34 25.23
C ILE I 14 -3.59 -4.45 25.45
N ARG I 15 -4.79 -4.30 24.88
CA ARG I 15 -5.80 -5.34 25.03
C ARG I 15 -5.49 -6.58 24.19
N LEU I 16 -4.75 -6.41 23.09
CA LEU I 16 -4.40 -7.62 22.33
C LEU I 16 -3.31 -8.43 23.05
N ASP I 17 -2.39 -7.76 23.74
CA ASP I 17 -1.44 -8.47 24.58
C ASP I 17 -2.17 -9.19 25.71
N LEU I 18 -3.17 -8.54 26.31
CA LEU I 18 -3.99 -9.21 27.31
C LEU I 18 -4.70 -10.43 26.72
N ALA I 19 -5.22 -10.30 25.49
CA ALA I 19 -5.88 -11.44 24.85
C ALA I 19 -4.94 -12.63 24.76
N ASP I 20 -3.67 -12.41 24.40
CA ASP I 20 -2.74 -13.53 24.28
C ASP I 20 -2.56 -14.23 25.63
N ALA I 21 -2.46 -13.45 26.71
CA ALA I 21 -2.35 -14.03 28.05
C ALA I 21 -3.61 -14.79 28.41
N ILE I 22 -4.78 -14.23 28.10
CA ILE I 22 -6.02 -14.95 28.34
C ILE I 22 -6.03 -16.29 27.61
N LEU I 23 -5.61 -16.29 26.34
CA LEU I 23 -5.61 -17.52 25.55
C LEU I 23 -4.69 -18.59 26.14
N LEU I 24 -3.56 -18.17 26.71
CA LEU I 24 -2.64 -19.13 27.29
C LEU I 24 -3.22 -19.72 28.57
N SER I 25 -3.82 -18.88 29.41
CA SER I 25 -4.48 -19.37 30.62
C SER I 25 -5.63 -20.30 30.27
N LYS I 26 -6.41 -19.94 29.26
CA LYS I 26 -7.55 -20.73 28.82
C LYS I 26 -7.10 -22.11 28.32
N ALA I 27 -6.00 -22.17 27.56
CA ALA I 27 -5.49 -23.45 27.09
C ALA I 27 -4.94 -24.29 28.24
N LYS I 28 -4.23 -23.65 29.16
CA LYS I 28 -3.68 -24.41 30.28
C LYS I 28 -4.77 -24.98 31.17
N LYS I 29 -5.94 -24.33 31.21
CA LYS I 29 -7.03 -24.79 32.06
C LYS I 29 -8.07 -25.62 31.30
N ASP I 30 -7.85 -25.87 30.00
CA ASP I 30 -8.75 -26.69 29.19
C ASP I 30 -10.18 -26.16 29.20
N LEU I 31 -10.31 -24.84 29.04
CA LEU I 31 -11.59 -24.17 29.04
C LEU I 31 -11.99 -23.81 27.61
N SER I 32 -13.30 -23.82 27.37
CA SER I 32 -13.87 -23.32 26.12
C SER I 32 -14.46 -21.93 26.32
N PHE I 33 -14.69 -21.23 25.20
CA PHE I 33 -15.31 -19.92 25.29
C PHE I 33 -16.75 -20.02 25.78
N ALA I 34 -17.46 -21.09 25.37
CA ALA I 34 -18.79 -21.34 25.92
C ALA I 34 -18.76 -21.46 27.43
N GLU I 35 -17.80 -22.22 27.98
CA GLU I 35 -17.72 -22.36 29.43
C GLU I 35 -17.40 -21.03 30.09
N ILE I 36 -16.52 -20.24 29.49
CA ILE I 36 -16.15 -18.97 30.11
C ILE I 36 -17.36 -18.03 30.15
N ALA I 37 -18.14 -17.99 29.07
CA ALA I 37 -19.29 -17.09 29.02
C ALA I 37 -20.46 -17.60 29.87
N ASP I 38 -20.47 -18.88 30.23
CA ASP I 38 -21.56 -19.43 31.03
C ASP I 38 -21.65 -18.73 32.38
N GLY I 39 -22.84 -18.23 32.71
CA GLY I 39 -23.06 -17.52 33.94
C GLY I 39 -22.87 -16.02 33.87
N THR I 40 -22.35 -15.50 32.75
CA THR I 40 -22.21 -14.06 32.64
C THR I 40 -23.52 -13.36 32.31
N GLY I 41 -24.50 -14.08 31.79
CA GLY I 41 -25.70 -13.47 31.28
C GLY I 41 -25.53 -12.89 29.89
N LEU I 42 -24.37 -13.09 29.26
CA LEU I 42 -24.04 -12.49 27.97
C LEU I 42 -23.75 -13.58 26.93
N ALA I 43 -24.04 -13.26 25.67
CA ALA I 43 -23.85 -14.19 24.57
C ALA I 43 -22.37 -14.53 24.40
N GLU I 44 -22.11 -15.79 23.99
CA GLU I 44 -20.73 -16.24 23.85
C GLU I 44 -19.96 -15.40 22.83
N ALA I 45 -20.62 -14.92 21.77
CA ALA I 45 -19.88 -14.10 20.81
C ALA I 45 -19.45 -12.77 21.44
N PHE I 46 -20.30 -12.22 22.33
CA PHE I 46 -19.96 -10.94 22.93
C PHE I 46 -18.82 -11.09 23.93
N VAL I 47 -18.90 -12.12 24.79
CA VAL I 47 -17.85 -12.32 25.79
C VAL I 47 -16.54 -12.67 25.12
N THR I 48 -16.60 -13.56 24.13
CA THR I 48 -15.38 -13.93 23.42
C THR I 48 -14.74 -12.69 22.79
N ALA I 49 -15.57 -11.86 22.14
CA ALA I 49 -15.03 -10.64 21.53
C ALA I 49 -14.36 -9.75 22.56
N ALA I 50 -14.93 -9.65 23.76
CA ALA I 50 -14.32 -8.84 24.81
C ALA I 50 -12.97 -9.41 25.24
N LEU I 51 -12.90 -10.73 25.43
CA LEU I 51 -11.63 -11.37 25.77
C LEU I 51 -10.57 -11.06 24.73
N LEU I 52 -10.96 -11.05 23.45
CA LEU I 52 -10.06 -10.82 22.34
C LEU I 52 -9.88 -9.33 22.03
N GLY I 53 -10.36 -8.45 22.91
CA GLY I 53 -10.06 -7.03 22.85
C GLY I 53 -11.00 -6.16 22.04
N GLN I 54 -12.20 -6.65 21.71
CA GLN I 54 -13.09 -5.99 20.76
C GLN I 54 -14.40 -5.52 21.39
N GLN I 55 -14.62 -5.78 22.68
CA GLN I 55 -15.77 -5.30 23.41
C GLN I 55 -15.34 -5.03 24.84
N ALA I 56 -16.19 -4.33 25.59
CA ALA I 56 -15.97 -4.08 27.00
C ALA I 56 -16.94 -4.92 27.84
N LEU I 57 -16.41 -5.57 28.87
CA LEU I 57 -17.26 -6.32 29.80
C LEU I 57 -17.79 -5.43 30.91
N PRO I 58 -19.06 -5.56 31.26
CA PRO I 58 -19.53 -4.99 32.52
C PRO I 58 -18.74 -5.56 33.68
N ALA I 59 -18.75 -4.83 34.80
CA ALA I 59 -17.86 -5.16 35.91
C ALA I 59 -18.15 -6.55 36.47
N ASP I 60 -19.43 -6.91 36.62
CA ASP I 60 -19.76 -8.22 37.18
C ASP I 60 -19.22 -9.34 36.30
N ALA I 61 -19.40 -9.22 34.98
CA ALA I 61 -18.90 -10.22 34.05
C ALA I 61 -17.38 -10.27 34.05
N ALA I 62 -16.75 -9.09 34.13
CA ALA I 62 -15.29 -9.01 34.14
C ALA I 62 -14.71 -9.76 35.34
N ARG I 63 -15.28 -9.53 36.52
CA ARG I 63 -14.81 -10.25 37.71
C ARG I 63 -15.03 -11.74 37.59
N LEU I 64 -16.17 -12.15 37.02
CA LEU I 64 -16.47 -13.56 36.86
C LEU I 64 -15.49 -14.26 35.92
N VAL I 65 -15.32 -13.74 34.69
CA VAL I 65 -14.38 -14.40 33.80
C VAL I 65 -12.97 -14.27 34.34
N GLY I 66 -12.69 -13.21 35.10
CA GLY I 66 -11.39 -13.08 35.73
C GLY I 66 -11.13 -14.20 36.73
N ALA I 67 -12.15 -14.57 37.51
CA ALA I 67 -12.03 -15.71 38.41
C ALA I 67 -11.83 -17.00 37.64
N LYS I 68 -12.60 -17.20 36.56
CA LYS I 68 -12.48 -18.45 35.81
C LYS I 68 -11.10 -18.63 35.19
N LEU I 69 -10.48 -17.53 34.76
CA LEU I 69 -9.19 -17.56 34.09
C LEU I 69 -8.04 -17.17 35.00
N ASP I 70 -8.29 -16.93 36.28
CA ASP I 70 -7.25 -16.58 37.25
C ASP I 70 -6.47 -15.34 36.81
N LEU I 71 -7.20 -14.30 36.41
CA LEU I 71 -6.59 -13.04 35.97
C LEU I 71 -6.28 -12.13 37.14
N ASP I 72 -5.27 -11.28 36.97
CA ASP I 72 -4.91 -10.31 38.00
C ASP I 72 -5.84 -9.09 37.91
N GLU I 73 -5.67 -8.17 38.86
CA GLU I 73 -6.66 -7.10 39.00
C GLU I 73 -6.55 -6.10 37.86
N ASP I 74 -5.33 -5.80 37.43
CA ASP I 74 -5.14 -4.92 36.28
C ASP I 74 -5.84 -5.47 35.04
N SER I 75 -5.80 -6.80 34.85
CA SER I 75 -6.43 -7.41 33.68
C SER I 75 -7.95 -7.31 33.76
N ILE I 76 -8.51 -7.60 34.93
CA ILE I 76 -9.96 -7.48 35.10
C ILE I 76 -10.41 -6.04 34.83
N LEU I 77 -9.59 -5.06 35.24
CA LEU I 77 -9.91 -3.68 34.92
C LEU I 77 -9.82 -3.42 33.42
N LEU I 78 -8.77 -3.94 32.77
CA LEU I 78 -8.59 -3.69 31.34
C LEU I 78 -9.78 -4.21 30.53
N LEU I 79 -10.34 -5.35 30.93
CA LEU I 79 -11.48 -5.92 30.22
C LEU I 79 -12.71 -5.03 30.30
N GLN I 80 -12.76 -4.08 31.25
CA GLN I 80 -13.88 -3.17 31.38
C GLN I 80 -13.72 -1.89 30.57
N MET I 81 -12.50 -1.64 30.08
CA MET I 81 -12.18 -0.45 29.31
C MET I 81 -12.82 -0.54 27.93
N ILE I 82 -13.29 0.59 27.39
CA ILE I 82 -13.79 0.59 26.02
C ILE I 82 -12.61 0.46 25.06
N PRO I 83 -12.63 -0.50 24.15
CA PRO I 83 -11.42 -0.81 23.38
C PRO I 83 -11.22 0.11 22.18
N LEU I 84 -9.98 0.09 21.70
CA LEU I 84 -9.64 0.56 20.36
C LEU I 84 -9.80 -0.66 19.47
N ARG I 85 -10.93 -0.73 18.76
CA ARG I 85 -11.32 -1.94 18.07
C ARG I 85 -10.59 -2.09 16.74
N GLY I 86 -10.41 -3.34 16.33
CA GLY I 86 -9.85 -3.72 15.04
C GLY I 86 -8.95 -4.92 15.22
N CYS I 87 -9.45 -6.11 14.89
CA CYS I 87 -8.69 -7.31 15.26
C CYS I 87 -7.76 -7.77 14.14
N ILE I 88 -7.91 -7.23 12.93
CA ILE I 88 -7.13 -7.69 11.78
C ILE I 88 -5.78 -6.98 11.80
N ASP I 89 -4.72 -7.77 11.70
CA ASP I 89 -3.36 -7.24 11.75
C ASP I 89 -3.14 -6.13 10.74
N ASP I 90 -3.37 -6.42 9.46
CA ASP I 90 -3.06 -5.47 8.40
C ASP I 90 -4.14 -5.56 7.31
N ARG I 91 -5.33 -5.11 7.66
CA ARG I 91 -6.46 -4.85 6.76
C ARG I 91 -7.10 -6.11 6.18
N ILE I 92 -6.31 -7.03 5.63
CA ILE I 92 -6.80 -8.24 5.00
C ILE I 92 -6.25 -9.42 5.77
N PRO I 93 -7.09 -10.36 6.25
CA PRO I 93 -6.57 -11.48 7.02
C PRO I 93 -5.68 -12.37 6.16
N THR I 94 -4.61 -12.90 6.77
CA THR I 94 -3.86 -13.97 6.12
C THR I 94 -4.39 -15.34 6.54
N ASP I 95 -5.02 -15.43 7.69
CA ASP I 95 -5.46 -16.71 8.20
C ASP I 95 -6.61 -17.26 7.38
N PRO I 96 -6.55 -18.52 6.92
CA PRO I 96 -7.62 -19.04 6.06
C PRO I 96 -8.99 -18.95 6.69
N THR I 97 -9.11 -19.30 7.97
CA THR I 97 -10.42 -19.27 8.64
C THR I 97 -11.01 -17.88 8.63
N MET I 98 -10.21 -16.89 8.99
CA MET I 98 -10.71 -15.52 8.91
C MET I 98 -10.87 -15.04 7.48
N TYR I 99 -10.01 -15.49 6.55
CA TYR I 99 -10.06 -14.96 5.19
C TYR I 99 -11.37 -15.30 4.52
N ARG I 100 -11.94 -16.49 4.79
CA ARG I 100 -13.17 -16.88 4.12
C ARG I 100 -14.29 -15.87 4.34
N PHE I 101 -14.32 -15.23 5.52
CA PHE I 101 -15.34 -14.22 5.75
C PHE I 101 -15.06 -12.95 4.96
N TYR I 102 -13.78 -12.61 4.76
CA TYR I 102 -13.44 -11.54 3.82
C TYR I 102 -13.82 -11.91 2.40
N GLU I 103 -13.60 -13.17 1.99
CA GLU I 103 -13.98 -13.57 0.64
C GLU I 103 -15.49 -13.48 0.43
N MET I 104 -16.27 -13.77 1.47
CA MET I 104 -17.72 -13.59 1.32
C MET I 104 -18.07 -12.17 0.96
N LEU I 105 -17.30 -11.19 1.45
CA LEU I 105 -17.54 -9.81 1.04
C LEU I 105 -17.02 -9.53 -0.36
N GLN I 106 -15.91 -10.14 -0.77
CA GLN I 106 -15.46 -9.94 -2.15
C GLN I 106 -16.46 -10.49 -3.16
N VAL I 107 -17.18 -11.56 -2.80
CA VAL I 107 -18.13 -12.15 -3.73
C VAL I 107 -19.50 -11.52 -3.58
N TYR I 108 -19.97 -11.30 -2.36
CA TYR I 108 -21.34 -10.84 -2.15
C TYR I 108 -21.48 -9.40 -1.67
N GLY I 109 -20.40 -8.63 -1.55
CA GLY I 109 -20.51 -7.29 -0.96
C GLY I 109 -21.48 -6.38 -1.69
N THR I 110 -21.39 -6.36 -3.02
CA THR I 110 -22.31 -5.52 -3.81
C THR I 110 -23.72 -6.10 -3.83
N THR I 111 -23.87 -7.43 -3.76
CA THR I 111 -25.19 -8.03 -3.63
C THR I 111 -25.85 -7.65 -2.30
N LEU I 112 -25.07 -7.66 -1.22
CA LEU I 112 -25.60 -7.23 0.06
C LEU I 112 -26.05 -5.76 -0.01
N LYS I 113 -25.24 -4.90 -0.62
CA LYS I 113 -25.64 -3.51 -0.78
C LYS I 113 -26.95 -3.41 -1.56
N ALA I 114 -26.99 -4.07 -2.72
CA ALA I 114 -28.16 -4.02 -3.58
C ALA I 114 -29.42 -4.51 -2.86
N LEU I 115 -29.31 -5.62 -2.13
CA LEU I 115 -30.48 -6.19 -1.48
C LEU I 115 -30.91 -5.38 -0.27
N VAL I 116 -29.96 -4.81 0.48
CA VAL I 116 -30.32 -3.90 1.59
C VAL I 116 -31.10 -2.69 1.06
N HIS I 117 -30.63 -2.08 -0.03
CA HIS I 117 -31.33 -0.91 -0.55
C HIS I 117 -32.70 -1.29 -1.11
N GLU I 118 -32.82 -2.48 -1.69
CA GLU I 118 -34.11 -2.93 -2.21
C GLU I 118 -35.11 -3.20 -1.09
N LYS I 119 -34.70 -3.88 -0.02
CA LYS I 119 -35.63 -4.23 1.05
C LYS I 119 -35.88 -3.10 2.03
N PHE I 120 -34.87 -2.28 2.31
CA PHE I 120 -34.96 -1.27 3.36
C PHE I 120 -34.97 0.15 2.83
N GLY I 121 -34.16 0.46 1.83
CA GLY I 121 -33.99 1.80 1.33
C GLY I 121 -32.55 2.25 1.45
N ASP I 122 -32.33 3.54 1.24
CA ASP I 122 -31.00 4.11 1.40
C ASP I 122 -30.60 4.09 2.87
N GLY I 123 -29.34 3.81 3.13
CA GLY I 123 -28.88 3.73 4.50
C GLY I 123 -27.98 2.51 4.68
N ILE I 124 -27.88 2.04 5.92
CA ILE I 124 -27.00 0.95 6.27
C ILE I 124 -27.70 -0.07 7.14
N ILE I 125 -27.15 -1.28 7.17
CA ILE I 125 -27.39 -2.21 8.27
C ILE I 125 -26.28 -2.02 9.29
N SER I 126 -26.67 -1.81 10.55
CA SER I 126 -25.71 -1.41 11.58
C SER I 126 -24.76 -2.54 11.97
N ALA I 127 -23.50 -2.17 12.21
CA ALA I 127 -22.53 -3.02 12.88
C ALA I 127 -22.41 -2.71 14.37
N ILE I 128 -23.23 -1.78 14.86
CA ILE I 128 -23.20 -1.31 16.26
C ILE I 128 -24.43 -1.80 17.01
N ASN I 129 -25.62 -1.48 16.51
CA ASN I 129 -26.86 -2.08 17.00
C ASN I 129 -26.96 -3.43 16.30
N PHE I 130 -26.28 -4.41 16.88
CA PHE I 130 -25.87 -5.56 16.09
C PHE I 130 -25.61 -6.75 17.01
N LYS I 131 -26.11 -7.92 16.60
CA LYS I 131 -25.85 -9.18 17.29
C LYS I 131 -25.36 -10.21 16.29
N LEU I 132 -24.49 -11.10 16.77
CA LEU I 132 -23.89 -12.16 15.96
C LEU I 132 -23.97 -13.47 16.71
N ASP I 133 -24.25 -14.56 16.01
CA ASP I 133 -24.15 -15.85 16.67
C ASP I 133 -23.73 -16.88 15.64
N VAL I 134 -23.01 -17.89 16.14
CA VAL I 134 -22.47 -18.99 15.36
C VAL I 134 -23.16 -20.25 15.84
N LYS I 135 -23.81 -20.97 14.91
CA LYS I 135 -24.56 -22.19 15.20
C LYS I 135 -24.01 -23.34 14.37
N LYS I 136 -23.69 -24.44 15.03
CA LYS I 136 -23.27 -25.65 14.33
C LYS I 136 -24.49 -26.53 14.07
N VAL I 137 -24.67 -26.94 12.81
CA VAL I 137 -25.77 -27.82 12.40
C VAL I 137 -25.19 -28.94 11.54
N ALA I 138 -26.02 -29.96 11.31
CA ALA I 138 -25.60 -31.05 10.45
C ALA I 138 -25.72 -30.63 8.99
N ASP I 139 -24.80 -31.10 8.17
CA ASP I 139 -24.99 -31.03 6.73
C ASP I 139 -25.78 -32.25 6.30
N PRO I 140 -26.96 -32.09 5.68
CA PRO I 140 -27.77 -33.27 5.34
C PRO I 140 -27.09 -34.20 4.36
N GLU I 141 -26.08 -33.73 3.62
CA GLU I 141 -25.37 -34.63 2.73
C GLU I 141 -24.12 -35.21 3.37
N GLY I 142 -23.91 -34.94 4.65
CA GLY I 142 -22.81 -35.50 5.40
C GLY I 142 -21.89 -34.40 5.89
N GLY I 143 -21.49 -34.46 7.15
CA GLY I 143 -20.62 -33.44 7.70
C GLY I 143 -21.39 -32.42 8.52
N GLU I 144 -20.77 -31.24 8.67
CA GLU I 144 -21.29 -30.19 9.52
C GLU I 144 -21.25 -28.87 8.77
N ARG I 145 -22.15 -27.96 9.16
CA ARG I 145 -22.16 -26.61 8.62
C ARG I 145 -22.25 -25.61 9.75
N ALA I 146 -21.79 -24.39 9.48
CA ALA I 146 -22.01 -23.27 10.37
C ALA I 146 -23.06 -22.33 9.77
N VAL I 147 -24.07 -22.03 10.57
CA VAL I 147 -25.06 -21.01 10.26
C VAL I 147 -24.72 -19.80 11.12
N ILE I 148 -24.18 -18.76 10.47
CA ILE I 148 -23.76 -17.56 11.17
C ILE I 148 -24.78 -16.48 10.86
N THR I 149 -25.34 -15.88 11.92
CA THR I 149 -26.44 -14.94 11.81
C THR I 149 -25.92 -13.55 12.14
N LEU I 150 -26.05 -12.64 11.17
CA LEU I 150 -25.75 -11.23 11.37
C LEU I 150 -27.07 -10.49 11.51
N ASP I 151 -27.30 -9.86 12.65
CA ASP I 151 -28.59 -9.26 12.99
C ASP I 151 -28.36 -7.79 13.30
N GLY I 152 -28.62 -6.91 12.33
CA GLY I 152 -28.32 -5.50 12.49
C GLY I 152 -29.51 -4.59 12.21
N LYS I 153 -29.61 -3.52 13.00
CA LYS I 153 -30.63 -2.52 12.79
C LYS I 153 -30.42 -1.79 11.47
N TYR I 154 -31.51 -1.56 10.74
CA TYR I 154 -31.47 -0.68 9.57
C TYR I 154 -31.55 0.77 10.02
N LEU I 155 -30.59 1.57 9.54
CA LEU I 155 -30.53 3.01 9.81
C LEU I 155 -30.70 3.71 8.48
N PRO I 156 -31.77 4.48 8.26
CA PRO I 156 -31.96 5.11 6.96
C PRO I 156 -31.11 6.35 6.77
N THR I 157 -30.72 6.56 5.51
CA THR I 157 -30.15 7.83 5.06
C THR I 157 -31.27 8.65 4.44
N LYS I 158 -31.60 9.78 5.06
CA LYS I 158 -32.69 10.65 4.65
C LYS I 158 -32.16 12.02 4.27
N PRO I 159 -32.80 12.71 3.32
CA PRO I 159 -32.44 14.10 3.05
C PRO I 159 -32.61 14.99 4.26
N PHE I 160 -31.87 16.10 4.25
N PHE I 160 -31.92 16.13 4.24
CA PHE I 160 -32.07 17.17 5.22
CA PHE I 160 -32.06 17.13 5.29
C PHE I 160 -31.80 18.50 4.52
C PHE I 160 -31.89 18.54 4.74
N MET J 5 -20.29 -23.23 -18.09
CA MET J 5 -19.82 -24.61 -18.04
C MET J 5 -18.29 -24.65 -18.00
N ILE J 6 -17.61 -24.46 -19.13
CA ILE J 6 -16.15 -24.54 -19.14
C ILE J 6 -15.48 -23.22 -19.51
N GLN J 7 -16.25 -22.19 -19.88
CA GLN J 7 -15.68 -20.90 -20.27
C GLN J 7 -15.53 -19.99 -19.06
N SER J 8 -14.43 -19.25 -18.99
CA SER J 8 -14.19 -18.40 -17.83
C SER J 8 -13.49 -17.10 -18.22
N GLN J 9 -13.59 -16.13 -17.32
CA GLN J 9 -13.10 -14.77 -17.49
C GLN J 9 -11.82 -14.55 -16.68
N ILE J 10 -10.99 -13.59 -17.12
CA ILE J 10 -9.80 -13.26 -16.33
C ILE J 10 -9.73 -11.78 -16.00
N ASN J 11 -10.60 -10.96 -16.59
CA ASN J 11 -10.60 -9.52 -16.36
C ASN J 11 -11.99 -9.13 -15.86
N ARG J 12 -12.08 -8.80 -14.56
CA ARG J 12 -13.39 -8.47 -13.99
C ARG J 12 -14.05 -7.26 -14.65
N ASN J 13 -13.28 -6.39 -15.32
CA ASN J 13 -13.90 -5.21 -15.92
C ASN J 13 -14.97 -5.54 -16.95
N ILE J 14 -14.88 -6.69 -17.61
CA ILE J 14 -15.83 -6.99 -18.67
C ILE J 14 -17.21 -7.25 -18.09
N ARG J 15 -17.29 -8.09 -17.06
CA ARG J 15 -18.58 -8.36 -16.43
C ARG J 15 -19.04 -7.19 -15.56
N LEU J 16 -18.11 -6.40 -15.00
CA LEU J 16 -18.55 -5.27 -14.18
C LEU J 16 -19.09 -4.14 -15.05
N ASP J 17 -18.53 -3.96 -16.24
CA ASP J 17 -19.13 -3.03 -17.20
C ASP J 17 -20.52 -3.51 -17.60
N LEU J 18 -20.68 -4.82 -17.83
CA LEU J 18 -22.00 -5.37 -18.12
C LEU J 18 -22.95 -5.14 -16.96
N ALA J 19 -22.47 -5.27 -15.72
CA ALA J 19 -23.31 -5.00 -14.56
C ALA J 19 -23.84 -3.56 -14.57
N ASP J 20 -22.99 -2.59 -14.93
CA ASP J 20 -23.45 -1.20 -14.99
C ASP J 20 -24.56 -1.04 -16.02
N ALA J 21 -24.41 -1.67 -17.18
CA ALA J 21 -25.46 -1.61 -18.19
C ALA J 21 -26.75 -2.27 -17.69
N ILE J 22 -26.61 -3.41 -17.01
CA ILE J 22 -27.78 -4.08 -16.43
C ILE J 22 -28.48 -3.18 -15.43
N LEU J 23 -27.71 -2.47 -14.59
CA LEU J 23 -28.32 -1.60 -13.59
C LEU J 23 -29.07 -0.43 -14.23
N LEU J 24 -28.54 0.11 -15.32
CA LEU J 24 -29.23 1.19 -16.03
C LEU J 24 -30.53 0.70 -16.63
N SER J 25 -30.50 -0.42 -17.34
CA SER J 25 -31.72 -1.01 -17.87
C SER J 25 -32.72 -1.28 -16.76
N LYS J 26 -32.26 -1.91 -15.67
CA LYS J 26 -33.13 -2.24 -14.55
C LYS J 26 -33.81 -0.99 -13.98
N ALA J 27 -33.05 0.11 -13.86
CA ALA J 27 -33.61 1.35 -13.33
C ALA J 27 -34.66 1.93 -14.27
N LYS J 28 -34.42 1.90 -15.58
CA LYS J 28 -35.39 2.43 -16.53
C LYS J 28 -36.68 1.61 -16.55
N LYS J 29 -36.59 0.30 -16.36
CA LYS J 29 -37.78 -0.54 -16.33
C LYS J 29 -38.40 -0.68 -14.95
N ASP J 30 -37.87 0.02 -13.94
CA ASP J 30 -38.44 -0.01 -12.59
C ASP J 30 -38.51 -1.44 -12.04
N LEU J 31 -37.46 -2.22 -12.25
CA LEU J 31 -37.44 -3.61 -11.83
C LEU J 31 -36.71 -3.75 -10.50
N SER J 32 -37.12 -4.74 -9.73
CA SER J 32 -36.39 -5.11 -8.52
C SER J 32 -35.59 -6.39 -8.79
N PHE J 33 -34.62 -6.65 -7.93
CA PHE J 33 -33.86 -7.88 -8.05
C PHE J 33 -34.74 -9.09 -7.75
N ALA J 34 -35.72 -8.94 -6.86
CA ALA J 34 -36.66 -10.02 -6.58
C ALA J 34 -37.46 -10.40 -7.81
N GLU J 35 -37.91 -9.40 -8.59
CA GLU J 35 -38.67 -9.70 -9.80
C GLU J 35 -37.79 -10.27 -10.91
N ILE J 36 -36.53 -9.84 -10.98
CA ILE J 36 -35.67 -10.38 -12.02
C ILE J 36 -35.38 -11.84 -11.76
N ALA J 37 -35.15 -12.21 -10.50
CA ALA J 37 -34.88 -13.60 -10.19
C ALA J 37 -36.14 -14.45 -10.25
N ASP J 38 -37.32 -13.84 -10.16
CA ASP J 38 -38.57 -14.59 -10.11
C ASP J 38 -38.74 -15.41 -11.39
N GLY J 39 -39.00 -16.71 -11.21
CA GLY J 39 -39.12 -17.62 -12.32
C GLY J 39 -37.85 -18.35 -12.71
N THR J 40 -36.76 -18.17 -11.95
CA THR J 40 -35.52 -18.87 -12.25
C THR J 40 -35.33 -20.11 -11.39
N GLY J 41 -36.01 -20.23 -10.25
CA GLY J 41 -35.72 -21.28 -9.30
C GLY J 41 -34.46 -21.06 -8.50
N LEU J 42 -33.82 -19.90 -8.63
CA LEU J 42 -32.56 -19.58 -7.96
C LEU J 42 -32.79 -18.50 -6.92
N ALA J 43 -32.00 -18.55 -5.85
CA ALA J 43 -32.15 -17.57 -4.77
C ALA J 43 -31.85 -16.16 -5.29
N GLU J 44 -32.54 -15.18 -4.72
CA GLU J 44 -32.31 -13.81 -5.17
C GLU J 44 -30.87 -13.37 -4.95
N ALA J 45 -30.23 -13.84 -3.87
CA ALA J 45 -28.83 -13.48 -3.65
C ALA J 45 -27.95 -14.08 -4.74
N PHE J 46 -28.27 -15.27 -5.23
CA PHE J 46 -27.44 -15.88 -6.26
C PHE J 46 -27.61 -15.15 -7.60
N VAL J 47 -28.87 -14.90 -8.00
CA VAL J 47 -29.11 -14.24 -9.27
C VAL J 47 -28.56 -12.82 -9.26
N THR J 48 -28.78 -12.10 -8.16
CA THR J 48 -28.25 -10.74 -8.05
C THR J 48 -26.74 -10.75 -8.18
N ALA J 49 -26.06 -11.65 -7.46
CA ALA J 49 -24.60 -11.73 -7.56
C ALA J 49 -24.15 -11.98 -9.00
N ALA J 50 -24.88 -12.82 -9.74
CA ALA J 50 -24.55 -13.07 -11.14
C ALA J 50 -24.66 -11.81 -11.97
N LEU J 51 -25.76 -11.07 -11.81
CA LEU J 51 -25.91 -9.81 -12.53
C LEU J 51 -24.73 -8.88 -12.24
N LEU J 52 -24.26 -8.86 -10.99
CA LEU J 52 -23.19 -7.98 -10.57
C LEU J 52 -21.81 -8.59 -10.81
N GLY J 53 -21.73 -9.67 -11.59
CA GLY J 53 -20.47 -10.20 -12.06
C GLY J 53 -19.79 -11.23 -11.18
N GLN J 54 -20.48 -11.78 -10.17
CA GLN J 54 -19.84 -12.61 -9.16
C GLN J 54 -20.31 -14.06 -9.16
N GLN J 55 -21.22 -14.44 -10.07
CA GLN J 55 -21.64 -15.82 -10.25
C GLN J 55 -21.94 -16.02 -11.73
N ALA J 56 -22.08 -17.29 -12.12
CA ALA J 56 -22.44 -17.64 -13.49
C ALA J 56 -23.89 -18.12 -13.51
N LEU J 57 -24.66 -17.65 -14.49
CA LEU J 57 -26.03 -18.16 -14.58
C LEU J 57 -26.10 -19.34 -15.54
N PRO J 58 -26.92 -20.34 -15.21
CA PRO J 58 -27.26 -21.35 -16.21
C PRO J 58 -27.94 -20.71 -17.41
N ALA J 59 -27.87 -21.40 -18.54
CA ALA J 59 -28.36 -20.84 -19.81
C ALA J 59 -29.82 -20.41 -19.71
N ASP J 60 -30.67 -21.26 -19.12
CA ASP J 60 -32.08 -20.94 -19.00
C ASP J 60 -32.31 -19.68 -18.18
N ALA J 61 -31.62 -19.58 -17.04
CA ALA J 61 -31.72 -18.38 -16.22
C ALA J 61 -31.18 -17.16 -16.96
N ALA J 62 -30.11 -17.32 -17.74
CA ALA J 62 -29.50 -16.17 -18.41
C ALA J 62 -30.39 -15.61 -19.51
N ARG J 63 -31.01 -16.49 -20.31
CA ARG J 63 -31.94 -15.99 -21.32
C ARG J 63 -33.16 -15.35 -20.67
N LEU J 64 -33.58 -15.91 -19.54
CA LEU J 64 -34.75 -15.39 -18.82
C LEU J 64 -34.50 -13.98 -18.30
N VAL J 65 -33.44 -13.79 -17.50
CA VAL J 65 -33.16 -12.44 -17.03
C VAL J 65 -32.77 -11.54 -18.20
N GLY J 66 -32.09 -12.09 -19.21
CA GLY J 66 -31.72 -11.28 -20.36
C GLY J 66 -32.92 -10.73 -21.10
N ALA J 67 -34.00 -11.51 -21.16
CA ALA J 67 -35.22 -11.01 -21.79
C ALA J 67 -35.87 -9.93 -20.95
N LYS J 68 -35.87 -10.08 -19.62
CA LYS J 68 -36.47 -9.06 -18.76
C LYS J 68 -35.75 -7.73 -18.86
N LEU J 69 -34.43 -7.75 -19.11
CA LEU J 69 -33.62 -6.54 -19.14
C LEU J 69 -33.26 -6.09 -20.56
N ASP J 70 -33.73 -6.79 -21.58
CA ASP J 70 -33.47 -6.45 -22.98
C ASP J 70 -31.98 -6.44 -23.28
N LEU J 71 -31.30 -7.53 -22.91
CA LEU J 71 -29.88 -7.66 -23.16
C LEU J 71 -29.62 -8.25 -24.54
N ASP J 72 -28.52 -7.83 -25.16
CA ASP J 72 -28.16 -8.41 -26.44
C ASP J 72 -27.55 -9.80 -26.23
N GLU J 73 -27.29 -10.50 -27.33
CA GLU J 73 -26.93 -11.91 -27.20
C GLU J 73 -25.52 -12.09 -26.65
N ASP J 74 -24.62 -11.14 -26.90
CA ASP J 74 -23.30 -11.20 -26.27
C ASP J 74 -23.41 -11.09 -24.75
N SER J 75 -24.31 -10.23 -24.27
CA SER J 75 -24.48 -10.05 -22.83
C SER J 75 -25.05 -11.29 -22.17
N ILE J 76 -26.08 -11.89 -22.78
CA ILE J 76 -26.66 -13.12 -22.22
C ILE J 76 -25.60 -14.21 -22.13
N LEU J 77 -24.69 -14.27 -23.11
CA LEU J 77 -23.60 -15.24 -23.05
C LEU J 77 -22.60 -14.89 -21.95
N LEU J 78 -22.23 -13.62 -21.84
CA LEU J 78 -21.29 -13.23 -20.80
C LEU J 78 -21.79 -13.61 -19.41
N LEU J 79 -23.11 -13.50 -19.19
CA LEU J 79 -23.65 -13.85 -17.89
C LEU J 79 -23.49 -15.33 -17.56
N GLN J 80 -23.28 -16.17 -18.57
CA GLN J 80 -23.09 -17.60 -18.36
C GLN J 80 -21.63 -18.00 -18.12
N MET J 81 -20.69 -17.10 -18.39
CA MET J 81 -19.29 -17.41 -18.18
C MET J 81 -18.93 -17.40 -16.70
N ILE J 82 -17.94 -18.20 -16.33
CA ILE J 82 -17.44 -18.21 -14.96
C ILE J 82 -16.65 -16.91 -14.75
N PRO J 83 -16.99 -16.11 -13.75
CA PRO J 83 -16.38 -14.79 -13.63
C PRO J 83 -15.02 -14.83 -12.94
N LEU J 84 -14.29 -13.73 -13.12
CA LEU J 84 -13.14 -13.38 -12.29
C LEU J 84 -13.73 -12.59 -11.13
N ARG J 85 -13.88 -13.24 -9.99
CA ARG J 85 -14.67 -12.65 -8.92
C ARG J 85 -13.84 -11.66 -8.10
N GLY J 86 -14.55 -10.75 -7.46
CA GLY J 86 -13.96 -9.69 -6.67
C GLY J 86 -14.71 -8.41 -6.93
N CYS J 87 -15.67 -8.08 -6.07
CA CYS J 87 -16.51 -6.92 -6.32
C CYS J 87 -15.97 -5.64 -5.70
N ILE J 88 -15.01 -5.73 -4.79
CA ILE J 88 -14.52 -4.52 -4.12
C ILE J 88 -13.49 -3.85 -5.00
N ASP J 89 -13.66 -2.55 -5.23
CA ASP J 89 -12.75 -1.78 -6.08
C ASP J 89 -11.30 -1.97 -5.67
N ASP J 90 -10.99 -1.65 -4.39
CA ASP J 90 -9.60 -1.69 -3.93
C ASP J 90 -9.56 -2.14 -2.47
N ARG J 91 -9.86 -3.44 -2.28
CA ARG J 91 -9.63 -4.21 -1.05
C ARG J 91 -10.56 -3.86 0.11
N ILE J 92 -10.72 -2.57 0.42
CA ILE J 92 -11.55 -2.12 1.53
C ILE J 92 -12.64 -1.23 0.95
N PRO J 93 -13.92 -1.50 1.22
CA PRO J 93 -14.98 -0.71 0.60
C PRO J 93 -14.97 0.71 1.12
N THR J 94 -15.26 1.67 0.24
CA THR J 94 -15.51 3.04 0.70
C THR J 94 -16.98 3.29 1.01
N ASP J 95 -17.87 2.52 0.41
CA ASP J 95 -19.30 2.77 0.56
C ASP J 95 -19.75 2.40 1.96
N PRO J 96 -20.44 3.27 2.68
CA PRO J 96 -20.85 2.93 4.06
C PRO J 96 -21.64 1.63 4.17
N THR J 97 -22.58 1.39 3.25
CA THR J 97 -23.39 0.18 3.34
C THR J 97 -22.53 -1.08 3.26
N MET J 98 -21.61 -1.13 2.28
CA MET J 98 -20.68 -2.27 2.23
C MET J 98 -19.66 -2.22 3.36
N TYR J 99 -19.23 -1.02 3.79
CA TYR J 99 -18.19 -0.97 4.82
C TYR J 99 -18.66 -1.63 6.11
N ARG J 100 -19.94 -1.52 6.46
CA ARG J 100 -20.39 -2.10 7.72
C ARG J 100 -20.10 -3.60 7.80
N PHE J 101 -20.17 -4.31 6.66
CA PHE J 101 -19.89 -5.74 6.68
C PHE J 101 -18.40 -6.01 6.83
N TYR J 102 -17.55 -5.13 6.30
CA TYR J 102 -16.13 -5.19 6.59
C TYR J 102 -15.87 -4.89 8.07
N GLU J 103 -16.57 -3.88 8.64
CA GLU J 103 -16.34 -3.57 10.04
C GLU J 103 -16.73 -4.73 10.94
N MET J 104 -17.77 -5.48 10.58
CA MET J 104 -18.10 -6.68 11.36
C MET J 104 -16.90 -7.62 11.40
N LEU J 105 -16.13 -7.71 10.30
CA LEU J 105 -14.91 -8.53 10.33
C LEU J 105 -13.83 -7.91 11.21
N GLN J 106 -13.71 -6.58 11.20
CA GLN J 106 -12.71 -5.99 12.06
C GLN J 106 -13.04 -6.21 13.53
N VAL J 107 -14.32 -6.31 13.87
CA VAL J 107 -14.70 -6.42 15.27
C VAL J 107 -14.77 -7.89 15.68
N TYR J 108 -15.32 -8.75 14.81
CA TYR J 108 -15.62 -10.12 15.21
C TYR J 108 -14.79 -11.15 14.46
N GLY J 109 -13.84 -10.71 13.63
CA GLY J 109 -13.08 -11.67 12.83
C GLY J 109 -12.41 -12.74 13.67
N THR J 110 -11.74 -12.33 14.76
CA THR J 110 -11.04 -13.30 15.59
C THR J 110 -12.02 -14.09 16.46
N THR J 111 -13.17 -13.50 16.81
CA THR J 111 -14.21 -14.26 17.51
C THR J 111 -14.79 -15.34 16.61
N LEU J 112 -15.02 -15.02 15.33
CA LEU J 112 -15.48 -16.02 14.38
C LEU J 112 -14.48 -17.17 14.26
N LYS J 113 -13.18 -16.84 14.17
CA LYS J 113 -12.15 -17.87 14.15
C LYS J 113 -12.20 -18.74 15.39
N ALA J 114 -12.25 -18.11 16.57
CA ALA J 114 -12.18 -18.83 17.82
C ALA J 114 -13.39 -19.74 18.01
N LEU J 115 -14.58 -19.23 17.66
CA LEU J 115 -15.78 -20.04 17.84
C LEU J 115 -15.89 -21.15 16.78
N VAL J 116 -15.38 -20.91 15.56
CA VAL J 116 -15.35 -21.99 14.58
C VAL J 116 -14.45 -23.12 15.06
N HIS J 117 -13.26 -22.78 15.56
CA HIS J 117 -12.37 -23.85 16.02
C HIS J 117 -12.90 -24.55 17.26
N GLU J 118 -13.65 -23.83 18.11
CA GLU J 118 -14.24 -24.46 19.30
C GLU J 118 -15.34 -25.44 18.93
N LYS J 119 -16.23 -25.04 18.01
CA LYS J 119 -17.39 -25.87 17.73
C LYS J 119 -17.09 -26.99 16.73
N PHE J 120 -16.20 -26.72 15.75
CA PHE J 120 -15.95 -27.66 14.65
C PHE J 120 -14.57 -28.30 14.68
N GLY J 121 -13.54 -27.55 15.03
CA GLY J 121 -12.16 -28.02 15.00
C GLY J 121 -11.31 -27.15 14.07
N ASP J 122 -10.10 -27.60 13.82
CA ASP J 122 -9.24 -26.89 12.88
C ASP J 122 -9.79 -26.99 11.47
N GLY J 123 -9.69 -25.91 10.72
CA GLY J 123 -10.23 -25.87 9.37
C GLY J 123 -10.93 -24.56 9.10
N ILE J 124 -11.92 -24.57 8.20
CA ILE J 124 -12.59 -23.36 7.76
C ILE J 124 -14.09 -23.60 7.64
N ILE J 125 -14.83 -22.52 7.71
CA ILE J 125 -16.19 -22.45 7.17
C ILE J 125 -16.10 -21.96 5.73
N SER J 126 -16.68 -22.72 4.82
CA SER J 126 -16.48 -22.50 3.39
C SER J 126 -17.23 -21.27 2.88
N ALA J 127 -16.59 -20.54 1.95
CA ALA J 127 -17.25 -19.52 1.16
C ALA J 127 -17.66 -20.03 -0.22
N ILE J 128 -17.44 -21.31 -0.49
CA ILE J 128 -17.75 -21.92 -1.77
C ILE J 128 -18.97 -22.85 -1.64
N ASN J 129 -18.91 -23.77 -0.70
CA ASN J 129 -20.07 -24.57 -0.31
C ASN J 129 -20.82 -23.71 0.69
N PHE J 130 -21.64 -22.82 0.14
CA PHE J 130 -22.01 -21.63 0.89
C PHE J 130 -23.27 -21.01 0.31
N LYS J 131 -24.14 -20.55 1.19
CA LYS J 131 -25.39 -19.90 0.83
C LYS J 131 -25.56 -18.69 1.72
N LEU J 132 -26.16 -17.62 1.21
CA LEU J 132 -26.54 -16.52 2.08
C LEU J 132 -27.90 -15.96 1.69
N ASP J 133 -28.60 -15.40 2.67
CA ASP J 133 -29.84 -14.72 2.39
C ASP J 133 -29.98 -13.53 3.33
N VAL J 134 -30.82 -12.60 2.89
CA VAL J 134 -31.08 -11.35 3.59
C VAL J 134 -32.57 -11.29 3.86
N LYS J 135 -32.94 -11.16 5.13
CA LYS J 135 -34.34 -11.11 5.53
C LYS J 135 -34.60 -9.85 6.35
N LYS J 136 -35.70 -9.18 6.05
CA LYS J 136 -36.14 -8.02 6.81
C LYS J 136 -37.11 -8.47 7.89
N VAL J 137 -36.85 -8.03 9.13
CA VAL J 137 -37.73 -8.31 10.26
C VAL J 137 -38.00 -7.01 10.99
N ALA J 138 -39.06 -7.02 11.80
CA ALA J 138 -39.40 -5.87 12.63
C ALA J 138 -38.56 -5.86 13.88
N ASP J 139 -38.17 -4.65 14.31
CA ASP J 139 -37.50 -4.47 15.59
C ASP J 139 -38.56 -4.20 16.65
N PRO J 140 -38.69 -5.05 17.67
CA PRO J 140 -39.74 -4.80 18.67
C PRO J 140 -39.59 -3.47 19.40
N GLU J 141 -38.40 -2.89 19.39
CA GLU J 141 -38.22 -1.56 19.96
C GLU J 141 -38.53 -0.45 18.96
N GLY J 142 -38.99 -0.79 17.77
CA GLY J 142 -39.33 0.16 16.73
C GLY J 142 -38.31 0.11 15.60
N GLY J 143 -38.78 0.30 14.37
CA GLY J 143 -37.92 0.22 13.21
C GLY J 143 -37.81 -1.19 12.66
N GLU J 144 -36.76 -1.40 11.87
CA GLU J 144 -36.55 -2.64 11.14
C GLU J 144 -35.12 -3.12 11.32
N ARG J 145 -34.93 -4.42 11.08
CA ARG J 145 -33.62 -5.05 11.17
C ARG J 145 -33.42 -5.97 9.97
N ALA J 146 -32.16 -6.13 9.58
CA ALA J 146 -31.79 -7.16 8.61
C ALA J 146 -31.19 -8.34 9.33
N VAL J 147 -31.68 -9.53 9.03
CA VAL J 147 -31.09 -10.78 9.48
C VAL J 147 -30.43 -11.40 8.27
N ILE J 148 -29.10 -11.41 8.28
CA ILE J 148 -28.31 -11.95 7.18
C ILE J 148 -27.72 -13.27 7.65
N THR J 149 -28.07 -14.35 6.96
CA THR J 149 -27.62 -15.68 7.34
C THR J 149 -26.51 -16.12 6.40
N LEU J 150 -25.35 -16.42 6.97
CA LEU J 150 -24.23 -17.00 6.24
C LEU J 150 -24.19 -18.47 6.59
N ASP J 151 -24.28 -19.34 5.59
CA ASP J 151 -24.45 -20.77 5.81
C ASP J 151 -23.39 -21.50 4.98
N GLY J 152 -22.33 -21.96 5.66
CA GLY J 152 -21.20 -22.55 4.97
C GLY J 152 -20.79 -23.88 5.56
N LYS J 153 -20.28 -24.76 4.70
CA LYS J 153 -19.86 -26.06 5.19
C LYS J 153 -18.53 -25.95 5.94
N TYR J 154 -18.40 -26.75 7.01
CA TYR J 154 -17.13 -26.91 7.70
C TYR J 154 -16.24 -27.89 6.94
N LEU J 155 -15.06 -27.42 6.53
CA LEU J 155 -14.02 -28.27 5.94
C LEU J 155 -12.87 -28.40 6.93
N PRO J 156 -12.57 -29.59 7.42
CA PRO J 156 -11.54 -29.73 8.44
C PRO J 156 -10.13 -29.73 7.87
N THR J 157 -9.21 -29.23 8.70
CA THR J 157 -7.77 -29.28 8.45
C THR J 157 -7.22 -30.43 9.27
N LYS J 158 -6.76 -31.48 8.59
CA LYS J 158 -6.33 -32.71 9.23
C LYS J 158 -4.88 -33.01 8.91
N PRO J 159 -4.16 -33.65 9.84
CA PRO J 159 -2.79 -34.07 9.54
C PRO J 159 -2.75 -35.05 8.38
N PHE J 160 -1.61 -35.06 7.67
N PHE J 160 -1.62 -35.03 7.67
CA PHE J 160 -1.39 -36.06 6.63
CA PHE J 160 -1.33 -36.05 6.65
C PHE J 160 0.04 -36.57 6.61
C PHE J 160 0.13 -36.47 6.71
S SO4 K . 7.18 -38.15 4.11
O1 SO4 K . 6.85 -39.45 4.68
O2 SO4 K . 8.12 -38.30 3.00
O3 SO4 K . 5.97 -37.49 3.63
O4 SO4 K . 7.81 -37.33 5.13
S SO4 L . 6.98 -42.29 10.13
O1 SO4 L . 8.08 -41.35 10.30
O2 SO4 L . 7.43 -43.47 9.40
O3 SO4 L . 6.47 -42.71 11.44
O4 SO4 L . 5.90 -41.66 9.39
C CO3 M . -10.80 -24.23 0.55
C CO3 M . -13.55 -22.81 0.70
O1 CO3 M . -9.51 -24.08 0.56
O1 CO3 M . -12.26 -22.85 0.59
O2 CO3 M . -11.59 -23.19 0.55
O2 CO3 M . -14.18 -21.67 0.60
O3 CO3 M . -11.33 -25.42 0.53
O3 CO3 M . -14.20 -23.92 0.90
S SO4 N . 0.45 -5.29 -1.40
O1 SO4 N . -0.46 -6.01 -2.29
O2 SO4 N . 1.50 -6.19 -0.96
O3 SO4 N . -0.30 -4.71 -0.29
O4 SO4 N . 1.06 -4.16 -2.09
C CO3 O . 17.00 -16.93 -11.37
C CO3 O . 14.66 -18.62 -11.80
O1 CO3 O . 17.89 -17.78 -11.82
O1 CO3 O . 15.32 -19.56 -12.43
O2 CO3 O . 17.37 -15.81 -10.83
O2 CO3 O . 15.32 -17.59 -11.37
O3 CO3 O . 15.75 -17.22 -11.48
O3 CO3 O . 13.37 -18.73 -11.61
S SO4 P . -4.51 -2.58 1.68
O1 SO4 P . -4.38 -3.52 2.80
O2 SO4 P . -3.65 -3.00 0.58
O3 SO4 P . -5.90 -2.50 1.25
O4 SO4 P . -4.03 -1.25 2.08
S SO4 Q . 4.82 -0.65 -2.54
O1 SO4 Q . 4.77 -1.07 -3.93
O2 SO4 Q . 6.22 -0.55 -2.13
O3 SO4 Q . 4.12 -1.66 -1.74
O4 SO4 Q . 4.14 0.61 -2.34
S SO4 R . 41.82 -14.37 -0.12
O1 SO4 R . 42.37 -15.53 0.57
O2 SO4 R . 42.08 -14.48 -1.55
O3 SO4 R . 40.38 -14.30 0.11
O4 SO4 R . 42.44 -13.14 0.39
S SO4 S . 38.33 -9.92 -3.97
O1 SO4 S . 39.30 -9.16 -4.75
O2 SO4 S . 38.51 -11.35 -4.25
O3 SO4 S . 36.98 -9.49 -4.31
O4 SO4 S . 38.55 -9.68 -2.54
C CO3 T . -23.46 1.87 12.40
C CO3 T . -23.40 4.77 11.61
O1 CO3 T . -22.79 0.75 12.47
O1 CO3 T . -22.97 3.54 11.60
O2 CO3 T . -22.91 2.93 11.88
O2 CO3 T . -22.67 5.71 11.09
O3 CO3 T . -24.68 1.91 12.84
O3 CO3 T . -24.56 5.05 12.15
C CO3 U . -1.22 25.86 5.77
C CO3 U . -3.14 25.02 7.81
O1 CO3 U . -0.37 25.40 4.90
O1 CO3 U . -2.24 24.79 6.90
O2 CO3 U . -1.99 25.03 6.42
O2 CO3 U . -3.77 24.01 8.36
O3 CO3 U . -1.29 27.13 6.01
O3 CO3 U . -3.41 26.24 8.15
S SO4 V . -35.44 26.09 -0.05
O1 SO4 V . -34.56 25.05 0.48
O2 SO4 V . -34.68 26.99 -0.90
O3 SO4 V . -36.03 26.83 1.05
O4 SO4 V . -36.50 25.47 -0.84
S SO4 W . -29.22 25.66 3.70
O1 SO4 W . -29.03 25.28 2.30
O2 SO4 W . -28.38 24.81 4.54
O3 SO4 W . -28.83 27.05 3.89
O4 SO4 W . -30.62 25.48 4.08
S SO4 X . 30.94 28.02 15.10
O1 SO4 X . 32.35 27.84 15.41
O2 SO4 X . 30.36 26.74 14.70
O3 SO4 X . 30.78 28.98 14.01
O4 SO4 X . 30.23 28.53 16.27
C CO3 Y . 22.31 11.48 -9.03
C CO3 Y . 21.82 13.49 -6.94
O1 CO3 Y . 21.93 10.35 -9.58
O1 CO3 Y . 21.57 12.31 -7.45
O2 CO3 Y . 23.41 12.07 -9.41
O2 CO3 Y . 22.82 14.18 -7.40
O3 CO3 Y . 21.57 12.03 -8.10
O3 CO3 Y . 21.05 13.96 -6.00
S SO4 Z . 23.96 28.61 10.66
O1 SO4 Z . 24.99 29.32 9.91
O2 SO4 Z . 24.61 27.58 11.47
O3 SO4 Z . 23.03 27.95 9.75
O4 SO4 Z . 23.23 29.55 11.50
S SO4 AA . 26.53 4.49 -34.82
O1 SO4 AA . 26.31 3.19 -35.44
O2 SO4 AA . 27.68 4.40 -33.92
O3 SO4 AA . 25.33 4.87 -34.09
O4 SO4 AA . 26.79 5.49 -35.86
S SO4 BA . 26.62 0.38 -28.74
O1 SO4 BA . 26.55 -0.79 -27.88
O2 SO4 BA . 27.38 0.07 -29.95
O3 SO4 BA . 25.26 0.76 -29.11
O4 SO4 BA . 27.30 1.47 -28.03
S SO4 CA . 5.04 40.57 -15.90
O1 SO4 CA . 5.42 39.39 -16.68
O2 SO4 CA . 6.12 41.57 -15.93
O3 SO4 CA . 3.83 41.15 -16.48
O4 SO4 CA . 4.80 40.17 -14.52
S SO4 DA . 9.29 36.03 -12.21
O1 SO4 DA . 10.59 35.38 -12.37
O2 SO4 DA . 8.26 35.22 -12.83
O3 SO4 DA . 9.27 37.33 -12.90
O4 SO4 DA . 9.01 36.20 -10.79
S SO4 EA . 2.51 4.83 -0.08
O1 SO4 EA . 2.80 5.55 -1.32
O2 SO4 EA . 3.09 3.48 -0.15
O3 SO4 EA . 3.05 5.59 1.03
O4 SO4 EA . 1.07 4.68 0.09
S SO4 FA . -3.29 3.63 2.44
O1 SO4 FA . -1.85 3.70 2.20
O2 SO4 FA . -3.76 2.36 1.90
O3 SO4 FA . -3.98 4.74 1.82
O4 SO4 FA . -3.57 3.59 3.89
S SO4 GA . -14.43 23.09 27.63
O1 SO4 GA . -14.25 22.98 26.19
O2 SO4 GA . -13.23 22.58 28.28
O3 SO4 GA . -15.59 22.30 28.06
O4 SO4 GA . -14.65 24.48 28.00
S SO4 HA . -10.95 25.74 33.63
O1 SO4 HA . -11.88 24.74 34.18
O2 SO4 HA . -9.68 25.10 33.33
O3 SO4 HA . -11.52 26.29 32.40
O4 SO4 HA . -10.73 26.81 34.60
S SO4 IA . -25.33 -18.04 24.01
O1 SO4 IA . -23.92 -17.83 24.30
O2 SO4 IA . -25.44 -19.02 22.93
O3 SO4 IA . -26.00 -18.53 25.21
O4 SO4 IA . -25.94 -16.78 23.59
S SO4 JA . -25.79 -17.22 30.80
O1 SO4 JA . -25.02 -18.43 30.50
O2 SO4 JA . -25.48 -16.19 29.82
O3 SO4 JA . -25.47 -16.71 32.14
O4 SO4 JA . -27.20 -17.57 30.71
S SO4 KA . -35.33 -16.07 -2.64
O1 SO4 KA . -35.90 -17.40 -2.51
O2 SO4 KA . -33.99 -16.04 -2.08
O3 SO4 KA . -35.25 -15.68 -4.05
O4 SO4 KA . -36.19 -15.12 -1.92
S SO4 LA . -39.06 -18.92 -8.72
O1 SO4 LA . -37.86 -18.33 -9.31
O2 SO4 LA . -39.78 -19.69 -9.74
O3 SO4 LA . -38.69 -19.78 -7.62
O4 SO4 LA . -39.93 -17.86 -8.22
#